data_1HOV
#
_entry.id   1HOV
#
_cell.length_a   1
_cell.length_b   1
_cell.length_c   1
_cell.angle_alpha   90
_cell.angle_beta   90
_cell.angle_gamma   90
#
_symmetry.space_group_name_H-M   'P 1'
#
loop_
_entity.id
_entity.type
_entity.pdbx_description
1 polymer 'MATRIX METALLOPROTEINASE-2'
2 non-polymer 'ZINC ION'
3 non-polymer 'CALCIUM ION'
4 non-polymer N-{4-[(1-HYDROXYCARBAMOYL-2-METHYL-PROPYL)-(2-MORPHOLIN-4-YL-ETHYL)-SULFAMOYL]-4-PENTYL-BENZAMIDE
#
_entity_poly.entity_id   1
_entity_poly.type   'polypeptide(L)'
_entity_poly.pdbx_seq_one_letter_code
;MYNFFPRKPKWDKNQITYRIIGYTPDLDPETVDDAFARAFQVWSDVTPLRFSRIHDGEADIMINFGRWEHGDGYPFDGKD
GLLAHAFAPGTGVGGDSHFDDDELWTNTSANYSLFLVAAHEFGHAMGLEHSQDPGALMAPIYTYTKNFRLSQDDIKGIQE
LYG
;
_entity_poly.pdbx_strand_id   A
#
# COMPACT_ATOMS: atom_id res chain seq x y z
N MET A 1 36.81 -4.72 -1.06
CA MET A 1 35.42 -4.23 -1.30
C MET A 1 34.44 -5.10 -0.52
N TYR A 2 34.77 -5.46 0.69
CA TYR A 2 33.86 -6.33 1.50
C TYR A 2 33.51 -7.58 0.68
N ASN A 3 32.46 -7.50 -0.09
CA ASN A 3 32.05 -8.66 -0.92
C ASN A 3 31.41 -8.15 -2.21
N PHE A 4 30.96 -9.05 -3.05
CA PHE A 4 30.32 -8.61 -4.32
C PHE A 4 28.91 -8.08 -4.03
N PHE A 5 28.44 -7.15 -4.82
CA PHE A 5 27.08 -6.60 -4.58
C PHE A 5 26.25 -6.67 -5.87
N PRO A 6 24.96 -6.49 -5.72
CA PRO A 6 24.00 -6.55 -6.85
C PRO A 6 24.06 -5.28 -7.71
N ARG A 7 25.23 -4.77 -7.99
CA ARG A 7 25.34 -3.56 -8.85
C ARG A 7 24.85 -2.30 -8.11
N LYS A 8 23.69 -2.35 -7.50
CA LYS A 8 23.18 -1.14 -6.79
C LYS A 8 23.89 -1.00 -5.44
N PRO A 9 24.62 0.07 -5.27
CA PRO A 9 25.33 0.36 -4.01
C PRO A 9 24.30 0.78 -2.95
N LYS A 10 23.65 -0.19 -2.35
CA LYS A 10 22.61 0.11 -1.32
C LYS A 10 22.95 1.39 -0.57
N TRP A 11 21.98 2.25 -0.39
CA TRP A 11 22.23 3.53 0.34
C TRP A 11 22.76 3.21 1.74
N ASP A 12 23.79 3.89 2.16
CA ASP A 12 24.35 3.63 3.52
C ASP A 12 25.47 4.62 3.81
N LYS A 13 25.12 5.84 4.09
CA LYS A 13 26.17 6.87 4.36
C LYS A 13 25.53 8.08 5.05
N ASN A 14 26.20 8.66 6.01
CA ASN A 14 25.64 9.86 6.68
C ASN A 14 25.32 10.90 5.60
N GLN A 15 24.94 12.08 5.98
CA GLN A 15 24.64 13.13 4.97
C GLN A 15 23.74 12.55 3.87
N ILE A 16 22.46 12.80 3.95
CA ILE A 16 21.53 12.28 2.91
C ILE A 16 20.91 13.48 2.17
N THR A 17 20.58 13.33 0.93
CA THR A 17 19.97 14.48 0.19
C THR A 17 18.57 14.09 -0.28
N TYR A 18 17.60 14.95 -0.05
CA TYR A 18 16.22 14.62 -0.49
C TYR A 18 15.55 15.88 -1.04
N ARG A 19 14.62 15.68 -1.94
CA ARG A 19 13.92 16.85 -2.54
C ARG A 19 12.50 16.44 -2.95
N ILE A 20 11.50 17.06 -2.40
CA ILE A 20 10.12 16.70 -2.79
C ILE A 20 9.89 17.18 -4.22
N ILE A 21 9.24 16.40 -5.03
CA ILE A 21 9.01 16.80 -6.44
C ILE A 21 7.79 17.72 -6.55
N GLY A 22 7.07 17.93 -5.47
CA GLY A 22 5.88 18.83 -5.54
C GLY A 22 5.09 18.79 -4.23
N TYR A 23 5.19 19.83 -3.44
CA TYR A 23 4.42 19.87 -2.16
C TYR A 23 2.95 19.56 -2.42
N THR A 24 2.17 19.32 -1.40
CA THR A 24 0.72 19.02 -1.61
C THR A 24 -0.13 20.20 -1.10
N PRO A 25 -1.26 20.40 -1.74
CA PRO A 25 -2.19 21.50 -1.40
C PRO A 25 -3.09 21.11 -0.21
N ASP A 26 -3.49 19.87 -0.13
CA ASP A 26 -4.38 19.46 0.99
C ASP A 26 -3.90 20.08 2.31
N LEU A 27 -2.64 20.39 2.41
CA LEU A 27 -2.12 20.99 3.67
C LEU A 27 -1.28 22.22 3.32
N ASP A 28 -0.95 23.02 4.31
CA ASP A 28 -0.12 24.21 4.04
C ASP A 28 1.18 23.76 3.37
N PRO A 29 1.70 24.61 2.52
CA PRO A 29 2.93 24.33 1.80
C PRO A 29 4.06 24.41 2.82
N GLU A 30 4.02 25.42 3.62
CA GLU A 30 5.05 25.54 4.69
C GLU A 30 4.74 24.44 5.70
N THR A 31 3.53 23.94 5.73
CA THR A 31 3.20 22.86 6.70
C THR A 31 3.78 21.55 6.21
N VAL A 32 3.54 21.19 4.97
CA VAL A 32 4.11 19.94 4.45
C VAL A 32 5.62 20.04 4.65
N ASP A 33 6.13 21.22 4.54
CA ASP A 33 7.58 21.46 4.75
C ASP A 33 7.96 21.08 6.18
N ASP A 34 7.10 21.40 7.12
CA ASP A 34 7.41 21.07 8.54
C ASP A 34 7.14 19.58 8.78
N ALA A 35 6.04 19.09 8.29
CA ALA A 35 5.72 17.65 8.50
C ALA A 35 6.90 16.80 8.03
N PHE A 36 7.63 17.28 7.06
CA PHE A 36 8.81 16.51 6.57
C PHE A 36 10.00 16.76 7.49
N ALA A 37 10.23 17.98 7.87
CA ALA A 37 11.36 18.27 8.78
C ALA A 37 11.13 17.52 10.08
N ARG A 38 9.97 17.68 10.68
CA ARG A 38 9.69 16.94 11.94
C ARG A 38 9.97 15.46 11.65
N ALA A 39 9.31 14.90 10.69
CA ALA A 39 9.56 13.48 10.33
C ALA A 39 11.07 13.26 10.28
N PHE A 40 11.77 14.10 9.57
CA PHE A 40 13.24 13.95 9.49
C PHE A 40 13.78 13.75 10.91
N GLN A 41 13.38 14.59 11.84
CA GLN A 41 13.87 14.45 13.25
C GLN A 41 13.20 13.23 13.90
N VAL A 42 12.05 12.82 13.42
CA VAL A 42 11.37 11.65 14.04
C VAL A 42 12.23 10.40 13.81
N TRP A 43 12.92 10.37 12.71
CA TRP A 43 13.79 9.19 12.41
C TRP A 43 15.24 9.55 12.73
N SER A 44 15.58 10.82 12.71
CA SER A 44 16.97 11.23 13.03
C SER A 44 17.14 11.19 14.55
N ASP A 45 16.04 11.20 15.26
CA ASP A 45 16.13 11.17 16.75
C ASP A 45 16.59 9.78 17.20
N VAL A 46 16.53 8.82 16.31
CA VAL A 46 16.96 7.44 16.67
C VAL A 46 18.35 7.18 16.09
N THR A 47 19.00 8.21 15.60
CA THR A 47 20.36 8.02 15.03
C THR A 47 20.90 9.38 14.57
N PRO A 48 22.20 9.53 14.66
CA PRO A 48 22.87 10.78 14.26
C PRO A 48 22.95 10.89 12.73
N LEU A 49 21.82 10.83 12.08
CA LEU A 49 21.84 10.94 10.59
C LEU A 49 21.80 12.41 10.19
N ARG A 50 22.42 12.74 9.08
CA ARG A 50 22.43 14.15 8.63
C ARG A 50 21.62 14.27 7.34
N PHE A 51 20.49 14.92 7.39
CA PHE A 51 19.66 15.05 6.15
C PHE A 51 19.93 16.42 5.50
N SER A 52 19.98 16.47 4.21
CA SER A 52 20.22 17.76 3.50
C SER A 52 19.19 17.92 2.38
N ARG A 53 18.48 19.01 2.38
CA ARG A 53 17.46 19.22 1.31
C ARG A 53 18.08 20.02 0.16
N ILE A 54 17.76 19.66 -1.06
CA ILE A 54 18.34 20.42 -2.21
C ILE A 54 17.21 20.95 -3.10
N HIS A 55 17.54 21.44 -4.27
CA HIS A 55 16.49 21.97 -5.19
C HIS A 55 17.14 22.39 -6.51
N ASP A 56 18.19 21.73 -6.91
CA ASP A 56 18.87 22.10 -8.19
C ASP A 56 19.78 20.97 -8.64
N GLY A 57 20.39 20.25 -7.72
CA GLY A 57 21.31 19.15 -8.12
C GLY A 57 20.60 17.80 -7.92
N GLU A 58 19.31 17.78 -8.00
CA GLU A 58 18.56 16.50 -7.82
C GLU A 58 18.88 15.93 -6.43
N ALA A 59 18.18 14.92 -6.02
CA ALA A 59 18.44 14.35 -4.66
C ALA A 59 18.46 12.82 -4.72
N ASP A 60 19.15 12.20 -3.80
CA ASP A 60 19.19 10.72 -3.76
C ASP A 60 17.76 10.20 -3.62
N ILE A 61 17.03 10.76 -2.70
CA ILE A 61 15.62 10.34 -2.49
C ILE A 61 14.69 11.38 -3.12
N MET A 62 13.79 10.97 -3.98
CA MET A 62 12.88 11.96 -4.63
C MET A 62 11.44 11.67 -4.22
N ILE A 63 10.76 12.64 -3.69
CA ILE A 63 9.35 12.42 -3.24
C ILE A 63 8.35 13.05 -4.21
N ASN A 64 7.12 12.59 -4.23
CA ASN A 64 6.11 13.17 -5.14
C ASN A 64 4.78 12.44 -4.98
N PHE A 65 4.09 12.17 -6.05
CA PHE A 65 2.78 11.47 -5.94
C PHE A 65 2.81 10.17 -6.75
N GLY A 66 1.70 9.49 -6.85
CA GLY A 66 1.67 8.21 -7.61
C GLY A 66 0.93 8.41 -8.94
N ARG A 67 0.15 9.44 -9.04
CA ARG A 67 -0.59 9.70 -10.32
C ARG A 67 -1.52 8.54 -10.65
N TRP A 68 -2.36 8.71 -11.63
CA TRP A 68 -3.31 7.63 -12.02
C TRP A 68 -2.58 6.62 -12.91
N GLU A 69 -1.80 7.11 -13.84
CA GLU A 69 -1.04 6.18 -14.74
C GLU A 69 0.13 5.58 -13.98
N HIS A 70 1.31 6.15 -14.12
CA HIS A 70 2.49 5.62 -13.39
C HIS A 70 3.04 4.36 -14.09
N GLY A 71 2.43 3.22 -13.86
CA GLY A 71 2.93 1.98 -14.52
C GLY A 71 3.31 0.95 -13.46
N ASP A 72 3.59 1.40 -12.25
CA ASP A 72 3.98 0.46 -11.17
C ASP A 72 3.17 -0.83 -11.27
N GLY A 73 2.03 -0.88 -10.63
CA GLY A 73 1.19 -2.11 -10.70
C GLY A 73 -0.12 -1.88 -9.94
N TYR A 74 -0.59 -0.66 -9.94
CA TYR A 74 -1.86 -0.35 -9.22
C TYR A 74 -2.16 1.14 -9.40
N PRO A 75 -2.59 1.50 -10.58
CA PRO A 75 -2.91 2.89 -10.95
C PRO A 75 -4.20 3.37 -10.28
N PHE A 76 -4.15 4.55 -9.72
CA PHE A 76 -5.35 5.16 -9.04
C PHE A 76 -5.96 4.17 -8.04
N ASP A 77 -6.70 4.70 -7.11
CA ASP A 77 -7.33 3.87 -6.06
C ASP A 77 -8.10 4.77 -5.09
N GLY A 78 -7.66 5.99 -4.93
CA GLY A 78 -8.36 6.91 -4.00
C GLY A 78 -8.53 6.22 -2.65
N LYS A 79 -9.50 6.63 -1.87
CA LYS A 79 -9.73 5.99 -0.55
C LYS A 79 -8.41 5.74 0.16
N ASP A 80 -8.47 5.07 1.26
CA ASP A 80 -7.22 4.76 2.01
C ASP A 80 -6.38 3.79 1.17
N GLY A 81 -6.49 2.52 1.42
CA GLY A 81 -5.70 1.52 0.63
C GLY A 81 -4.29 2.06 0.42
N LEU A 82 -3.77 1.88 -0.76
CA LEU A 82 -2.41 2.39 -1.04
C LEU A 82 -2.34 3.86 -0.61
N LEU A 83 -1.41 4.16 0.26
CA LEU A 83 -1.27 5.56 0.74
C LEU A 83 0.04 6.14 0.20
N ALA A 84 0.97 5.30 -0.16
CA ALA A 84 2.26 5.80 -0.70
C ALA A 84 3.27 4.65 -0.79
N HIS A 85 4.49 4.92 -1.20
CA HIS A 85 5.49 3.82 -1.32
C HIS A 85 6.82 4.38 -1.85
N ALA A 86 7.83 3.55 -1.93
CA ALA A 86 9.16 4.02 -2.44
C ALA A 86 9.86 2.85 -3.13
N PHE A 87 10.90 3.13 -3.88
CA PHE A 87 11.63 2.05 -4.60
C PHE A 87 12.81 1.57 -3.74
N ALA A 88 13.29 0.39 -3.99
CA ALA A 88 14.45 -0.12 -3.21
C ALA A 88 15.53 0.96 -3.17
N PRO A 89 16.55 0.72 -2.39
CA PRO A 89 17.68 1.67 -2.25
C PRO A 89 18.55 1.66 -3.51
N GLY A 90 18.97 2.82 -3.96
CA GLY A 90 19.83 2.88 -5.18
C GLY A 90 20.09 4.34 -5.55
N THR A 91 20.61 4.58 -6.72
CA THR A 91 20.90 5.99 -7.14
C THR A 91 19.78 6.50 -8.06
N GLY A 92 19.31 7.69 -7.84
CA GLY A 92 18.23 8.24 -8.70
C GLY A 92 16.90 7.55 -8.40
N VAL A 93 16.66 6.39 -8.97
CA VAL A 93 15.38 5.68 -8.72
C VAL A 93 15.33 5.18 -7.28
N GLY A 94 16.42 4.65 -6.77
CA GLY A 94 16.41 4.13 -5.37
C GLY A 94 16.33 5.28 -4.38
N GLY A 95 15.24 5.43 -3.69
CA GLY A 95 15.12 6.53 -2.70
C GLY A 95 13.94 7.45 -3.03
N ASP A 96 13.19 7.15 -4.04
CA ASP A 96 12.03 8.02 -4.38
C ASP A 96 10.76 7.46 -3.75
N SER A 97 9.92 8.33 -3.23
CA SER A 97 8.65 7.84 -2.60
C SER A 97 7.45 8.48 -3.31
N HIS A 98 6.40 7.73 -3.47
CA HIS A 98 5.20 8.28 -4.16
C HIS A 98 4.02 8.37 -3.18
N PHE A 99 3.36 9.49 -3.12
CA PHE A 99 2.20 9.63 -2.19
C PHE A 99 0.89 9.55 -3.00
N ASP A 100 -0.18 9.10 -2.39
CA ASP A 100 -1.47 9.02 -3.14
C ASP A 100 -1.86 10.41 -3.62
N ASP A 101 -2.35 10.52 -4.82
CA ASP A 101 -2.73 11.85 -5.35
C ASP A 101 -4.07 12.28 -4.73
N ASP A 102 -5.17 11.76 -5.20
CA ASP A 102 -6.48 12.17 -4.64
C ASP A 102 -6.62 11.70 -3.18
N GLU A 103 -6.23 12.53 -2.25
CA GLU A 103 -6.35 12.16 -0.81
C GLU A 103 -6.31 13.45 0.02
N LEU A 104 -6.22 13.34 1.33
CA LEU A 104 -6.21 14.58 2.16
C LEU A 104 -5.16 14.46 3.29
N TRP A 105 -3.92 14.75 2.99
CA TRP A 105 -2.85 14.68 4.04
C TRP A 105 -2.64 16.06 4.65
N THR A 106 -2.63 16.16 5.95
CA THR A 106 -2.41 17.51 6.57
C THR A 106 -1.82 17.36 7.97
N ASN A 107 -1.11 18.37 8.42
CA ASN A 107 -0.52 18.30 9.79
C ASN A 107 -1.59 18.73 10.81
N THR A 108 -2.79 18.96 10.35
CA THR A 108 -3.88 19.37 11.29
C THR A 108 -4.62 18.12 11.78
N SER A 109 -5.91 18.23 12.00
CA SER A 109 -6.66 17.04 12.46
C SER A 109 -7.18 16.27 11.25
N ALA A 110 -6.39 16.19 10.20
CA ALA A 110 -6.82 15.47 8.98
C ALA A 110 -7.02 13.98 9.29
N ASN A 111 -6.04 13.17 9.01
CA ASN A 111 -6.18 11.71 9.28
C ASN A 111 -4.89 10.99 8.89
N TYR A 112 -4.35 11.27 7.73
CA TYR A 112 -3.10 10.58 7.32
C TYR A 112 -1.90 11.35 7.89
N SER A 113 -1.99 12.65 7.94
CA SER A 113 -0.88 13.45 8.51
C SER A 113 0.39 13.28 7.67
N LEU A 114 0.80 14.29 6.96
CA LEU A 114 2.04 14.19 6.14
C LEU A 114 3.19 13.65 7.00
N PHE A 115 3.24 14.05 8.24
CA PHE A 115 4.34 13.57 9.14
C PHE A 115 4.21 12.06 9.37
N LEU A 116 3.01 11.56 9.45
CA LEU A 116 2.83 10.11 9.69
C LEU A 116 3.01 9.35 8.37
N VAL A 117 2.23 9.66 7.37
CA VAL A 117 2.39 8.95 6.07
C VAL A 117 3.87 8.97 5.67
N ALA A 118 4.53 10.07 5.87
CA ALA A 118 5.97 10.16 5.49
C ALA A 118 6.80 9.28 6.43
N ALA A 119 6.61 9.39 7.71
CA ALA A 119 7.40 8.55 8.66
C ALA A 119 7.47 7.13 8.13
N HIS A 120 6.35 6.50 7.94
CA HIS A 120 6.35 5.11 7.41
C HIS A 120 7.24 5.07 6.17
N GLU A 121 6.95 5.89 5.19
CA GLU A 121 7.78 5.90 3.96
C GLU A 121 9.18 6.42 4.30
N PHE A 122 9.36 6.97 5.47
CA PHE A 122 10.70 7.46 5.86
C PHE A 122 11.52 6.25 6.32
N GLY A 123 10.86 5.15 6.58
CA GLY A 123 11.58 3.93 7.01
C GLY A 123 11.83 3.06 5.78
N HIS A 124 10.86 2.94 4.91
CA HIS A 124 11.03 2.12 3.69
C HIS A 124 12.14 2.72 2.82
N ALA A 125 12.07 4.01 2.58
CA ALA A 125 13.12 4.67 1.74
C ALA A 125 14.50 4.13 2.13
N MET A 126 14.65 3.68 3.34
CA MET A 126 15.96 3.15 3.78
C MET A 126 16.16 1.72 3.24
N GLY A 127 15.86 0.72 4.05
CA GLY A 127 16.04 -0.68 3.56
C GLY A 127 15.16 -1.63 4.39
N LEU A 128 14.99 -1.37 5.65
CA LEU A 128 14.15 -2.28 6.48
C LEU A 128 12.85 -2.59 5.74
N GLU A 129 12.30 -3.75 5.97
CA GLU A 129 11.03 -4.13 5.31
C GLU A 129 10.06 -4.62 6.38
N HIS A 130 8.79 -4.68 6.06
CA HIS A 130 7.81 -5.14 7.08
C HIS A 130 8.36 -6.38 7.78
N SER A 131 8.21 -6.46 9.07
CA SER A 131 8.76 -7.64 9.81
C SER A 131 7.61 -8.47 10.39
N GLN A 132 6.39 -8.21 9.98
CA GLN A 132 5.23 -9.00 10.47
C GLN A 132 4.74 -8.48 11.82
N ASP A 133 5.59 -7.84 12.60
CA ASP A 133 5.13 -7.34 13.92
C ASP A 133 4.09 -6.23 13.73
N PRO A 134 2.94 -6.42 14.34
CA PRO A 134 1.84 -5.44 14.24
C PRO A 134 2.16 -4.19 15.04
N GLY A 135 2.80 -4.35 16.17
CA GLY A 135 3.15 -3.16 17.00
C GLY A 135 4.42 -2.51 16.45
N ALA A 136 4.86 -2.90 15.28
CA ALA A 136 6.10 -2.29 14.71
C ALA A 136 5.73 -1.10 13.83
N LEU A 137 6.72 -0.39 13.34
CA LEU A 137 6.44 0.77 12.46
C LEU A 137 6.36 0.27 11.02
N MET A 138 7.15 -0.70 10.67
CA MET A 138 7.11 -1.24 9.30
C MET A 138 6.00 -2.29 9.21
N ALA A 139 5.21 -2.41 10.24
CA ALA A 139 4.10 -3.41 10.23
C ALA A 139 3.21 -3.16 9.01
N PRO A 140 2.54 -4.21 8.57
CA PRO A 140 1.66 -4.16 7.40
C PRO A 140 0.29 -3.54 7.73
N ILE A 141 0.18 -2.77 8.79
CA ILE A 141 -1.13 -2.15 9.11
C ILE A 141 -0.94 -0.68 9.45
N TYR A 142 -1.75 0.17 8.89
CA TYR A 142 -1.63 1.63 9.17
C TYR A 142 -2.13 1.95 10.58
N THR A 143 -1.28 2.52 11.40
CA THR A 143 -1.70 2.87 12.78
C THR A 143 -1.46 4.35 13.03
N TYR A 144 -2.49 5.13 13.16
CA TYR A 144 -2.29 6.59 13.39
C TYR A 144 -1.50 6.82 14.66
N THR A 145 -0.91 7.99 14.79
CA THR A 145 -0.11 8.30 16.01
C THR A 145 -0.95 9.14 16.99
N LYS A 146 -1.77 8.51 17.79
CA LYS A 146 -2.55 9.30 18.77
C LYS A 146 -1.61 9.74 19.90
N ASN A 147 -0.38 9.32 19.84
CA ASN A 147 0.61 9.70 20.90
C ASN A 147 2.03 9.51 20.35
N PHE A 148 2.18 9.47 19.05
CA PHE A 148 3.54 9.29 18.43
C PHE A 148 4.39 8.33 19.28
N ARG A 149 4.38 7.06 18.95
CA ARG A 149 5.21 6.10 19.73
C ARG A 149 6.24 5.46 18.81
N LEU A 150 7.48 5.41 19.24
CA LEU A 150 8.55 4.81 18.39
C LEU A 150 8.64 3.30 18.66
N SER A 151 9.72 2.67 18.27
CA SER A 151 9.88 1.21 18.51
C SER A 151 11.33 0.80 18.25
N GLN A 152 11.92 0.07 19.16
CA GLN A 152 13.34 -0.36 18.96
C GLN A 152 13.43 -1.20 17.68
N ASP A 153 12.39 -1.89 17.32
CA ASP A 153 12.44 -2.69 16.07
C ASP A 153 13.12 -1.84 14.99
N ASP A 154 12.84 -0.57 15.00
CA ASP A 154 13.47 0.34 14.00
C ASP A 154 14.83 0.80 14.54
N ILE A 155 14.88 1.19 15.79
CA ILE A 155 16.18 1.64 16.36
C ILE A 155 17.23 0.57 16.10
N LYS A 156 16.83 -0.67 16.10
CA LYS A 156 17.79 -1.77 15.85
C LYS A 156 18.14 -1.84 14.36
N GLY A 157 17.16 -1.99 13.52
CA GLY A 157 17.44 -2.06 12.05
C GLY A 157 18.20 -0.80 11.62
N ILE A 158 17.84 0.34 12.14
CA ILE A 158 18.53 1.60 11.74
C ILE A 158 19.88 1.70 12.45
N GLN A 159 20.04 0.97 13.52
CA GLN A 159 21.34 1.02 14.25
C GLN A 159 22.40 0.30 13.43
N GLU A 160 22.10 -0.89 12.96
CA GLU A 160 23.09 -1.64 12.13
C GLU A 160 23.17 -1.00 10.74
N LEU A 161 22.15 -0.28 10.35
CA LEU A 161 22.17 0.37 9.00
C LEU A 161 22.91 1.71 9.08
N TYR A 162 23.09 2.23 10.27
CA TYR A 162 23.79 3.54 10.39
C TYR A 162 24.72 3.51 11.60
N GLY A 163 24.25 3.94 12.75
CA GLY A 163 25.11 3.93 13.95
C GLY A 163 25.10 2.53 14.59
N MET A 1 -26.12 -5.53 -9.77
CA MET A 1 -24.76 -5.83 -10.30
C MET A 1 -23.81 -4.68 -9.97
N TYR A 2 -22.58 -4.77 -10.38
CA TYR A 2 -21.60 -3.69 -10.07
C TYR A 2 -22.13 -2.36 -10.63
N ASN A 3 -21.71 -2.01 -11.81
CA ASN A 3 -22.18 -0.73 -12.42
C ASN A 3 -21.80 0.46 -11.54
N PHE A 4 -20.72 1.12 -11.87
CA PHE A 4 -20.30 2.30 -11.07
C PHE A 4 -20.36 3.56 -11.94
N PHE A 5 -20.09 4.69 -11.37
CA PHE A 5 -20.12 5.95 -12.17
C PHE A 5 -18.78 6.10 -12.89
N PRO A 6 -18.75 6.99 -13.85
CA PRO A 6 -17.54 7.26 -14.64
C PRO A 6 -16.53 8.06 -13.80
N ARG A 7 -15.59 8.70 -14.43
CA ARG A 7 -14.59 9.48 -13.65
C ARG A 7 -13.56 8.54 -13.03
N LYS A 8 -12.93 7.73 -13.83
CA LYS A 8 -11.91 6.77 -13.29
C LYS A 8 -12.57 5.84 -12.27
N PRO A 9 -12.12 4.62 -12.26
CA PRO A 9 -12.63 3.61 -11.32
C PRO A 9 -11.98 3.83 -9.96
N LYS A 10 -12.12 5.01 -9.44
CA LYS A 10 -11.51 5.33 -8.12
C LYS A 10 -12.15 4.44 -7.05
N TRP A 11 -12.49 4.99 -5.91
CA TRP A 11 -13.13 4.16 -4.84
C TRP A 11 -13.77 5.11 -3.82
N ASP A 12 -14.46 6.12 -4.29
CA ASP A 12 -15.12 7.08 -3.35
C ASP A 12 -16.44 6.49 -2.86
N LYS A 13 -16.40 5.69 -1.84
CA LYS A 13 -17.66 5.08 -1.32
C LYS A 13 -17.61 5.04 0.20
N ASN A 14 -18.29 5.95 0.85
CA ASN A 14 -18.30 5.98 2.35
C ASN A 14 -18.23 4.56 2.90
N GLN A 15 -19.35 3.90 3.04
CA GLN A 15 -19.31 2.51 3.57
C GLN A 15 -18.31 1.69 2.75
N ILE A 16 -17.17 1.37 3.32
CA ILE A 16 -16.17 0.58 2.55
C ILE A 16 -16.18 -0.87 3.06
N THR A 17 -15.63 -1.77 2.29
CA THR A 17 -15.59 -3.19 2.71
C THR A 17 -14.19 -3.74 2.43
N TYR A 18 -13.62 -4.47 3.34
CA TYR A 18 -12.26 -5.04 3.10
C TYR A 18 -12.16 -6.45 3.69
N ARG A 19 -11.17 -7.19 3.27
CA ARG A 19 -11.01 -8.58 3.78
C ARG A 19 -9.51 -8.91 3.87
N ILE A 20 -9.03 -9.24 5.04
CA ILE A 20 -7.57 -9.56 5.19
C ILE A 20 -7.35 -11.03 4.82
N ILE A 21 -6.66 -11.28 3.75
CA ILE A 21 -6.39 -12.70 3.33
C ILE A 21 -5.10 -13.19 4.00
N GLY A 22 -4.66 -12.51 5.01
CA GLY A 22 -3.40 -12.93 5.71
C GLY A 22 -2.92 -11.82 6.63
N TYR A 23 -3.26 -11.89 7.90
CA TYR A 23 -2.81 -10.84 8.85
C TYR A 23 -1.27 -10.77 8.85
N THR A 24 -0.62 -11.12 9.93
CA THR A 24 0.87 -11.08 9.94
C THR A 24 1.37 -12.52 10.05
N PRO A 25 2.68 -12.70 10.04
CA PRO A 25 3.29 -14.03 10.12
C PRO A 25 3.25 -14.60 11.55
N ASP A 26 3.39 -13.77 12.54
CA ASP A 26 3.39 -14.32 13.94
C ASP A 26 3.04 -13.25 14.98
N LEU A 27 1.79 -12.98 15.17
CA LEU A 27 1.38 -11.99 16.19
C LEU A 27 -0.04 -12.29 16.63
N ASP A 28 -0.58 -11.50 17.52
CA ASP A 28 -1.97 -11.73 17.95
C ASP A 28 -2.90 -11.32 16.83
N PRO A 29 -3.90 -12.13 16.58
CA PRO A 29 -4.88 -11.84 15.54
C PRO A 29 -5.69 -10.67 16.03
N GLU A 30 -5.83 -10.58 17.31
CA GLU A 30 -6.54 -9.42 17.90
C GLU A 30 -5.59 -8.24 17.80
N THR A 31 -4.29 -8.50 17.89
CA THR A 31 -3.34 -7.37 17.74
C THR A 31 -3.36 -6.96 16.26
N VAL A 32 -2.98 -7.86 15.40
CA VAL A 32 -2.98 -7.55 13.96
C VAL A 32 -4.35 -6.97 13.59
N ASP A 33 -5.40 -7.55 14.11
CA ASP A 33 -6.76 -7.04 13.81
C ASP A 33 -6.91 -5.64 14.40
N ASP A 34 -6.11 -5.30 15.38
CA ASP A 34 -6.22 -3.95 15.99
C ASP A 34 -5.56 -2.90 15.09
N ALA A 35 -4.43 -3.21 14.53
CA ALA A 35 -3.75 -2.22 13.65
C ALA A 35 -4.70 -1.83 12.51
N PHE A 36 -5.36 -2.77 11.92
CA PHE A 36 -6.31 -2.44 10.83
C PHE A 36 -7.53 -1.76 11.43
N ALA A 37 -8.09 -2.31 12.47
CA ALA A 37 -9.26 -1.66 13.10
C ALA A 37 -8.90 -0.22 13.43
N ARG A 38 -7.79 -0.01 14.10
CA ARG A 38 -7.37 1.36 14.45
C ARG A 38 -7.01 2.10 13.16
N ALA A 39 -6.21 1.52 12.31
CA ALA A 39 -5.84 2.19 11.04
C ALA A 39 -7.08 2.86 10.44
N PHE A 40 -8.20 2.18 10.46
CA PHE A 40 -9.44 2.77 9.92
C PHE A 40 -9.88 3.92 10.83
N GLN A 41 -9.75 3.77 12.13
CA GLN A 41 -10.16 4.87 13.04
C GLN A 41 -9.15 6.02 12.94
N VAL A 42 -7.91 5.75 13.23
CA VAL A 42 -6.86 6.80 13.13
C VAL A 42 -7.00 7.54 11.79
N TRP A 43 -7.50 6.86 10.80
CA TRP A 43 -7.67 7.51 9.46
C TRP A 43 -9.16 7.89 9.25
N SER A 44 -10.05 7.31 10.00
CA SER A 44 -11.50 7.66 9.86
C SER A 44 -11.79 8.83 10.78
N ASP A 45 -10.99 8.99 11.80
CA ASP A 45 -11.21 10.11 12.76
C ASP A 45 -11.12 11.45 12.01
N VAL A 46 -10.64 11.44 10.80
CA VAL A 46 -10.53 12.72 10.04
C VAL A 46 -11.55 12.72 8.90
N THR A 47 -12.55 11.89 8.97
CA THR A 47 -13.58 11.85 7.90
C THR A 47 -14.63 10.82 8.26
N PRO A 48 -15.85 11.06 7.82
CA PRO A 48 -16.98 10.16 8.10
C PRO A 48 -16.91 8.92 7.21
N LEU A 49 -15.83 8.19 7.30
CA LEU A 49 -15.69 6.96 6.47
C LEU A 49 -16.00 5.75 7.35
N ARG A 50 -16.98 4.97 6.99
CA ARG A 50 -17.31 3.78 7.82
C ARG A 50 -16.84 2.52 7.09
N PHE A 51 -15.86 1.85 7.63
CA PHE A 51 -15.34 0.62 6.98
C PHE A 51 -16.13 -0.59 7.47
N SER A 52 -16.37 -1.54 6.60
CA SER A 52 -17.13 -2.75 7.01
C SER A 52 -16.25 -3.98 6.83
N ARG A 53 -16.29 -4.89 7.76
CA ARG A 53 -15.45 -6.12 7.62
C ARG A 53 -16.24 -7.19 6.86
N ILE A 54 -15.67 -7.77 5.85
CA ILE A 54 -16.42 -8.81 5.08
C ILE A 54 -15.62 -10.12 5.10
N HIS A 55 -16.27 -11.21 5.41
CA HIS A 55 -15.55 -12.50 5.46
C HIS A 55 -14.96 -12.80 4.08
N ASP A 56 -14.89 -14.06 3.71
CA ASP A 56 -14.32 -14.41 2.38
C ASP A 56 -15.29 -13.97 1.29
N GLY A 57 -14.87 -14.00 0.05
CA GLY A 57 -15.79 -13.58 -1.06
C GLY A 57 -15.23 -12.31 -1.72
N GLU A 58 -16.09 -11.45 -2.20
CA GLU A 58 -15.62 -10.21 -2.86
C GLU A 58 -15.30 -9.15 -1.80
N ALA A 59 -14.38 -8.28 -2.08
CA ALA A 59 -14.01 -7.22 -1.11
C ALA A 59 -13.29 -6.09 -1.83
N ASP A 60 -13.40 -4.88 -1.36
CA ASP A 60 -12.71 -3.74 -2.02
C ASP A 60 -11.24 -3.76 -1.65
N ILE A 61 -10.93 -3.44 -0.42
CA ILE A 61 -9.50 -3.46 0.02
C ILE A 61 -9.15 -4.90 0.36
N MET A 62 -8.10 -5.41 -0.23
CA MET A 62 -7.71 -6.81 0.06
C MET A 62 -6.29 -6.83 0.62
N ILE A 63 -6.15 -7.25 1.85
CA ILE A 63 -4.79 -7.26 2.47
C ILE A 63 -4.26 -8.70 2.51
N ASN A 64 -2.97 -8.87 2.34
CA ASN A 64 -2.39 -10.22 2.37
C ASN A 64 -0.87 -10.13 2.45
N PHE A 65 -0.20 -11.24 2.63
CA PHE A 65 1.30 -11.20 2.72
C PHE A 65 1.91 -12.05 1.61
N GLY A 66 3.16 -11.83 1.29
CA GLY A 66 3.81 -12.64 0.21
C GLY A 66 5.32 -12.39 0.21
N ARG A 67 6.09 -13.44 0.23
CA ARG A 67 7.58 -13.30 0.20
C ARG A 67 8.06 -13.48 -1.24
N TRP A 68 9.10 -14.24 -1.48
CA TRP A 68 9.55 -14.41 -2.88
C TRP A 68 8.34 -14.80 -3.72
N GLU A 69 7.50 -15.65 -3.20
CA GLU A 69 6.27 -16.05 -3.94
C GLU A 69 5.27 -14.90 -3.90
N HIS A 70 5.67 -13.73 -4.34
CA HIS A 70 4.75 -12.57 -4.32
C HIS A 70 3.38 -13.00 -4.83
N GLY A 71 3.34 -13.64 -5.96
CA GLY A 71 2.05 -14.09 -6.52
C GLY A 71 1.52 -13.00 -7.45
N ASP A 72 2.37 -12.12 -7.89
CA ASP A 72 1.93 -11.04 -8.79
C ASP A 72 3.10 -10.61 -9.69
N GLY A 73 4.02 -11.50 -9.96
CA GLY A 73 5.17 -11.16 -10.85
C GLY A 73 6.37 -10.68 -10.02
N TYR A 74 7.55 -10.84 -10.55
CA TYR A 74 8.76 -10.37 -9.83
C TYR A 74 8.81 -10.99 -8.43
N PRO A 75 9.97 -10.91 -7.82
CA PRO A 75 10.16 -11.43 -6.46
C PRO A 75 9.55 -10.45 -5.48
N PHE A 76 9.94 -10.49 -4.23
CA PHE A 76 9.35 -9.53 -3.26
C PHE A 76 9.92 -9.80 -1.87
N ASP A 77 9.67 -8.91 -0.95
CA ASP A 77 10.18 -9.07 0.44
C ASP A 77 11.68 -9.38 0.41
N GLY A 78 12.43 -8.72 -0.43
CA GLY A 78 13.90 -9.00 -0.42
C GLY A 78 14.37 -8.92 1.04
N LYS A 79 15.60 -9.25 1.31
CA LYS A 79 16.05 -9.17 2.73
C LYS A 79 15.69 -7.78 3.22
N ASP A 80 15.27 -7.68 4.44
CA ASP A 80 14.87 -6.36 5.00
C ASP A 80 14.12 -5.59 3.90
N GLY A 81 14.71 -4.52 3.39
CA GLY A 81 14.09 -3.72 2.30
C GLY A 81 12.56 -3.83 2.29
N LEU A 82 12.00 -4.07 1.12
CA LEU A 82 10.52 -4.19 0.97
C LEU A 82 9.85 -4.65 2.26
N LEU A 83 8.91 -3.87 2.73
CA LEU A 83 8.16 -4.21 3.96
C LEU A 83 6.69 -4.36 3.63
N ALA A 84 6.23 -3.67 2.61
CA ALA A 84 4.79 -3.77 2.21
C ALA A 84 4.50 -2.73 1.14
N HIS A 85 3.62 -3.04 0.23
CA HIS A 85 3.29 -2.07 -0.86
C HIS A 85 1.80 -2.20 -1.20
N ALA A 86 1.18 -1.13 -1.63
CA ALA A 86 -0.26 -1.20 -1.96
C ALA A 86 -0.49 -0.74 -3.41
N PHE A 87 -1.59 -1.11 -4.00
CA PHE A 87 -1.85 -0.69 -5.41
C PHE A 87 -2.99 0.34 -5.44
N ALA A 88 -2.98 1.20 -6.42
CA ALA A 88 -4.05 2.24 -6.53
C ALA A 88 -5.42 1.55 -6.58
N PRO A 89 -6.45 2.35 -6.44
CA PRO A 89 -7.85 1.86 -6.46
C PRO A 89 -8.30 1.60 -7.90
N GLY A 90 -9.22 0.70 -8.09
CA GLY A 90 -9.71 0.41 -9.48
C GLY A 90 -10.77 -0.69 -9.45
N THR A 91 -10.41 -1.89 -9.81
CA THR A 91 -11.39 -3.01 -9.80
C THR A 91 -10.65 -4.35 -9.85
N GLY A 92 -10.11 -4.78 -8.74
CA GLY A 92 -9.36 -6.08 -8.72
C GLY A 92 -8.19 -5.98 -7.76
N VAL A 93 -6.99 -5.81 -8.27
CA VAL A 93 -5.80 -5.70 -7.38
C VAL A 93 -5.79 -4.31 -6.73
N GLY A 94 -6.72 -3.47 -7.07
CA GLY A 94 -6.75 -2.09 -6.50
C GLY A 94 -7.27 -2.12 -5.06
N GLY A 95 -6.72 -1.28 -4.22
CA GLY A 95 -7.17 -1.25 -2.80
C GLY A 95 -6.59 -2.45 -2.05
N ASP A 96 -5.91 -3.33 -2.74
CA ASP A 96 -5.30 -4.50 -2.07
C ASP A 96 -3.82 -4.23 -1.85
N SER A 97 -3.32 -4.54 -0.68
CA SER A 97 -1.88 -4.28 -0.41
C SER A 97 -1.25 -5.53 0.21
N HIS A 98 -0.16 -5.99 -0.36
CA HIS A 98 0.51 -7.19 0.18
C HIS A 98 1.54 -6.77 1.23
N PHE A 99 1.73 -7.55 2.25
CA PHE A 99 2.71 -7.18 3.31
C PHE A 99 3.86 -8.20 3.37
N ASP A 100 4.97 -7.82 3.94
CA ASP A 100 6.14 -8.74 4.05
C ASP A 100 5.70 -10.06 4.70
N ASP A 101 5.87 -11.16 4.01
CA ASP A 101 5.47 -12.48 4.59
C ASP A 101 5.94 -12.56 6.05
N ASP A 102 7.15 -12.98 6.27
CA ASP A 102 7.67 -13.07 7.66
C ASP A 102 8.04 -11.65 8.13
N GLU A 103 9.24 -11.46 8.65
CA GLU A 103 9.64 -10.10 9.14
C GLU A 103 9.13 -9.91 10.57
N LEU A 104 8.03 -10.53 10.93
CA LEU A 104 7.50 -10.40 12.32
C LEU A 104 6.99 -8.98 12.60
N TRP A 105 5.85 -8.64 12.06
CA TRP A 105 5.27 -7.29 12.31
C TRP A 105 4.30 -7.41 13.49
N THR A 106 3.92 -6.32 14.11
CA THR A 106 2.99 -6.44 15.29
C THR A 106 2.85 -5.08 15.97
N ASN A 107 2.16 -5.04 17.10
CA ASN A 107 2.10 -3.75 17.87
C ASN A 107 3.57 -3.34 17.98
N THR A 108 4.37 -4.37 18.03
CA THR A 108 5.85 -4.32 18.00
C THR A 108 6.56 -3.84 19.23
N SER A 109 7.17 -2.70 19.19
CA SER A 109 8.06 -2.39 20.31
C SER A 109 9.10 -3.54 20.19
N ALA A 110 9.17 -4.07 18.96
CA ALA A 110 10.03 -5.23 18.59
C ALA A 110 10.73 -4.91 17.27
N ASN A 111 9.99 -4.39 16.33
CA ASN A 111 10.56 -4.06 14.99
C ASN A 111 9.70 -3.02 14.27
N TYR A 112 8.68 -3.45 13.56
CA TYR A 112 7.81 -2.49 12.82
C TYR A 112 6.35 -2.63 13.28
N SER A 113 5.75 -1.54 13.69
CA SER A 113 4.35 -1.60 14.18
C SER A 113 3.35 -1.73 13.02
N LEU A 114 2.46 -2.68 13.12
CA LEU A 114 1.44 -2.90 12.05
C LEU A 114 0.61 -1.61 11.82
N PHE A 115 0.52 -0.73 12.82
CA PHE A 115 -0.29 0.53 12.61
C PHE A 115 0.45 1.50 11.70
N LEU A 116 1.67 1.85 12.02
CA LEU A 116 2.41 2.80 11.15
C LEU A 116 2.61 2.17 9.78
N VAL A 117 3.13 0.97 9.73
CA VAL A 117 3.35 0.32 8.42
C VAL A 117 2.04 0.31 7.62
N ALA A 118 0.98 -0.21 8.16
CA ALA A 118 -0.31 -0.23 7.41
C ALA A 118 -0.78 1.21 7.22
N ALA A 119 -0.65 2.03 8.23
CA ALA A 119 -1.09 3.44 8.11
C ALA A 119 -0.57 4.03 6.80
N HIS A 120 0.72 4.04 6.59
CA HIS A 120 1.26 4.59 5.31
C HIS A 120 0.58 3.88 4.15
N GLU A 121 0.42 2.59 4.24
CA GLU A 121 -0.25 1.84 3.15
C GLU A 121 -1.74 2.18 3.18
N PHE A 122 -2.18 2.84 4.22
CA PHE A 122 -3.61 3.22 4.28
C PHE A 122 -3.75 4.58 3.58
N GLY A 123 -2.64 5.24 3.37
CA GLY A 123 -2.67 6.54 2.66
C GLY A 123 -2.52 6.26 1.16
N HIS A 124 -1.60 5.41 0.81
CA HIS A 124 -1.40 5.06 -0.62
C HIS A 124 -2.68 4.40 -1.14
N ALA A 125 -3.24 3.48 -0.40
CA ALA A 125 -4.51 2.81 -0.84
C ALA A 125 -5.55 3.88 -1.17
N MET A 126 -5.36 5.08 -0.68
CA MET A 126 -6.33 6.16 -0.95
C MET A 126 -5.80 7.07 -2.06
N GLY A 127 -4.59 6.86 -2.49
CA GLY A 127 -4.04 7.73 -3.58
C GLY A 127 -2.88 8.58 -3.04
N LEU A 128 -2.96 9.02 -1.82
CA LEU A 128 -1.87 9.87 -1.23
C LEU A 128 -0.50 9.39 -1.74
N GLU A 129 0.41 10.30 -1.92
CA GLU A 129 1.76 9.91 -2.40
C GLU A 129 2.80 10.16 -1.31
N HIS A 130 4.04 9.87 -1.58
CA HIS A 130 5.11 10.08 -0.56
C HIS A 130 5.14 11.54 -0.12
N SER A 131 5.56 11.79 1.08
CA SER A 131 5.62 13.19 1.58
C SER A 131 7.04 13.72 1.42
N GLN A 132 7.28 14.92 1.86
CA GLN A 132 8.64 15.53 1.73
C GLN A 132 9.14 15.99 3.09
N ASP A 133 8.27 16.05 4.07
CA ASP A 133 8.69 16.50 5.42
C ASP A 133 8.89 15.29 6.35
N PRO A 134 9.89 15.36 7.18
CA PRO A 134 10.22 14.31 8.13
C PRO A 134 9.25 14.35 9.29
N GLY A 135 8.53 13.32 9.41
CA GLY A 135 7.51 13.19 10.49
C GLY A 135 6.11 13.17 9.86
N ALA A 136 6.03 13.33 8.56
CA ALA A 136 4.68 13.32 7.89
C ALA A 136 4.08 11.91 7.99
N LEU A 137 2.92 11.72 7.40
CA LEU A 137 2.27 10.38 7.44
C LEU A 137 2.60 9.60 6.17
N MET A 138 2.82 10.28 5.08
CA MET A 138 3.14 9.57 3.81
C MET A 138 4.66 9.48 3.64
N ALA A 139 5.41 9.96 4.60
CA ALA A 139 6.89 9.91 4.50
C ALA A 139 7.31 8.50 4.03
N PRO A 140 8.39 8.45 3.30
CA PRO A 140 8.92 7.18 2.77
C PRO A 140 9.68 6.40 3.86
N ILE A 141 9.56 6.80 5.09
CA ILE A 141 10.27 6.07 6.18
C ILE A 141 9.32 5.80 7.36
N TYR A 142 9.62 4.79 8.13
CA TYR A 142 8.76 4.46 9.30
C TYR A 142 9.02 5.46 10.43
N THR A 143 8.23 6.49 10.53
CA THR A 143 8.44 7.48 11.61
C THR A 143 7.44 7.21 12.73
N TYR A 144 7.82 6.44 13.70
CA TYR A 144 6.86 6.14 14.80
C TYR A 144 6.45 7.43 15.49
N THR A 145 5.31 7.42 16.09
CA THR A 145 4.84 8.64 16.81
C THR A 145 4.09 8.22 18.09
N LYS A 146 4.14 6.96 18.42
CA LYS A 146 3.45 6.50 19.66
C LYS A 146 1.98 6.95 19.65
N ASN A 147 1.63 7.91 20.45
CA ASN A 147 0.20 8.35 20.49
C ASN A 147 -0.27 8.79 19.09
N PHE A 148 0.50 9.58 18.41
CA PHE A 148 0.10 10.04 17.04
C PHE A 148 -1.11 10.97 17.11
N ARG A 149 -0.98 12.14 16.53
CA ARG A 149 -2.12 13.11 16.52
C ARG A 149 -2.78 13.03 15.14
N LEU A 150 -2.10 13.51 14.13
CA LEU A 150 -2.65 13.45 12.75
C LEU A 150 -1.76 14.32 11.85
N SER A 151 -1.98 14.28 10.56
CA SER A 151 -1.14 15.08 9.65
C SER A 151 -1.99 15.62 8.49
N GLN A 152 -1.91 16.89 8.22
CA GLN A 152 -2.71 17.47 7.12
C GLN A 152 -2.44 16.69 5.83
N ASP A 153 -1.27 16.16 5.67
CA ASP A 153 -0.98 15.38 4.43
C ASP A 153 -2.14 14.43 4.18
N ASP A 154 -2.64 13.81 5.20
CA ASP A 154 -3.79 12.87 5.02
C ASP A 154 -5.10 13.67 5.00
N ILE A 155 -5.19 14.72 5.79
CA ILE A 155 -6.44 15.52 5.81
C ILE A 155 -6.63 16.17 4.42
N LYS A 156 -5.54 16.47 3.76
CA LYS A 156 -5.64 17.09 2.41
C LYS A 156 -5.96 16.00 1.38
N GLY A 157 -5.28 14.89 1.47
CA GLY A 157 -5.53 13.79 0.50
C GLY A 157 -6.84 13.08 0.85
N ILE A 158 -7.29 13.23 2.08
CA ILE A 158 -8.56 12.56 2.47
C ILE A 158 -9.72 13.54 2.29
N GLN A 159 -9.44 14.82 2.19
CA GLN A 159 -10.54 15.80 1.98
C GLN A 159 -10.73 15.99 0.48
N GLU A 160 -9.68 15.86 -0.28
CA GLU A 160 -9.80 16.02 -1.76
C GLU A 160 -10.18 14.67 -2.35
N LEU A 161 -9.75 13.59 -1.73
CA LEU A 161 -10.11 12.25 -2.26
C LEU A 161 -11.33 11.72 -1.52
N TYR A 162 -11.54 12.15 -0.29
CA TYR A 162 -12.74 11.66 0.46
C TYR A 162 -13.58 12.87 0.89
N GLY A 163 -13.34 13.40 2.06
CA GLY A 163 -14.14 14.57 2.51
C GLY A 163 -14.66 14.33 3.93
N MET A 1 10.12 -9.49 -21.27
CA MET A 1 9.37 -9.81 -20.03
C MET A 1 8.11 -8.95 -19.95
N TYR A 2 8.20 -7.79 -19.37
CA TYR A 2 7.00 -6.93 -19.25
C TYR A 2 6.09 -7.49 -18.16
N ASN A 3 5.79 -6.68 -17.19
CA ASN A 3 4.92 -7.13 -16.07
C ASN A 3 3.66 -6.28 -16.09
N PHE A 4 3.15 -5.98 -17.25
CA PHE A 4 1.94 -5.13 -17.33
C PHE A 4 0.73 -5.98 -17.72
N PHE A 5 -0.43 -5.37 -17.75
CA PHE A 5 -1.65 -6.14 -18.10
C PHE A 5 -2.89 -5.27 -17.85
N PRO A 6 -3.00 -4.75 -16.65
CA PRO A 6 -4.14 -3.90 -16.26
C PRO A 6 -3.95 -2.46 -16.70
N ARG A 7 -4.68 -2.02 -17.68
CA ARG A 7 -4.56 -0.60 -18.11
C ARG A 7 -5.79 0.12 -17.59
N LYS A 8 -6.15 -0.13 -16.36
CA LYS A 8 -7.34 0.51 -15.77
C LYS A 8 -6.93 1.73 -14.93
N PRO A 9 -7.80 2.70 -14.89
CA PRO A 9 -7.56 3.92 -14.12
C PRO A 9 -7.74 3.62 -12.63
N LYS A 10 -6.98 2.69 -12.13
CA LYS A 10 -7.07 2.29 -10.70
C LYS A 10 -8.55 2.27 -10.27
N TRP A 11 -8.83 2.31 -8.99
CA TRP A 11 -10.26 2.29 -8.54
C TRP A 11 -10.75 3.71 -8.29
N ASP A 12 -11.58 4.23 -9.14
CA ASP A 12 -12.08 5.62 -8.94
C ASP A 12 -13.52 5.59 -8.44
N LYS A 13 -13.73 5.37 -7.18
CA LYS A 13 -15.12 5.34 -6.65
C LYS A 13 -15.21 6.26 -5.43
N ASN A 14 -16.37 6.76 -5.17
CA ASN A 14 -16.55 7.68 -4.01
C ASN A 14 -16.65 6.85 -2.72
N GLN A 15 -17.84 6.46 -2.35
CA GLN A 15 -17.99 5.65 -1.10
C GLN A 15 -17.19 4.36 -1.25
N ILE A 16 -16.14 4.22 -0.50
CA ILE A 16 -15.32 2.99 -0.61
C ILE A 16 -15.31 2.27 0.72
N THR A 17 -15.29 0.98 0.70
CA THR A 17 -15.26 0.23 1.98
C THR A 17 -14.01 -0.64 2.04
N TYR A 18 -13.40 -0.72 3.19
CA TYR A 18 -12.17 -1.56 3.34
C TYR A 18 -12.23 -2.28 4.68
N ARG A 19 -11.23 -3.06 4.99
CA ARG A 19 -11.23 -3.78 6.29
C ARG A 19 -9.80 -4.19 6.65
N ILE A 20 -9.43 -4.08 7.90
CA ILE A 20 -8.04 -4.45 8.30
C ILE A 20 -8.00 -5.90 8.81
N ILE A 21 -6.92 -6.59 8.54
CA ILE A 21 -6.81 -8.01 9.01
C ILE A 21 -6.18 -8.05 10.40
N GLY A 22 -5.75 -6.93 10.90
CA GLY A 22 -5.14 -6.92 12.25
C GLY A 22 -4.06 -5.86 12.31
N TYR A 23 -4.30 -4.80 13.04
CA TYR A 23 -3.27 -3.73 13.11
C TYR A 23 -2.05 -4.27 13.82
N THR A 24 -1.20 -3.41 14.27
CA THR A 24 0.02 -3.86 14.98
C THR A 24 -0.10 -3.54 16.47
N PRO A 25 0.47 -4.38 17.28
CA PRO A 25 0.44 -4.23 18.74
C PRO A 25 1.37 -3.09 19.17
N ASP A 26 2.37 -2.82 18.38
CA ASP A 26 3.33 -1.72 18.71
C ASP A 26 2.59 -0.56 19.39
N LEU A 27 1.38 -0.32 18.99
CA LEU A 27 0.62 0.80 19.62
C LEU A 27 -0.79 0.34 19.98
N ASP A 28 -1.52 1.16 20.70
CA ASP A 28 -2.90 0.78 21.10
C ASP A 28 -3.69 0.34 19.89
N PRO A 29 -4.60 -0.58 20.09
CA PRO A 29 -5.44 -1.10 19.01
C PRO A 29 -6.36 0.04 18.65
N GLU A 30 -6.70 0.82 19.62
CA GLU A 30 -7.56 1.99 19.36
C GLU A 30 -6.68 3.09 18.76
N THR A 31 -5.41 3.13 19.13
CA THR A 31 -4.53 4.18 18.54
C THR A 31 -4.22 3.79 17.09
N VAL A 32 -3.75 2.59 16.88
CA VAL A 32 -3.45 2.14 15.50
C VAL A 32 -4.65 2.50 14.62
N ASP A 33 -5.83 2.29 15.14
CA ASP A 33 -7.06 2.64 14.37
C ASP A 33 -7.08 4.14 14.08
N ASP A 34 -6.66 4.95 15.03
CA ASP A 34 -6.68 6.42 14.81
C ASP A 34 -5.77 6.76 13.63
N ALA A 35 -4.67 6.08 13.51
CA ALA A 35 -3.76 6.36 12.38
C ALA A 35 -4.54 6.27 11.07
N PHE A 36 -5.57 5.48 11.03
CA PHE A 36 -6.36 5.37 9.77
C PHE A 36 -7.49 6.40 9.80
N ALA A 37 -7.91 6.80 10.98
CA ALA A 37 -8.98 7.83 11.06
C ALA A 37 -8.39 9.16 10.59
N ARG A 38 -7.24 9.50 11.08
CA ARG A 38 -6.59 10.77 10.65
C ARG A 38 -6.13 10.61 9.21
N ALA A 39 -5.61 9.45 8.88
CA ALA A 39 -5.16 9.24 7.48
C ALA A 39 -6.35 9.48 6.56
N PHE A 40 -7.52 9.02 6.96
CA PHE A 40 -8.73 9.23 6.13
C PHE A 40 -8.98 10.73 5.94
N GLN A 41 -8.89 11.48 7.01
CA GLN A 41 -9.11 12.95 6.90
C GLN A 41 -7.91 13.61 6.26
N VAL A 42 -6.80 12.93 6.19
CA VAL A 42 -5.60 13.55 5.58
C VAL A 42 -5.67 13.37 4.07
N TRP A 43 -6.30 12.33 3.63
CA TRP A 43 -6.39 12.08 2.17
C TRP A 43 -7.80 12.44 1.67
N SER A 44 -8.77 12.39 2.53
CA SER A 44 -10.16 12.74 2.11
C SER A 44 -10.35 14.25 2.20
N ASP A 45 -9.58 14.91 3.00
CA ASP A 45 -9.74 16.39 3.14
C ASP A 45 -9.52 17.06 1.77
N VAL A 46 -8.82 16.41 0.87
CA VAL A 46 -8.57 17.04 -0.45
C VAL A 46 -9.56 16.49 -1.49
N THR A 47 -10.62 15.87 -1.05
CA THR A 47 -11.61 15.31 -2.02
C THR A 47 -12.84 14.78 -1.27
N PRO A 48 -13.97 14.79 -1.95
CA PRO A 48 -15.24 14.32 -1.39
C PRO A 48 -15.27 12.79 -1.33
N LEU A 49 -14.21 12.18 -0.86
CA LEU A 49 -14.17 10.69 -0.77
C LEU A 49 -14.77 10.26 0.58
N ARG A 50 -15.47 9.15 0.59
CA ARG A 50 -16.08 8.66 1.86
C ARG A 50 -15.71 7.19 2.07
N PHE A 51 -14.72 6.92 2.88
CA PHE A 51 -14.33 5.49 3.09
C PHE A 51 -15.05 4.94 4.33
N SER A 52 -15.61 3.78 4.19
CA SER A 52 -16.33 3.15 5.35
C SER A 52 -15.60 1.86 5.77
N ARG A 53 -15.91 1.35 6.94
CA ARG A 53 -15.26 0.09 7.40
C ARG A 53 -16.31 -1.02 7.43
N ILE A 54 -15.96 -2.20 6.98
CA ILE A 54 -16.95 -3.31 7.01
C ILE A 54 -16.24 -4.63 7.28
N HIS A 55 -16.79 -5.41 8.16
CA HIS A 55 -16.18 -6.73 8.48
C HIS A 55 -17.29 -7.77 8.52
N ASP A 56 -18.20 -7.71 7.59
CA ASP A 56 -19.33 -8.69 7.57
C ASP A 56 -19.47 -9.31 6.17
N GLY A 57 -19.85 -8.52 5.20
CA GLY A 57 -20.02 -9.05 3.82
C GLY A 57 -18.78 -8.72 2.98
N GLU A 58 -17.61 -9.03 3.48
CA GLU A 58 -16.37 -8.74 2.71
C GLU A 58 -16.16 -7.23 2.61
N ALA A 59 -14.97 -6.82 2.29
CA ALA A 59 -14.68 -5.37 2.16
C ALA A 59 -14.00 -5.12 0.81
N ASP A 60 -13.79 -3.89 0.46
CA ASP A 60 -13.13 -3.59 -0.84
C ASP A 60 -11.61 -3.64 -0.70
N ILE A 61 -11.06 -2.86 0.19
CA ILE A 61 -9.58 -2.87 0.37
C ILE A 61 -9.19 -3.81 1.52
N MET A 62 -8.04 -4.43 1.43
CA MET A 62 -7.62 -5.36 2.51
C MET A 62 -6.25 -4.92 3.06
N ILE A 63 -6.19 -4.54 4.31
CA ILE A 63 -4.89 -4.10 4.91
C ILE A 63 -4.49 -5.09 6.00
N ASN A 64 -3.24 -5.41 6.10
CA ASN A 64 -2.84 -6.35 7.16
C ASN A 64 -1.36 -6.14 7.53
N PHE A 65 -0.67 -7.17 7.93
CA PHE A 65 0.75 -6.98 8.31
C PHE A 65 1.62 -8.10 7.73
N GLY A 66 2.92 -8.00 7.92
CA GLY A 66 3.83 -9.05 7.38
C GLY A 66 4.68 -9.66 8.52
N ARG A 67 4.28 -10.80 9.02
CA ARG A 67 5.02 -11.46 10.14
C ARG A 67 6.11 -12.40 9.59
N TRP A 68 6.13 -12.59 8.31
CA TRP A 68 7.15 -13.48 7.70
C TRP A 68 6.89 -13.57 6.19
N GLU A 69 7.42 -14.55 5.52
CA GLU A 69 7.21 -14.65 4.05
C GLU A 69 5.87 -15.33 3.74
N HIS A 70 4.76 -14.71 4.05
CA HIS A 70 3.44 -15.32 3.75
C HIS A 70 3.41 -15.76 2.28
N GLY A 71 2.28 -16.18 1.78
CA GLY A 71 2.23 -16.63 0.35
C GLY A 71 2.53 -15.43 -0.56
N ASP A 72 2.57 -14.24 -0.01
CA ASP A 72 2.87 -13.06 -0.85
C ASP A 72 4.18 -13.30 -1.58
N GLY A 73 4.73 -12.30 -2.22
CA GLY A 73 6.02 -12.50 -2.93
C GLY A 73 7.15 -11.78 -2.20
N TYR A 74 6.82 -10.98 -1.23
CA TYR A 74 7.88 -10.25 -0.48
C TYR A 74 7.96 -10.82 0.94
N PRO A 75 9.11 -11.36 1.28
CA PRO A 75 9.32 -11.97 2.60
C PRO A 75 9.50 -10.87 3.66
N PHE A 76 9.77 -11.26 4.88
CA PHE A 76 9.96 -10.24 5.95
C PHE A 76 11.35 -9.64 5.85
N ASP A 77 11.47 -8.37 6.06
CA ASP A 77 12.81 -7.73 5.97
C ASP A 77 13.21 -7.21 7.35
N GLY A 78 12.44 -7.50 8.35
CA GLY A 78 12.79 -7.02 9.73
C GLY A 78 12.79 -5.49 9.78
N LYS A 79 13.32 -4.91 10.83
CA LYS A 79 13.35 -3.43 10.95
C LYS A 79 13.76 -2.82 9.61
N ASP A 80 13.60 -1.54 9.48
CA ASP A 80 13.99 -0.87 8.21
C ASP A 80 13.57 -1.75 7.03
N GLY A 81 14.15 -1.51 5.87
CA GLY A 81 13.82 -2.34 4.68
C GLY A 81 12.35 -2.16 4.27
N LEU A 82 11.75 -3.20 3.75
CA LEU A 82 10.33 -3.13 3.31
C LEU A 82 9.51 -2.46 4.41
N LEU A 83 9.10 -1.24 4.22
CA LEU A 83 8.29 -0.56 5.28
C LEU A 83 6.81 -0.82 5.01
N ALA A 84 6.49 -1.26 3.83
CA ALA A 84 5.06 -1.54 3.49
C ALA A 84 4.94 -1.81 1.98
N HIS A 85 3.89 -2.46 1.56
CA HIS A 85 3.73 -2.73 0.10
C HIS A 85 2.26 -2.98 -0.23
N ALA A 86 1.84 -2.57 -1.40
CA ALA A 86 0.41 -2.76 -1.78
C ALA A 86 0.33 -3.42 -3.15
N PHE A 87 -0.80 -4.00 -3.47
CA PHE A 87 -0.93 -4.69 -4.79
C PHE A 87 -1.71 -3.82 -5.78
N ALA A 88 -1.64 -4.18 -7.04
CA ALA A 88 -2.39 -3.40 -8.07
C ALA A 88 -3.87 -3.81 -8.04
N PRO A 89 -4.68 -3.03 -8.69
CA PRO A 89 -6.13 -3.29 -8.76
C PRO A 89 -6.42 -4.42 -9.75
N GLY A 90 -7.55 -5.06 -9.60
CA GLY A 90 -7.89 -6.17 -10.53
C GLY A 90 -9.28 -6.72 -10.17
N THR A 91 -9.34 -7.84 -9.50
CA THR A 91 -10.67 -8.40 -9.13
C THR A 91 -10.55 -9.21 -7.83
N GLY A 92 -10.75 -8.57 -6.70
CA GLY A 92 -10.66 -9.31 -5.41
C GLY A 92 -9.36 -8.93 -4.70
N VAL A 93 -8.24 -9.41 -5.17
CA VAL A 93 -6.94 -9.08 -4.51
C VAL A 93 -6.51 -7.66 -4.90
N GLY A 94 -7.27 -7.00 -5.73
CA GLY A 94 -6.90 -5.61 -6.11
C GLY A 94 -7.23 -4.66 -4.97
N GLY A 95 -6.39 -3.70 -4.70
CA GLY A 95 -6.67 -2.74 -3.59
C GLY A 95 -6.45 -3.43 -2.24
N ASP A 96 -5.23 -3.76 -1.92
CA ASP A 96 -4.95 -4.44 -0.63
C ASP A 96 -3.47 -4.28 -0.29
N SER A 97 -3.17 -3.61 0.79
CA SER A 97 -1.74 -3.41 1.17
C SER A 97 -1.45 -4.09 2.50
N HIS A 98 -0.20 -4.40 2.75
CA HIS A 98 0.16 -5.06 4.04
C HIS A 98 1.32 -4.29 4.67
N PHE A 99 1.38 -4.23 5.98
CA PHE A 99 2.47 -3.48 6.65
C PHE A 99 3.42 -4.45 7.37
N ASP A 100 4.70 -4.17 7.40
CA ASP A 100 5.65 -5.10 8.09
C ASP A 100 5.05 -5.51 9.45
N ASP A 101 5.62 -6.52 10.07
CA ASP A 101 5.10 -6.95 11.39
C ASP A 101 5.96 -6.32 12.49
N ASP A 102 7.18 -5.99 12.16
CA ASP A 102 8.07 -5.33 13.16
C ASP A 102 8.09 -3.82 12.90
N GLU A 103 9.21 -3.18 13.11
CA GLU A 103 9.32 -1.71 12.86
C GLU A 103 8.61 -0.95 13.99
N LEU A 104 9.22 0.10 14.48
CA LEU A 104 8.60 0.89 15.59
C LEU A 104 7.79 2.07 15.03
N TRP A 105 6.53 1.87 14.76
CA TRP A 105 5.69 2.99 14.23
C TRP A 105 4.95 3.62 15.41
N THR A 106 4.60 4.88 15.31
CA THR A 106 3.88 5.52 16.45
C THR A 106 2.73 6.41 15.96
N ASN A 107 1.79 6.70 16.82
CA ASN A 107 0.65 7.57 16.43
C ASN A 107 0.74 8.89 17.19
N THR A 108 1.78 9.08 17.96
CA THR A 108 1.91 10.35 18.74
C THR A 108 3.36 10.86 18.71
N SER A 109 3.97 10.92 17.55
CA SER A 109 5.38 11.42 17.48
C SER A 109 6.22 10.77 18.59
N ALA A 110 6.69 9.56 18.39
CA ALA A 110 7.52 8.90 19.45
C ALA A 110 8.74 8.22 18.81
N ASN A 111 8.55 7.56 17.69
CA ASN A 111 9.69 6.90 17.00
C ASN A 111 9.54 7.17 15.49
N TYR A 112 8.66 6.46 14.83
CA TYR A 112 8.43 6.71 13.38
C TYR A 112 7.07 7.40 13.22
N SER A 113 6.04 6.68 12.84
CA SER A 113 4.69 7.31 12.72
C SER A 113 3.74 6.40 11.92
N LEU A 114 2.91 5.65 12.62
CA LEU A 114 1.95 4.75 11.93
C LEU A 114 1.13 5.54 10.89
N PHE A 115 0.82 6.76 11.18
CA PHE A 115 0.02 7.58 10.22
C PHE A 115 0.84 7.83 8.94
N LEU A 116 2.09 8.16 9.07
CA LEU A 116 2.91 8.43 7.85
C LEU A 116 2.93 7.19 6.96
N VAL A 117 3.42 6.11 7.46
CA VAL A 117 3.47 4.87 6.63
C VAL A 117 2.05 4.57 6.10
N ALA A 118 1.05 4.81 6.89
CA ALA A 118 -0.35 4.57 6.44
C ALA A 118 -0.67 5.46 5.24
N ALA A 119 -0.40 6.73 5.34
CA ALA A 119 -0.69 7.66 4.21
C ALA A 119 -0.02 7.13 2.94
N HIS A 120 1.24 6.79 3.03
CA HIS A 120 1.95 6.25 1.84
C HIS A 120 1.07 5.18 1.18
N GLU A 121 0.89 4.07 1.84
CA GLU A 121 0.01 2.99 1.27
C GLU A 121 -1.37 3.57 0.99
N PHE A 122 -1.70 4.65 1.64
CA PHE A 122 -3.03 5.28 1.41
C PHE A 122 -3.01 5.99 0.07
N GLY A 123 -1.85 6.14 -0.50
CA GLY A 123 -1.72 6.82 -1.81
C GLY A 123 -1.68 5.76 -2.91
N HIS A 124 -0.85 4.75 -2.74
CA HIS A 124 -0.75 3.68 -3.77
C HIS A 124 -2.12 3.03 -3.95
N ALA A 125 -2.76 2.65 -2.87
CA ALA A 125 -4.10 1.98 -2.98
C ALA A 125 -5.15 2.99 -3.44
N MET A 126 -4.80 4.24 -3.57
CA MET A 126 -5.80 5.25 -3.99
C MET A 126 -5.57 5.61 -5.45
N GLY A 127 -4.48 5.19 -6.02
CA GLY A 127 -4.22 5.50 -7.45
C GLY A 127 -2.83 6.11 -7.61
N LEU A 128 -2.60 7.26 -7.05
CA LEU A 128 -1.26 7.88 -7.19
C LEU A 128 -0.19 6.85 -6.85
N GLU A 129 1.04 7.22 -6.99
CA GLU A 129 2.16 6.27 -6.68
C GLU A 129 3.48 7.02 -6.69
N HIS A 130 4.55 6.31 -6.58
CA HIS A 130 5.89 6.97 -6.57
C HIS A 130 6.00 7.94 -7.76
N SER A 131 6.08 9.21 -7.47
CA SER A 131 6.22 10.22 -8.56
C SER A 131 7.69 10.34 -8.94
N GLN A 132 8.44 11.03 -8.14
CA GLN A 132 9.91 11.21 -8.38
C GLN A 132 10.37 12.42 -7.57
N ASP A 133 9.49 13.35 -7.35
CA ASP A 133 9.86 14.56 -6.58
C ASP A 133 10.36 14.16 -5.19
N PRO A 134 11.47 14.72 -4.78
CA PRO A 134 12.07 14.43 -3.49
C PRO A 134 11.29 15.14 -2.39
N GLY A 135 10.69 14.36 -1.59
CA GLY A 135 9.88 14.90 -0.46
C GLY A 135 8.39 14.58 -0.65
N ALA A 136 7.98 14.17 -1.82
CA ALA A 136 6.54 13.87 -2.04
C ALA A 136 6.10 12.74 -1.09
N LEU A 137 4.82 12.63 -0.84
CA LEU A 137 4.34 11.57 0.09
C LEU A 137 4.48 10.19 -0.57
N MET A 138 4.57 10.15 -1.87
CA MET A 138 4.73 8.84 -2.56
C MET A 138 6.20 8.62 -2.92
N ALA A 139 7.04 9.53 -2.55
CA ALA A 139 8.49 9.39 -2.88
C ALA A 139 9.10 8.25 -2.06
N PRO A 140 10.18 7.71 -2.57
CA PRO A 140 10.90 6.62 -1.92
C PRO A 140 11.75 7.12 -0.76
N ILE A 141 11.12 7.63 0.26
CA ILE A 141 11.90 8.13 1.43
C ILE A 141 10.98 8.19 2.66
N TYR A 142 11.32 9.00 3.62
CA TYR A 142 10.48 9.09 4.86
C TYR A 142 10.86 10.33 5.67
N THR A 143 9.93 11.23 5.87
CA THR A 143 10.22 12.48 6.65
C THR A 143 9.04 12.78 7.58
N TYR A 144 9.09 12.36 8.81
CA TYR A 144 7.97 12.64 9.75
C TYR A 144 7.52 14.10 9.60
N THR A 145 6.32 14.38 10.00
CA THR A 145 5.80 15.77 9.90
C THR A 145 4.75 15.98 10.99
N LYS A 146 4.91 16.97 11.83
CA LYS A 146 3.90 17.20 12.90
C LYS A 146 2.51 17.17 12.27
N ASN A 147 1.66 16.31 12.72
CA ASN A 147 0.30 16.24 12.14
C ASN A 147 0.43 15.94 10.64
N PHE A 148 0.42 16.95 9.81
CA PHE A 148 0.54 16.70 8.35
C PHE A 148 0.44 18.03 7.58
N ARG A 149 1.20 18.19 6.52
CA ARG A 149 1.13 19.46 5.74
C ARG A 149 0.42 19.21 4.42
N LEU A 150 0.21 17.98 4.09
CA LEU A 150 -0.45 17.65 2.81
C LEU A 150 0.48 18.07 1.66
N SER A 151 0.58 17.28 0.63
CA SER A 151 1.48 17.64 -0.49
C SER A 151 0.65 17.96 -1.74
N GLN A 152 0.81 19.15 -2.27
CA GLN A 152 0.04 19.55 -3.49
C GLN A 152 0.14 18.48 -4.56
N ASP A 153 1.33 18.08 -4.90
CA ASP A 153 1.50 17.03 -5.94
C ASP A 153 0.46 15.93 -5.68
N ASP A 154 0.08 15.76 -4.44
CA ASP A 154 -0.95 14.73 -4.08
C ASP A 154 -2.34 15.37 -4.12
N ILE A 155 -2.41 16.65 -3.87
CA ILE A 155 -3.72 17.37 -3.91
C ILE A 155 -4.13 17.53 -5.37
N LYS A 156 -3.15 17.63 -6.23
CA LYS A 156 -3.44 17.77 -7.68
C LYS A 156 -3.54 16.38 -8.31
N GLY A 157 -2.65 15.50 -7.94
CA GLY A 157 -2.69 14.11 -8.49
C GLY A 157 -3.98 13.41 -8.03
N ILE A 158 -4.54 13.82 -6.92
CA ILE A 158 -5.80 13.16 -6.45
C ILE A 158 -6.98 13.83 -7.13
N GLN A 159 -7.04 15.12 -7.14
CA GLN A 159 -8.18 15.81 -7.80
C GLN A 159 -8.35 15.26 -9.20
N GLU A 160 -7.28 14.87 -9.84
CA GLU A 160 -7.40 14.33 -11.22
C GLU A 160 -7.70 12.84 -11.16
N LEU A 161 -7.26 12.17 -10.13
CA LEU A 161 -7.52 10.71 -10.01
C LEU A 161 -8.85 10.47 -9.28
N TYR A 162 -9.37 11.46 -8.61
CA TYR A 162 -10.67 11.24 -7.89
C TYR A 162 -11.68 12.31 -8.29
N GLY A 163 -11.28 13.55 -8.30
CA GLY A 163 -12.23 14.63 -8.69
C GLY A 163 -12.37 15.63 -7.54
N MET A 1 -19.53 8.30 -25.54
CA MET A 1 -18.11 8.63 -25.88
C MET A 1 -17.19 8.18 -24.75
N TYR A 2 -16.23 7.34 -25.06
CA TYR A 2 -15.30 6.85 -24.00
C TYR A 2 -14.16 7.87 -23.82
N ASN A 3 -13.17 7.53 -23.03
CA ASN A 3 -12.06 8.51 -22.79
C ASN A 3 -12.70 9.86 -22.40
N PHE A 4 -12.87 10.12 -21.12
CA PHE A 4 -13.52 11.40 -20.70
C PHE A 4 -12.46 12.49 -20.49
N PHE A 5 -11.28 12.12 -20.04
CA PHE A 5 -10.22 13.13 -19.83
C PHE A 5 -8.95 12.45 -19.27
N PRO A 6 -9.10 11.76 -18.16
CA PRO A 6 -7.98 11.05 -17.52
C PRO A 6 -7.70 9.73 -18.24
N ARG A 7 -6.51 9.20 -18.07
CA ARG A 7 -6.17 7.91 -18.73
C ARG A 7 -6.88 6.77 -17.99
N LYS A 8 -6.45 6.44 -16.80
CA LYS A 8 -7.10 5.33 -16.07
C LYS A 8 -8.11 5.90 -15.06
N PRO A 9 -9.22 5.23 -14.93
CA PRO A 9 -10.28 5.64 -14.00
C PRO A 9 -9.84 5.27 -12.58
N LYS A 10 -9.03 6.10 -11.96
CA LYS A 10 -8.55 5.78 -10.60
C LYS A 10 -9.76 5.45 -9.72
N TRP A 11 -9.53 5.06 -8.50
CA TRP A 11 -10.67 4.74 -7.60
C TRP A 11 -11.46 6.01 -7.30
N ASP A 12 -12.76 5.90 -7.26
CA ASP A 12 -13.59 7.10 -6.96
C ASP A 12 -13.22 7.60 -5.57
N LYS A 13 -13.62 8.81 -5.23
CA LYS A 13 -13.27 9.34 -3.89
C LYS A 13 -14.55 9.63 -3.10
N ASN A 14 -14.43 10.20 -1.92
CA ASN A 14 -15.63 10.50 -1.10
C ASN A 14 -16.36 9.18 -0.76
N GLN A 15 -16.87 9.05 0.43
CA GLN A 15 -17.60 7.79 0.80
C GLN A 15 -16.78 6.58 0.34
N ILE A 16 -15.72 6.24 1.03
CA ILE A 16 -14.89 5.07 0.62
C ILE A 16 -15.07 3.96 1.66
N THR A 17 -15.22 2.73 1.22
CA THR A 17 -15.42 1.60 2.18
C THR A 17 -14.32 0.55 2.05
N TYR A 18 -13.82 0.07 3.15
CA TYR A 18 -12.76 -0.97 3.10
C TYR A 18 -12.84 -1.88 4.33
N ARG A 19 -12.40 -3.10 4.20
CA ARG A 19 -12.44 -4.05 5.35
C ARG A 19 -11.11 -4.78 5.47
N ILE A 20 -10.63 -4.95 6.66
CA ILE A 20 -9.34 -5.64 6.86
C ILE A 20 -9.54 -7.16 6.79
N ILE A 21 -8.87 -7.80 5.88
CA ILE A 21 -8.99 -9.28 5.76
C ILE A 21 -8.38 -9.95 7.01
N GLY A 22 -7.82 -9.20 7.92
CA GLY A 22 -7.21 -9.82 9.12
C GLY A 22 -5.97 -9.03 9.52
N TYR A 23 -6.13 -7.97 10.27
CA TYR A 23 -4.94 -7.20 10.70
C TYR A 23 -3.97 -8.22 11.32
N THR A 24 -2.75 -7.86 11.60
CA THR A 24 -1.82 -8.89 12.16
C THR A 24 -2.01 -8.96 13.66
N PRO A 25 -1.79 -10.12 14.21
CA PRO A 25 -1.95 -10.37 15.65
C PRO A 25 -0.74 -9.86 16.40
N ASP A 26 0.34 -9.73 15.70
CA ASP A 26 1.60 -9.25 16.34
C ASP A 26 1.28 -8.10 17.32
N LEU A 27 0.20 -7.39 17.13
CA LEU A 27 -0.12 -6.27 18.08
C LEU A 27 -1.59 -6.31 18.50
N ASP A 28 -1.97 -5.47 19.41
CA ASP A 28 -3.39 -5.43 19.87
C ASP A 28 -4.30 -5.41 18.65
N PRO A 29 -5.36 -6.16 18.70
CA PRO A 29 -6.33 -6.22 17.60
C PRO A 29 -7.04 -4.88 17.56
N GLU A 30 -7.22 -4.30 18.72
CA GLU A 30 -7.87 -2.97 18.78
C GLU A 30 -6.82 -1.92 18.42
N THR A 31 -5.55 -2.21 18.65
CA THR A 31 -4.51 -1.21 18.28
C THR A 31 -4.37 -1.24 16.76
N VAL A 32 -4.19 -2.41 16.22
CA VAL A 32 -4.06 -2.55 14.74
C VAL A 32 -5.27 -1.89 14.08
N ASP A 33 -6.41 -2.02 14.71
CA ASP A 33 -7.62 -1.38 14.14
C ASP A 33 -7.51 0.12 14.39
N ASP A 34 -6.76 0.50 15.39
CA ASP A 34 -6.60 1.95 15.71
C ASP A 34 -5.74 2.59 14.61
N ALA A 35 -4.69 1.91 14.20
CA ALA A 35 -3.82 2.43 13.12
C ALA A 35 -4.68 2.78 11.90
N PHE A 36 -5.67 1.98 11.63
CA PHE A 36 -6.57 2.26 10.48
C PHE A 36 -7.49 3.42 10.85
N ALA A 37 -7.74 3.58 12.12
CA ALA A 37 -8.62 4.71 12.56
C ALA A 37 -7.83 6.01 12.49
N ARG A 38 -6.68 6.03 13.10
CA ARG A 38 -5.83 7.25 13.07
C ARG A 38 -5.51 7.58 11.60
N ALA A 39 -5.35 6.57 10.80
CA ALA A 39 -5.05 6.80 9.38
C ALA A 39 -6.21 7.54 8.71
N PHE A 40 -7.41 7.09 8.97
CA PHE A 40 -8.59 7.76 8.37
C PHE A 40 -8.54 9.25 8.71
N GLN A 41 -8.05 9.58 9.88
CA GLN A 41 -7.95 11.02 10.24
C GLN A 41 -6.66 11.61 9.64
N VAL A 42 -5.79 10.76 9.14
CA VAL A 42 -4.52 11.26 8.52
C VAL A 42 -4.86 11.88 7.16
N TRP A 43 -5.85 11.35 6.49
CA TRP A 43 -6.27 11.91 5.16
C TRP A 43 -7.53 12.76 5.32
N SER A 44 -8.55 12.23 5.95
CA SER A 44 -9.81 13.00 6.14
C SER A 44 -9.48 14.34 6.80
N ASP A 45 -8.49 14.35 7.64
CA ASP A 45 -8.10 15.59 8.34
C ASP A 45 -7.81 16.70 7.32
N VAL A 46 -7.30 16.35 6.16
CA VAL A 46 -7.02 17.40 5.12
C VAL A 46 -8.05 17.33 3.98
N THR A 47 -9.23 16.80 4.23
CA THR A 47 -10.25 16.73 3.14
C THR A 47 -11.59 16.23 3.71
N PRO A 48 -12.64 16.61 3.05
CA PRO A 48 -14.02 16.23 3.42
C PRO A 48 -14.35 14.83 2.93
N LEU A 49 -13.36 14.08 2.52
CA LEU A 49 -13.63 12.71 2.04
C LEU A 49 -14.17 11.90 3.20
N ARG A 50 -15.01 10.94 2.93
CA ARG A 50 -15.57 10.13 4.05
C ARG A 50 -15.00 8.72 4.01
N PHE A 51 -14.66 8.17 5.14
CA PHE A 51 -14.13 6.78 5.14
C PHE A 51 -15.07 5.88 5.93
N SER A 52 -15.36 4.72 5.41
CA SER A 52 -16.27 3.80 6.15
C SER A 52 -15.63 2.42 6.29
N ARG A 53 -15.42 1.97 7.50
CA ARG A 53 -14.81 0.62 7.68
C ARG A 53 -15.96 -0.39 7.83
N ILE A 54 -15.92 -1.49 7.12
CA ILE A 54 -17.03 -2.48 7.23
C ILE A 54 -16.45 -3.85 7.54
N HIS A 55 -17.18 -4.65 8.27
CA HIS A 55 -16.67 -6.00 8.60
C HIS A 55 -17.46 -7.05 7.83
N ASP A 56 -18.59 -6.68 7.28
CA ASP A 56 -19.40 -7.66 6.52
C ASP A 56 -19.88 -7.04 5.20
N GLY A 57 -20.81 -7.67 4.54
CA GLY A 57 -21.31 -7.11 3.25
C GLY A 57 -20.14 -6.89 2.29
N GLU A 58 -20.38 -6.23 1.18
CA GLU A 58 -19.30 -5.98 0.19
C GLU A 58 -18.42 -4.81 0.64
N ALA A 59 -17.21 -4.74 0.15
CA ALA A 59 -16.30 -3.63 0.55
C ALA A 59 -15.60 -3.11 -0.70
N ASP A 60 -14.50 -2.42 -0.53
CA ASP A 60 -13.79 -1.89 -1.72
C ASP A 60 -12.30 -2.18 -1.59
N ILE A 61 -11.69 -1.72 -0.52
CA ILE A 61 -10.24 -1.96 -0.35
C ILE A 61 -10.00 -3.14 0.58
N MET A 62 -8.89 -3.82 0.42
CA MET A 62 -8.64 -4.99 1.32
C MET A 62 -7.36 -4.76 2.12
N ILE A 63 -7.43 -4.81 3.43
CA ILE A 63 -6.19 -4.60 4.23
C ILE A 63 -5.88 -5.86 5.04
N ASN A 64 -4.63 -6.19 5.17
CA ASN A 64 -4.26 -7.39 5.95
C ASN A 64 -2.75 -7.64 5.86
N PHE A 65 -2.28 -8.72 6.42
CA PHE A 65 -0.81 -9.01 6.40
C PHE A 65 -0.41 -9.82 5.14
N GLY A 66 0.79 -10.36 5.11
CA GLY A 66 1.23 -11.16 3.91
C GLY A 66 2.21 -12.26 4.34
N ARG A 67 1.87 -13.03 5.34
CA ARG A 67 2.78 -14.12 5.79
C ARG A 67 3.09 -15.04 4.60
N TRP A 68 3.72 -16.15 4.86
CA TRP A 68 4.05 -17.11 3.75
C TRP A 68 2.80 -17.39 2.92
N GLU A 69 1.76 -17.85 3.55
CA GLU A 69 0.50 -18.16 2.81
C GLU A 69 -0.14 -16.87 2.31
N HIS A 70 -0.39 -16.80 1.02
CA HIS A 70 -1.03 -15.60 0.43
C HIS A 70 -1.30 -15.88 -1.05
N GLY A 71 -0.26 -15.93 -1.84
CA GLY A 71 -0.44 -16.22 -3.29
C GLY A 71 0.39 -15.24 -4.13
N ASP A 72 0.77 -14.12 -3.55
CA ASP A 72 1.56 -13.10 -4.28
C ASP A 72 2.73 -13.74 -5.05
N GLY A 73 3.54 -12.93 -5.69
CA GLY A 73 4.70 -13.46 -6.45
C GLY A 73 5.94 -13.44 -5.56
N TYR A 74 5.82 -12.96 -4.35
CA TYR A 74 7.01 -12.93 -3.47
C TYR A 74 6.59 -13.26 -2.03
N PRO A 75 6.38 -14.54 -1.79
CA PRO A 75 5.99 -15.04 -0.46
C PRO A 75 7.23 -15.09 0.44
N PHE A 76 7.08 -14.72 1.69
CA PHE A 76 8.26 -14.73 2.62
C PHE A 76 9.35 -13.81 2.08
N ASP A 77 10.24 -13.39 2.93
CA ASP A 77 11.35 -12.47 2.51
C ASP A 77 12.25 -12.19 3.72
N GLY A 78 11.68 -12.19 4.89
CA GLY A 78 12.49 -11.90 6.11
C GLY A 78 12.28 -10.44 6.54
N LYS A 79 13.22 -9.87 7.23
CA LYS A 79 13.09 -8.47 7.69
C LYS A 79 13.16 -7.49 6.53
N ASP A 80 12.81 -6.26 6.78
CA ASP A 80 12.83 -5.23 5.70
C ASP A 80 12.29 -5.85 4.40
N GLY A 81 12.76 -5.39 3.27
CA GLY A 81 12.28 -5.95 1.97
C GLY A 81 10.76 -5.89 1.91
N LEU A 82 10.14 -6.95 1.48
CA LEU A 82 8.66 -6.98 1.40
C LEU A 82 8.08 -6.52 2.73
N LEU A 83 7.69 -5.28 2.83
CA LEU A 83 7.13 -4.78 4.11
C LEU A 83 5.63 -4.51 3.91
N ALA A 84 5.25 -4.18 2.72
CA ALA A 84 3.82 -3.89 2.45
C ALA A 84 3.67 -3.58 0.96
N HIS A 85 2.51 -3.79 0.41
CA HIS A 85 2.35 -3.51 -1.04
C HIS A 85 0.90 -3.13 -1.34
N ALA A 86 0.62 -2.75 -2.56
CA ALA A 86 -0.78 -2.37 -2.92
C ALA A 86 -1.08 -2.80 -4.35
N PHE A 87 -2.30 -3.23 -4.61
CA PHE A 87 -2.65 -3.66 -5.99
C PHE A 87 -3.07 -2.42 -6.79
N ALA A 88 -2.98 -2.49 -8.09
CA ALA A 88 -3.37 -1.32 -8.93
C ALA A 88 -4.87 -1.06 -8.79
N PRO A 89 -5.30 0.02 -9.38
CA PRO A 89 -6.71 0.45 -9.37
C PRO A 89 -7.50 -0.28 -10.46
N GLY A 90 -8.78 -0.39 -10.28
CA GLY A 90 -9.60 -1.08 -11.31
C GLY A 90 -11.07 -1.04 -10.91
N THR A 91 -11.73 -2.16 -10.89
CA THR A 91 -13.16 -2.16 -10.51
C THR A 91 -13.46 -3.31 -9.56
N GLY A 92 -12.81 -3.34 -8.44
CA GLY A 92 -13.07 -4.44 -7.46
C GLY A 92 -11.77 -4.83 -6.77
N VAL A 93 -10.85 -5.41 -7.49
CA VAL A 93 -9.56 -5.80 -6.86
C VAL A 93 -8.68 -4.56 -6.76
N GLY A 94 -9.19 -3.44 -7.20
CA GLY A 94 -8.38 -2.20 -7.15
C GLY A 94 -8.39 -1.64 -5.73
N GLY A 95 -7.26 -1.23 -5.23
CA GLY A 95 -7.19 -0.65 -3.86
C GLY A 95 -7.09 -1.75 -2.81
N ASP A 96 -5.90 -2.12 -2.45
CA ASP A 96 -5.75 -3.17 -1.42
C ASP A 96 -4.35 -3.09 -0.83
N SER A 97 -4.25 -2.87 0.45
CA SER A 97 -2.91 -2.76 1.07
C SER A 97 -2.63 -3.97 1.97
N HIS A 98 -1.49 -4.57 1.80
CA HIS A 98 -1.14 -5.73 2.63
C HIS A 98 0.13 -5.44 3.42
N PHE A 99 0.25 -6.00 4.58
CA PHE A 99 1.46 -5.74 5.40
C PHE A 99 2.30 -7.03 5.52
N ASP A 100 3.60 -6.90 5.60
CA ASP A 100 4.51 -8.07 5.72
C ASP A 100 4.53 -8.51 7.18
N ASP A 101 4.04 -9.68 7.47
CA ASP A 101 4.00 -10.15 8.87
C ASP A 101 5.43 -10.14 9.42
N ASP A 102 6.10 -11.27 9.38
CA ASP A 102 7.50 -11.38 9.88
C ASP A 102 7.82 -10.25 10.89
N GLU A 103 8.37 -9.15 10.46
CA GLU A 103 8.71 -8.04 11.40
C GLU A 103 7.57 -7.84 12.41
N LEU A 104 7.84 -7.19 13.50
CA LEU A 104 6.79 -6.96 14.52
C LEU A 104 6.35 -5.50 14.49
N TRP A 105 5.24 -5.22 13.86
CA TRP A 105 4.77 -3.82 13.78
C TRP A 105 3.61 -3.59 14.79
N THR A 106 3.50 -2.40 15.33
CA THR A 106 2.39 -2.10 16.30
C THR A 106 2.16 -0.60 16.38
N ASN A 107 1.54 -0.13 17.45
CA ASN A 107 1.27 1.32 17.60
C ASN A 107 1.28 1.69 19.09
N THR A 108 2.43 1.65 19.71
CA THR A 108 2.54 2.01 21.15
C THR A 108 4.03 2.15 21.49
N SER A 109 4.65 1.15 22.06
CA SER A 109 6.11 1.25 22.37
C SER A 109 6.78 -0.12 22.14
N ALA A 110 6.71 -0.62 20.94
CA ALA A 110 7.34 -1.96 20.63
C ALA A 110 8.00 -1.96 19.24
N ASN A 111 7.57 -1.11 18.35
CA ASN A 111 8.19 -1.07 16.99
C ASN A 111 7.69 0.17 16.23
N TYR A 112 7.66 0.14 14.93
CA TYR A 112 7.17 1.34 14.18
C TYR A 112 5.69 1.50 14.45
N SER A 113 5.03 2.33 13.70
CA SER A 113 3.57 2.53 13.93
C SER A 113 2.77 1.82 12.83
N LEU A 114 1.97 0.86 13.21
CA LEU A 114 1.14 0.14 12.21
C LEU A 114 0.35 1.15 11.40
N PHE A 115 0.16 2.31 11.95
CA PHE A 115 -0.58 3.34 11.23
C PHE A 115 0.33 3.93 10.15
N LEU A 116 1.59 4.10 10.46
CA LEU A 116 2.52 4.68 9.48
C LEU A 116 2.66 3.76 8.29
N VAL A 117 3.02 2.54 8.52
CA VAL A 117 3.16 1.59 7.39
C VAL A 117 1.86 1.60 6.59
N ALA A 118 0.75 1.44 7.26
CA ALA A 118 -0.56 1.45 6.56
C ALA A 118 -0.70 2.78 5.80
N ALA A 119 -0.51 3.89 6.47
CA ALA A 119 -0.60 5.23 5.80
C ALA A 119 0.16 5.19 4.47
N HIS A 120 1.42 4.86 4.53
CA HIS A 120 2.25 4.78 3.30
C HIS A 120 1.45 4.09 2.21
N GLU A 121 1.20 2.82 2.38
CA GLU A 121 0.41 2.07 1.36
C GLU A 121 -0.97 2.67 1.25
N PHE A 122 -1.42 3.36 2.27
CA PHE A 122 -2.75 3.99 2.18
C PHE A 122 -2.64 5.19 1.26
N GLY A 123 -1.45 5.51 0.84
CA GLY A 123 -1.26 6.67 -0.08
C GLY A 123 -1.18 6.11 -1.49
N HIS A 124 -0.37 5.10 -1.69
CA HIS A 124 -0.30 4.50 -3.04
C HIS A 124 -1.70 3.97 -3.38
N ALA A 125 -2.35 3.35 -2.44
CA ALA A 125 -3.72 2.82 -2.70
C ALA A 125 -4.64 3.99 -3.06
N MET A 126 -4.22 5.20 -2.77
CA MET A 126 -5.08 6.39 -3.10
C MET A 126 -4.86 6.82 -4.55
N GLY A 127 -4.28 5.98 -5.35
CA GLY A 127 -4.06 6.36 -6.77
C GLY A 127 -2.61 6.82 -6.98
N LEU A 128 -2.28 7.98 -6.49
CA LEU A 128 -0.90 8.53 -6.62
C LEU A 128 0.15 7.41 -6.60
N GLU A 129 1.22 7.58 -7.35
CA GLU A 129 2.26 6.52 -7.36
C GLU A 129 3.51 7.03 -6.68
N HIS A 130 4.52 6.22 -6.63
CA HIS A 130 5.78 6.65 -5.99
C HIS A 130 6.17 8.01 -6.55
N SER A 131 6.57 8.91 -5.71
CA SER A 131 6.94 10.26 -6.18
C SER A 131 8.45 10.32 -6.45
N GLN A 132 9.04 11.49 -6.32
CA GLN A 132 10.50 11.63 -6.56
C GLN A 132 11.13 12.44 -5.42
N ASP A 133 10.32 12.93 -4.52
CA ASP A 133 10.87 13.75 -3.39
C ASP A 133 11.39 12.81 -2.29
N PRO A 134 12.56 13.12 -1.79
CA PRO A 134 13.20 12.34 -0.73
C PRO A 134 12.58 12.64 0.61
N GLY A 135 11.93 11.67 1.13
CA GLY A 135 11.27 11.82 2.45
C GLY A 135 9.76 11.96 2.26
N ALA A 136 9.34 12.04 1.03
CA ALA A 136 7.89 12.16 0.73
C ALA A 136 7.12 11.03 1.41
N LEU A 137 5.84 11.19 1.56
CA LEU A 137 5.02 10.12 2.19
C LEU A 137 5.02 8.88 1.28
N MET A 138 5.03 9.10 -0.02
CA MET A 138 4.99 7.96 -0.98
C MET A 138 6.36 7.78 -1.64
N ALA A 139 7.42 8.16 -0.99
CA ALA A 139 8.75 7.98 -1.61
C ALA A 139 9.18 6.52 -1.48
N PRO A 140 10.17 6.15 -2.25
CA PRO A 140 10.71 4.77 -2.29
C PRO A 140 11.53 4.43 -1.03
N ILE A 141 11.43 5.20 0.01
CA ILE A 141 12.23 4.93 1.24
C ILE A 141 11.35 5.12 2.49
N TYR A 142 11.48 4.26 3.46
CA TYR A 142 10.65 4.39 4.69
C TYR A 142 11.20 5.51 5.58
N THR A 143 10.36 6.41 6.02
CA THR A 143 10.84 7.52 6.87
C THR A 143 9.71 7.95 7.80
N TYR A 144 9.56 7.26 8.91
CA TYR A 144 8.45 7.60 9.86
C TYR A 144 8.34 9.12 9.99
N THR A 145 7.25 9.61 10.51
CA THR A 145 7.09 11.09 10.63
C THR A 145 7.13 11.52 12.11
N LYS A 146 8.09 12.34 12.47
CA LYS A 146 8.18 12.79 13.89
C LYS A 146 6.78 13.18 14.39
N ASN A 147 6.17 12.34 15.20
CA ASN A 147 4.80 12.64 15.71
C ASN A 147 3.79 12.57 14.57
N PHE A 148 3.71 13.58 13.76
CA PHE A 148 2.76 13.55 12.64
C PHE A 148 2.71 14.94 12.00
N ARG A 149 3.16 15.04 10.78
CA ARG A 149 3.15 16.35 10.10
C ARG A 149 2.58 16.20 8.69
N LEU A 150 2.59 15.01 8.14
CA LEU A 150 2.10 14.83 6.76
C LEU A 150 3.13 15.45 5.78
N SER A 151 2.75 15.76 4.57
CA SER A 151 3.72 16.36 3.61
C SER A 151 2.94 16.99 2.45
N GLN A 152 3.19 18.23 2.16
CA GLN A 152 2.47 18.91 1.05
C GLN A 152 2.43 17.98 -0.15
N ASP A 153 3.54 17.37 -0.48
CA ASP A 153 3.52 16.46 -1.66
C ASP A 153 2.27 15.60 -1.60
N ASP A 154 1.88 15.21 -0.41
CA ASP A 154 0.67 14.37 -0.26
C ASP A 154 -0.56 15.28 -0.15
N ILE A 155 -0.41 16.46 0.39
CA ILE A 155 -1.57 17.39 0.50
C ILE A 155 -1.92 17.90 -0.92
N LYS A 156 -0.93 18.14 -1.74
CA LYS A 156 -1.19 18.64 -3.12
C LYS A 156 -1.77 17.53 -3.97
N GLY A 157 -1.23 16.35 -3.88
CA GLY A 157 -1.76 15.22 -4.69
C GLY A 157 -3.17 14.88 -4.20
N ILE A 158 -3.35 14.69 -2.92
CA ILE A 158 -4.72 14.36 -2.40
C ILE A 158 -5.72 15.41 -2.89
N GLN A 159 -5.37 16.67 -2.84
CA GLN A 159 -6.33 17.71 -3.31
C GLN A 159 -6.56 17.56 -4.81
N GLU A 160 -5.53 17.33 -5.58
CA GLU A 160 -5.74 17.14 -7.04
C GLU A 160 -6.72 15.98 -7.26
N LEU A 161 -6.81 15.11 -6.28
CA LEU A 161 -7.72 13.92 -6.41
C LEU A 161 -9.03 14.22 -5.66
N TYR A 162 -8.96 14.38 -4.36
CA TYR A 162 -10.16 14.69 -3.56
C TYR A 162 -9.74 15.49 -2.32
N GLY A 163 -9.62 16.79 -2.45
CA GLY A 163 -9.20 17.61 -1.28
C GLY A 163 -10.43 18.15 -0.56
N MET A 1 -11.46 10.66 -33.17
CA MET A 1 -12.45 11.66 -32.67
C MET A 1 -12.34 11.77 -31.15
N TYR A 2 -12.40 10.67 -30.45
CA TYR A 2 -12.29 10.72 -28.97
C TYR A 2 -11.74 9.38 -28.45
N ASN A 3 -10.44 9.21 -28.49
CA ASN A 3 -9.83 7.93 -28.02
C ASN A 3 -9.23 8.13 -26.62
N PHE A 4 -9.80 8.99 -25.83
CA PHE A 4 -9.25 9.20 -24.46
C PHE A 4 -9.73 8.08 -23.54
N PHE A 5 -8.81 7.41 -22.89
CA PHE A 5 -9.21 6.31 -21.97
C PHE A 5 -9.94 6.90 -20.76
N PRO A 6 -10.77 6.11 -20.14
CA PRO A 6 -11.55 6.53 -18.96
C PRO A 6 -10.67 6.52 -17.71
N ARG A 7 -11.03 7.28 -16.71
CA ARG A 7 -10.20 7.29 -15.47
C ARG A 7 -10.69 6.18 -14.52
N LYS A 8 -11.71 5.46 -14.90
CA LYS A 8 -12.23 4.39 -14.00
C LYS A 8 -12.72 5.01 -12.70
N PRO A 9 -13.77 4.46 -12.16
CA PRO A 9 -14.35 4.94 -10.90
C PRO A 9 -13.47 4.46 -9.74
N LYS A 10 -12.41 5.17 -9.47
CA LYS A 10 -11.50 4.74 -8.37
C LYS A 10 -12.30 4.56 -7.08
N TRP A 11 -11.73 3.90 -6.11
CA TRP A 11 -12.44 3.70 -4.81
C TRP A 11 -12.48 5.05 -4.08
N ASP A 12 -13.62 5.44 -3.60
CA ASP A 12 -13.72 6.75 -2.89
C ASP A 12 -15.20 7.11 -2.70
N LYS A 13 -15.74 6.86 -1.54
CA LYS A 13 -17.18 7.18 -1.30
C LYS A 13 -17.44 7.23 0.21
N ASN A 14 -16.47 7.63 0.97
CA ASN A 14 -16.67 7.70 2.45
C ASN A 14 -16.71 6.27 3.01
N GLN A 15 -17.67 5.50 2.60
CA GLN A 15 -17.78 4.09 3.08
C GLN A 15 -16.78 3.22 2.33
N ILE A 16 -15.68 2.88 2.94
CA ILE A 16 -14.69 2.01 2.23
C ILE A 16 -14.84 0.58 2.72
N THR A 17 -14.33 -0.37 2.00
CA THR A 17 -14.47 -1.78 2.44
C THR A 17 -13.10 -2.46 2.45
N TYR A 18 -12.81 -3.19 3.51
CA TYR A 18 -11.48 -3.87 3.59
C TYR A 18 -11.65 -5.20 4.34
N ARG A 19 -10.76 -6.13 4.14
CA ARG A 19 -10.87 -7.44 4.84
C ARG A 19 -9.48 -8.01 5.09
N ILE A 20 -9.24 -8.54 6.26
CA ILE A 20 -7.90 -9.13 6.57
C ILE A 20 -7.87 -10.58 6.10
N ILE A 21 -6.76 -11.06 5.63
CA ILE A 21 -6.68 -12.46 5.15
C ILE A 21 -5.87 -13.31 6.13
N GLY A 22 -4.82 -12.77 6.67
CA GLY A 22 -3.99 -13.56 7.62
C GLY A 22 -3.15 -12.61 8.46
N TYR A 23 -3.60 -12.28 9.63
CA TYR A 23 -2.82 -11.35 10.50
C TYR A 23 -1.41 -11.93 10.70
N THR A 24 -0.57 -11.25 11.43
CA THR A 24 0.82 -11.77 11.65
C THR A 24 0.93 -12.32 13.08
N PRO A 25 1.79 -13.30 13.25
CA PRO A 25 2.00 -13.96 14.56
C PRO A 25 2.93 -13.14 15.45
N ASP A 26 3.88 -12.47 14.86
CA ASP A 26 4.84 -11.64 15.64
C ASP A 26 4.11 -10.93 16.79
N LEU A 27 2.85 -10.67 16.64
CA LEU A 27 2.09 -9.98 17.72
C LEU A 27 0.75 -10.67 17.95
N ASP A 28 -0.05 -10.15 18.86
CA ASP A 28 -1.38 -10.75 19.14
C ASP A 28 -2.34 -10.45 18.01
N PRO A 29 -3.30 -11.34 17.83
CA PRO A 29 -4.34 -11.17 16.82
C PRO A 29 -5.28 -10.11 17.35
N GLU A 30 -5.37 -10.04 18.65
CA GLU A 30 -6.20 -9.00 19.28
C GLU A 30 -5.39 -7.71 19.23
N THR A 31 -4.08 -7.84 19.28
CA THR A 31 -3.22 -6.62 19.20
C THR A 31 -3.18 -6.16 17.74
N VAL A 32 -2.89 -7.07 16.86
CA VAL A 32 -2.84 -6.73 15.42
C VAL A 32 -4.18 -6.11 15.02
N ASP A 33 -5.26 -6.66 15.52
CA ASP A 33 -6.59 -6.09 15.20
C ASP A 33 -6.72 -4.76 15.95
N ASP A 34 -5.98 -4.59 17.01
CA ASP A 34 -6.04 -3.32 17.77
C ASP A 34 -5.17 -2.27 17.07
N ALA A 35 -4.08 -2.69 16.49
CA ALA A 35 -3.21 -1.71 15.78
C ALA A 35 -4.00 -1.12 14.62
N PHE A 36 -4.89 -1.87 14.05
CA PHE A 36 -5.70 -1.35 12.92
C PHE A 36 -6.72 -0.35 13.46
N ALA A 37 -7.44 -0.71 14.50
CA ALA A 37 -8.43 0.25 15.07
C ALA A 37 -7.77 1.62 15.19
N ARG A 38 -6.62 1.68 15.80
CA ARG A 38 -5.94 3.00 15.93
C ARG A 38 -5.78 3.60 14.53
N ALA A 39 -5.26 2.85 13.60
CA ALA A 39 -5.11 3.39 12.22
C ALA A 39 -6.48 3.91 11.77
N PHE A 40 -7.51 3.15 12.01
CA PHE A 40 -8.87 3.61 11.61
C PHE A 40 -9.10 5.02 12.14
N GLN A 41 -8.65 5.28 13.34
CA GLN A 41 -8.84 6.65 13.92
C GLN A 41 -7.66 7.55 13.50
N VAL A 42 -6.53 6.98 13.17
CA VAL A 42 -5.35 7.80 12.76
C VAL A 42 -5.63 8.46 11.40
N TRP A 43 -6.36 7.79 10.56
CA TRP A 43 -6.67 8.36 9.22
C TRP A 43 -8.10 8.89 9.22
N SER A 44 -8.92 8.39 10.11
CA SER A 44 -10.34 8.86 10.16
C SER A 44 -10.41 10.12 11.03
N ASP A 45 -9.43 10.34 11.86
CA ASP A 45 -9.43 11.55 12.74
C ASP A 45 -9.35 12.81 11.86
N VAL A 46 -8.99 12.65 10.62
CA VAL A 46 -8.87 13.82 9.71
C VAL A 46 -9.93 13.74 8.62
N THR A 47 -10.95 12.94 8.81
CA THR A 47 -11.98 12.84 7.74
C THR A 47 -13.19 12.01 8.21
N PRO A 48 -14.35 12.36 7.72
CA PRO A 48 -15.60 11.65 8.03
C PRO A 48 -15.69 10.36 7.20
N LEU A 49 -14.64 9.59 7.15
CA LEU A 49 -14.67 8.33 6.34
C LEU A 49 -15.46 7.24 7.09
N ARG A 50 -15.91 6.25 6.38
CA ARG A 50 -16.67 5.14 7.03
C ARG A 50 -16.08 3.81 6.57
N PHE A 51 -15.04 3.36 7.21
CA PHE A 51 -14.44 2.06 6.80
C PHE A 51 -15.43 0.93 7.08
N SER A 52 -15.53 -0.01 6.19
CA SER A 52 -16.49 -1.14 6.41
C SER A 52 -15.79 -2.48 6.17
N ARG A 53 -15.40 -3.16 7.21
CA ARG A 53 -14.72 -4.47 7.02
C ARG A 53 -15.77 -5.55 6.76
N ILE A 54 -15.47 -6.50 5.92
CA ILE A 54 -16.45 -7.58 5.63
C ILE A 54 -15.91 -8.91 6.17
N HIS A 55 -16.78 -9.86 6.39
CA HIS A 55 -16.30 -11.18 6.91
C HIS A 55 -16.37 -12.22 5.78
N ASP A 56 -17.06 -11.91 4.72
CA ASP A 56 -17.15 -12.88 3.59
C ASP A 56 -15.77 -13.13 3.03
N GLY A 57 -15.66 -13.88 1.97
CA GLY A 57 -14.32 -14.14 1.38
C GLY A 57 -14.12 -13.20 0.20
N GLU A 58 -14.10 -11.91 0.47
CA GLU A 58 -13.93 -10.93 -0.64
C GLU A 58 -13.99 -9.51 -0.07
N ALA A 59 -13.38 -8.58 -0.73
CA ALA A 59 -13.41 -7.17 -0.24
C ALA A 59 -12.52 -6.30 -1.14
N ASP A 60 -12.92 -5.09 -1.39
CA ASP A 60 -12.10 -4.20 -2.26
C ASP A 60 -10.69 -4.13 -1.67
N ILE A 61 -10.56 -3.62 -0.48
CA ILE A 61 -9.23 -3.53 0.17
C ILE A 61 -8.95 -4.84 0.92
N MET A 62 -7.71 -5.16 1.15
CA MET A 62 -7.40 -6.42 1.87
C MET A 62 -5.94 -6.41 2.33
N ILE A 63 -5.69 -6.81 3.54
CA ILE A 63 -4.30 -6.82 4.06
C ILE A 63 -3.74 -8.25 4.02
N ASN A 64 -2.48 -8.39 3.75
CA ASN A 64 -1.88 -9.73 3.71
C ASN A 64 -0.35 -9.60 3.75
N PHE A 65 0.34 -10.67 3.47
CA PHE A 65 1.84 -10.62 3.51
C PHE A 65 2.40 -10.90 2.11
N GLY A 66 3.66 -10.64 1.91
CA GLY A 66 4.25 -10.90 0.56
C GLY A 66 5.07 -12.20 0.63
N ARG A 67 5.54 -12.55 1.81
CA ARG A 67 6.34 -13.81 1.95
C ARG A 67 7.42 -13.88 0.87
N TRP A 68 7.79 -15.06 0.45
CA TRP A 68 8.83 -15.18 -0.60
C TRP A 68 8.17 -15.22 -1.98
N GLU A 69 7.53 -16.31 -2.30
CA GLU A 69 6.87 -16.44 -3.62
C GLU A 69 5.76 -15.40 -3.77
N HIS A 70 6.03 -14.31 -4.46
CA HIS A 70 4.98 -13.27 -4.65
C HIS A 70 4.83 -12.96 -6.14
N GLY A 71 4.28 -11.82 -6.46
CA GLY A 71 4.12 -11.45 -7.89
C GLY A 71 5.00 -10.24 -8.17
N ASP A 72 5.16 -9.37 -7.20
CA ASP A 72 6.00 -8.19 -7.39
C ASP A 72 7.46 -8.58 -7.14
N GLY A 73 8.03 -9.32 -8.04
CA GLY A 73 9.45 -9.76 -7.86
C GLY A 73 9.45 -11.28 -7.66
N TYR A 74 9.82 -11.75 -6.50
CA TYR A 74 9.82 -13.22 -6.25
C TYR A 74 10.65 -13.53 -4.99
N PRO A 75 11.87 -13.04 -4.97
CA PRO A 75 12.78 -13.25 -3.84
C PRO A 75 12.43 -12.28 -2.70
N PHE A 76 12.43 -12.75 -1.49
CA PHE A 76 12.12 -11.85 -0.35
C PHE A 76 13.30 -10.89 -0.16
N ASP A 77 13.02 -9.65 0.09
CA ASP A 77 14.11 -8.66 0.27
C ASP A 77 14.75 -8.86 1.65
N GLY A 78 14.24 -9.76 2.43
CA GLY A 78 14.82 -10.00 3.79
C GLY A 78 14.81 -8.69 4.61
N LYS A 79 15.98 -8.20 4.93
CA LYS A 79 16.08 -6.94 5.74
C LYS A 79 15.05 -5.91 5.29
N ASP A 80 14.94 -4.82 6.03
CA ASP A 80 13.96 -3.74 5.72
C ASP A 80 13.61 -3.73 4.22
N GLY A 81 14.32 -2.95 3.44
CA GLY A 81 14.03 -2.91 1.97
C GLY A 81 12.51 -2.99 1.74
N LEU A 82 12.09 -3.86 0.88
CA LEU A 82 10.63 -4.01 0.64
C LEU A 82 9.95 -4.27 1.97
N LEU A 83 9.22 -3.31 2.45
CA LEU A 83 8.53 -3.46 3.76
C LEU A 83 7.04 -3.64 3.52
N ALA A 84 6.51 -3.07 2.46
CA ALA A 84 5.05 -3.22 2.20
C ALA A 84 4.61 -2.32 1.04
N HIS A 85 3.53 -2.67 0.38
CA HIS A 85 3.04 -1.84 -0.77
C HIS A 85 1.51 -1.88 -0.83
N ALA A 86 0.96 -1.49 -1.95
CA ALA A 86 -0.52 -1.50 -2.12
C ALA A 86 -0.85 -1.48 -3.62
N PHE A 87 -1.90 -2.13 -4.04
CA PHE A 87 -2.23 -2.14 -5.50
C PHE A 87 -3.19 -0.99 -5.83
N ALA A 88 -3.20 -0.57 -7.06
CA ALA A 88 -4.12 0.54 -7.46
C ALA A 88 -5.54 0.00 -7.67
N PRO A 89 -6.50 0.91 -7.70
CA PRO A 89 -7.92 0.58 -7.91
C PRO A 89 -8.19 0.34 -9.39
N GLY A 90 -9.20 -0.43 -9.69
CA GLY A 90 -9.53 -0.72 -11.11
C GLY A 90 -10.42 -1.96 -11.19
N THR A 91 -11.56 -1.92 -10.57
CA THR A 91 -12.47 -3.09 -10.60
C THR A 91 -11.85 -4.24 -9.82
N GLY A 92 -12.15 -4.36 -8.56
CA GLY A 92 -11.57 -5.47 -7.74
C GLY A 92 -10.14 -5.10 -7.32
N VAL A 93 -9.26 -4.94 -8.26
CA VAL A 93 -7.85 -4.58 -7.92
C VAL A 93 -7.83 -3.29 -7.12
N GLY A 94 -6.83 -3.11 -6.30
CA GLY A 94 -6.72 -1.86 -5.50
C GLY A 94 -7.26 -2.09 -4.09
N GLY A 95 -6.62 -1.52 -3.11
CA GLY A 95 -7.09 -1.70 -1.71
C GLY A 95 -6.30 -2.84 -1.06
N ASP A 96 -6.16 -3.93 -1.75
CA ASP A 96 -5.40 -5.08 -1.17
C ASP A 96 -3.90 -4.75 -1.16
N SER A 97 -3.29 -4.85 -0.01
CA SER A 97 -1.84 -4.54 0.10
C SER A 97 -1.14 -5.67 0.86
N HIS A 98 0.00 -6.10 0.40
CA HIS A 98 0.72 -7.18 1.14
C HIS A 98 1.81 -6.53 1.98
N PHE A 99 2.05 -7.05 3.15
CA PHE A 99 3.09 -6.44 4.02
C PHE A 99 4.25 -7.42 4.19
N ASP A 100 5.46 -6.93 4.20
CA ASP A 100 6.62 -7.85 4.39
C ASP A 100 6.36 -8.70 5.63
N ASP A 101 6.61 -9.98 5.57
CA ASP A 101 6.36 -10.83 6.76
C ASP A 101 7.67 -11.04 7.52
N ASP A 102 8.78 -10.80 6.89
CA ASP A 102 10.08 -10.98 7.58
C ASP A 102 10.31 -9.82 8.56
N GLU A 103 9.59 -8.75 8.40
CA GLU A 103 9.76 -7.59 9.32
C GLU A 103 9.12 -7.89 10.68
N LEU A 104 9.55 -7.20 11.71
CA LEU A 104 8.99 -7.43 13.07
C LEU A 104 8.11 -6.24 13.49
N TRP A 105 6.82 -6.32 13.28
CA TRP A 105 5.92 -5.18 13.66
C TRP A 105 5.19 -5.49 14.96
N THR A 106 5.01 -4.51 15.81
CA THR A 106 4.29 -4.78 17.10
C THR A 106 3.25 -3.67 17.34
N ASN A 107 2.82 -3.52 18.57
CA ASN A 107 1.80 -2.47 18.88
C ASN A 107 2.21 -1.70 20.15
N THR A 108 3.34 -2.00 20.71
CA THR A 108 3.78 -1.28 21.94
C THR A 108 5.14 -0.64 21.69
N SER A 109 6.13 -1.44 21.40
CA SER A 109 7.49 -0.89 21.16
C SER A 109 8.36 -1.95 20.50
N ALA A 110 9.07 -2.72 21.27
CA ALA A 110 9.93 -3.79 20.69
C ALA A 110 10.69 -3.25 19.48
N ASN A 111 10.17 -3.45 18.28
CA ASN A 111 10.89 -2.92 17.09
C ASN A 111 10.10 -1.75 16.47
N TYR A 112 9.43 -1.97 15.37
CA TYR A 112 8.66 -0.85 14.74
C TYR A 112 7.23 -0.85 15.30
N SER A 113 6.22 -0.91 14.46
CA SER A 113 4.83 -0.89 15.01
C SER A 113 3.79 -1.17 13.92
N LEU A 114 3.06 -2.24 14.05
CA LEU A 114 2.01 -2.59 13.04
C LEU A 114 1.18 -1.35 12.71
N PHE A 115 0.81 -0.58 13.71
CA PHE A 115 -0.03 0.63 13.47
C PHE A 115 0.70 1.59 12.53
N LEU A 116 1.97 1.80 12.75
CA LEU A 116 2.75 2.73 11.88
C LEU A 116 2.69 2.25 10.44
N VAL A 117 3.29 1.14 10.16
CA VAL A 117 3.29 0.62 8.78
C VAL A 117 1.85 0.59 8.26
N ALA A 118 0.93 0.16 9.08
CA ALA A 118 -0.50 0.13 8.64
C ALA A 118 -0.88 1.52 8.12
N ALA A 119 -0.54 2.54 8.85
CA ALA A 119 -0.87 3.93 8.41
C ALA A 119 -0.33 4.17 7.00
N HIS A 120 0.96 4.05 6.82
CA HIS A 120 1.54 4.28 5.46
C HIS A 120 0.65 3.62 4.40
N GLU A 121 0.56 2.33 4.41
CA GLU A 121 -0.28 1.64 3.40
C GLU A 121 -1.74 2.06 3.58
N PHE A 122 -2.04 2.69 4.68
CA PHE A 122 -3.45 3.12 4.91
C PHE A 122 -3.71 4.42 4.15
N GLY A 123 -2.67 5.02 3.65
CA GLY A 123 -2.85 6.27 2.85
C GLY A 123 -2.70 5.94 1.36
N HIS A 124 -1.75 5.10 1.04
CA HIS A 124 -1.54 4.72 -0.38
C HIS A 124 -2.80 4.04 -0.90
N ALA A 125 -3.38 3.16 -0.11
CA ALA A 125 -4.62 2.45 -0.54
C ALA A 125 -5.50 3.41 -1.34
N MET A 126 -5.48 4.67 -1.01
CA MET A 126 -6.31 5.65 -1.74
C MET A 126 -5.75 5.84 -3.15
N GLY A 127 -4.75 6.66 -3.30
CA GLY A 127 -4.15 6.90 -4.63
C GLY A 127 -2.97 7.87 -4.49
N LEU A 128 -3.03 8.77 -3.54
CA LEU A 128 -1.90 9.73 -3.35
C LEU A 128 -0.58 8.96 -3.31
N GLU A 129 0.50 9.60 -3.67
CA GLU A 129 1.83 8.92 -3.66
C GLU A 129 2.71 9.57 -2.59
N HIS A 130 3.92 9.13 -2.48
CA HIS A 130 4.85 9.70 -1.45
C HIS A 130 4.75 11.22 -1.45
N SER A 131 5.40 11.88 -0.51
CA SER A 131 5.33 13.36 -0.44
C SER A 131 6.74 13.97 -0.48
N GLN A 132 6.91 15.13 0.09
CA GLN A 132 8.26 15.78 0.07
C GLN A 132 8.63 16.31 1.47
N ASP A 133 7.68 16.48 2.35
CA ASP A 133 8.01 17.00 3.71
C ASP A 133 8.44 15.84 4.61
N PRO A 134 9.28 16.13 5.57
CA PRO A 134 9.80 15.12 6.51
C PRO A 134 8.72 14.70 7.50
N GLY A 135 7.92 15.62 7.95
CA GLY A 135 6.84 15.25 8.90
C GLY A 135 5.64 14.73 8.11
N ALA A 136 5.78 14.55 6.83
CA ALA A 136 4.64 14.05 6.01
C ALA A 136 4.31 12.61 6.41
N LEU A 137 3.15 12.13 6.05
CA LEU A 137 2.76 10.73 6.41
C LEU A 137 3.21 9.76 5.33
N MET A 138 3.32 10.20 4.11
CA MET A 138 3.77 9.27 3.03
C MET A 138 5.24 9.54 2.71
N ALA A 139 5.91 10.25 3.58
CA ALA A 139 7.35 10.53 3.34
C ALA A 139 8.04 9.25 2.84
N PRO A 140 9.10 9.43 2.10
CA PRO A 140 9.86 8.30 1.54
C PRO A 140 10.76 7.68 2.60
N ILE A 141 10.75 8.22 3.79
CA ILE A 141 11.62 7.65 4.86
C ILE A 141 10.79 7.45 6.13
N TYR A 142 11.21 6.53 6.96
CA TYR A 142 10.46 6.26 8.22
C TYR A 142 10.53 7.48 9.15
N THR A 143 9.43 7.80 9.79
CA THR A 143 9.42 8.97 10.70
C THR A 143 8.84 8.58 12.07
N TYR A 144 7.80 7.81 12.08
CA TYR A 144 7.18 7.43 13.39
C TYR A 144 6.54 8.68 14.01
N THR A 145 5.48 8.50 14.72
CA THR A 145 4.80 9.67 15.37
C THR A 145 4.78 9.45 16.88
N LYS A 146 5.04 10.48 17.65
CA LYS A 146 5.06 10.32 19.14
C LYS A 146 3.65 10.42 19.72
N ASN A 147 3.16 11.60 19.95
CA ASN A 147 1.79 11.75 20.52
C ASN A 147 0.76 11.76 19.38
N PHE A 148 1.12 11.25 18.24
CA PHE A 148 0.16 11.26 17.10
C PHE A 148 -0.23 12.71 16.77
N ARG A 149 0.38 13.27 15.76
CA ARG A 149 0.07 14.67 15.37
C ARG A 149 -0.42 14.70 13.93
N LEU A 150 -0.30 13.61 13.23
CA LEU A 150 -0.76 13.56 11.81
C LEU A 150 -0.01 14.62 11.00
N SER A 151 -0.65 15.22 10.03
CA SER A 151 0.03 16.26 9.22
C SER A 151 -0.95 16.84 8.19
N GLN A 152 -1.03 18.14 8.13
CA GLN A 152 -1.96 18.81 7.16
C GLN A 152 -1.67 18.30 5.74
N ASP A 153 -0.43 18.04 5.43
CA ASP A 153 -0.10 17.55 4.05
C ASP A 153 -1.14 16.52 3.61
N ASP A 154 -1.43 15.57 4.47
CA ASP A 154 -2.43 14.54 4.10
C ASP A 154 -3.84 15.11 4.30
N ILE A 155 -4.07 15.79 5.40
CA ILE A 155 -5.42 16.37 5.64
C ILE A 155 -5.83 17.18 4.40
N LYS A 156 -4.87 17.70 3.69
CA LYS A 156 -5.20 18.49 2.46
C LYS A 156 -5.46 17.54 1.29
N GLY A 157 -4.50 16.71 0.97
CA GLY A 157 -4.70 15.76 -0.16
C GLY A 157 -5.99 14.97 0.06
N ILE A 158 -6.29 14.65 1.29
CA ILE A 158 -7.53 13.88 1.57
C ILE A 158 -8.74 14.81 1.44
N GLN A 159 -8.56 16.08 1.73
CA GLN A 159 -9.70 17.03 1.59
C GLN A 159 -10.07 17.14 0.11
N GLU A 160 -9.12 16.87 -0.74
CA GLU A 160 -9.36 16.95 -2.22
C GLU A 160 -9.93 15.61 -2.70
N LEU A 161 -9.58 14.54 -2.03
CA LEU A 161 -10.06 13.19 -2.46
C LEU A 161 -11.33 12.81 -1.67
N TYR A 162 -11.56 13.44 -0.55
CA TYR A 162 -12.78 13.12 0.25
C TYR A 162 -13.40 14.40 0.80
N GLY A 163 -12.78 14.97 1.81
CA GLY A 163 -13.32 16.22 2.40
C GLY A 163 -13.72 15.96 3.85
N MET A 1 -25.26 7.36 -11.66
CA MET A 1 -23.97 8.01 -11.29
C MET A 1 -22.80 7.22 -11.92
N TYR A 2 -23.06 6.02 -12.38
CA TYR A 2 -21.98 5.19 -13.00
C TYR A 2 -20.88 4.96 -11.98
N ASN A 3 -21.24 4.45 -10.84
CA ASN A 3 -20.23 4.19 -9.79
C ASN A 3 -19.60 2.82 -10.03
N PHE A 4 -18.91 2.65 -11.13
CA PHE A 4 -18.29 1.33 -11.44
C PHE A 4 -16.80 1.51 -11.75
N PHE A 5 -15.96 0.69 -11.16
CA PHE A 5 -14.50 0.81 -11.41
C PHE A 5 -14.04 -0.26 -12.42
N PRO A 6 -13.63 0.19 -13.58
CA PRO A 6 -13.15 -0.69 -14.67
C PRO A 6 -11.73 -1.19 -14.37
N ARG A 7 -11.36 -2.31 -14.93
CA ARG A 7 -9.99 -2.85 -14.70
C ARG A 7 -9.89 -3.40 -13.27
N LYS A 8 -9.16 -2.74 -12.40
CA LYS A 8 -9.04 -3.24 -11.00
C LYS A 8 -10.25 -2.76 -10.18
N PRO A 9 -11.12 -3.67 -9.82
CA PRO A 9 -12.31 -3.34 -9.02
C PRO A 9 -11.89 -3.02 -7.57
N LYS A 10 -11.05 -2.03 -7.41
CA LYS A 10 -10.57 -1.60 -6.06
C LYS A 10 -10.72 -2.71 -5.01
N TRP A 11 -11.80 -2.69 -4.30
CA TRP A 11 -12.00 -3.73 -3.24
C TRP A 11 -13.30 -3.43 -2.48
N ASP A 12 -13.46 -3.96 -1.30
CA ASP A 12 -14.71 -3.71 -0.53
C ASP A 12 -15.11 -2.24 -0.60
N LYS A 13 -16.36 -1.94 -0.37
CA LYS A 13 -16.82 -0.54 -0.42
C LYS A 13 -17.27 -0.09 0.97
N ASN A 14 -17.04 1.15 1.32
CA ASN A 14 -17.44 1.66 2.66
C ASN A 14 -17.08 0.62 3.73
N GLN A 15 -17.91 -0.36 3.92
CA GLN A 15 -17.61 -1.42 4.91
C GLN A 15 -16.47 -2.30 4.38
N ILE A 16 -15.29 -2.19 4.92
CA ILE A 16 -14.14 -3.01 4.44
C ILE A 16 -13.69 -3.98 5.53
N THR A 17 -12.68 -4.75 5.24
CA THR A 17 -12.17 -5.72 6.24
C THR A 17 -10.65 -5.74 6.20
N TYR A 18 -10.00 -5.78 7.33
CA TYR A 18 -8.51 -5.82 7.32
C TYR A 18 -8.02 -6.68 8.49
N ARG A 19 -6.79 -7.10 8.44
CA ARG A 19 -6.26 -7.94 9.54
C ARG A 19 -4.72 -7.88 9.54
N ILE A 20 -4.14 -7.51 10.64
CA ILE A 20 -2.65 -7.47 10.71
C ILE A 20 -2.14 -8.87 11.07
N ILE A 21 -1.40 -9.50 10.19
CA ILE A 21 -0.90 -10.87 10.50
C ILE A 21 0.22 -10.80 11.54
N GLY A 22 0.56 -9.63 12.00
CA GLY A 22 1.65 -9.51 13.03
C GLY A 22 2.33 -8.15 12.89
N TYR A 23 2.04 -7.23 13.78
CA TYR A 23 2.68 -5.89 13.68
C TYR A 23 4.17 -6.01 14.00
N THR A 24 4.78 -4.97 14.47
CA THR A 24 6.24 -5.01 14.77
C THR A 24 6.47 -5.10 16.29
N PRO A 25 7.52 -5.79 16.67
CA PRO A 25 7.91 -5.97 18.08
C PRO A 25 8.61 -4.74 18.63
N ASP A 26 9.34 -4.05 17.79
CA ASP A 26 10.08 -2.84 18.26
C ASP A 26 9.23 -2.00 19.21
N LEU A 27 7.94 -1.96 19.00
CA LEU A 27 7.07 -1.14 19.90
C LEU A 27 6.02 -2.05 20.54
N ASP A 28 5.19 -1.52 21.40
CA ASP A 28 4.14 -2.38 22.02
C ASP A 28 3.21 -2.86 20.92
N PRO A 29 2.59 -3.97 21.18
CA PRO A 29 1.63 -4.56 20.25
C PRO A 29 0.39 -3.69 20.28
N GLU A 30 0.12 -3.15 21.43
CA GLU A 30 -1.02 -2.23 21.57
C GLU A 30 -0.56 -0.86 21.10
N THR A 31 0.72 -0.59 21.19
CA THR A 31 1.22 0.72 20.69
C THR A 31 1.14 0.68 19.17
N VAL A 32 1.70 -0.33 18.59
CA VAL A 32 1.66 -0.46 17.11
C VAL A 32 0.20 -0.43 16.68
N ASP A 33 -0.65 -0.98 17.49
CA ASP A 33 -2.09 -1.02 17.16
C ASP A 33 -2.66 0.39 17.25
N ASP A 34 -2.04 1.26 18.02
CA ASP A 34 -2.57 2.64 18.12
C ASP A 34 -2.26 3.40 16.83
N ALA A 35 -1.09 3.19 16.29
CA ALA A 35 -0.73 3.89 15.02
C ALA A 35 -1.82 3.64 13.99
N PHE A 36 -2.05 2.40 13.65
CA PHE A 36 -3.11 2.08 12.67
C PHE A 36 -4.41 2.70 13.14
N ALA A 37 -4.70 2.61 14.40
CA ALA A 37 -5.94 3.23 14.92
C ALA A 37 -6.02 4.66 14.40
N ARG A 38 -4.90 5.33 14.36
CA ARG A 38 -4.87 6.73 13.86
C ARG A 38 -5.04 6.72 12.33
N ALA A 39 -4.29 5.88 11.67
CA ALA A 39 -4.41 5.80 10.18
C ALA A 39 -5.87 5.50 9.83
N PHE A 40 -6.51 4.70 10.63
CA PHE A 40 -7.94 4.38 10.37
C PHE A 40 -8.75 5.67 10.53
N GLN A 41 -8.41 6.44 11.52
CA GLN A 41 -9.12 7.72 11.76
C GLN A 41 -8.56 8.80 10.84
N VAL A 42 -7.48 8.53 10.17
CA VAL A 42 -6.88 9.55 9.26
C VAL A 42 -7.39 9.34 7.83
N TRP A 43 -7.73 8.13 7.52
CA TRP A 43 -8.21 7.83 6.15
C TRP A 43 -9.72 7.68 6.15
N SER A 44 -10.29 7.41 7.29
CA SER A 44 -11.77 7.27 7.37
C SER A 44 -12.38 8.60 7.80
N ASP A 45 -11.64 9.42 8.50
CA ASP A 45 -12.19 10.74 8.94
C ASP A 45 -12.43 11.65 7.74
N VAL A 46 -12.06 11.23 6.55
CA VAL A 46 -12.28 12.11 5.38
C VAL A 46 -13.42 11.53 4.52
N THR A 47 -13.87 10.35 4.83
CA THR A 47 -15.00 9.74 4.06
C THR A 47 -15.75 8.78 4.97
N PRO A 48 -16.93 8.42 4.56
CA PRO A 48 -17.76 7.48 5.33
C PRO A 48 -17.26 6.06 5.12
N LEU A 49 -16.02 5.83 5.44
CA LEU A 49 -15.45 4.46 5.27
C LEU A 49 -15.59 3.70 6.59
N ARG A 50 -16.18 2.54 6.58
CA ARG A 50 -16.32 1.76 7.84
C ARG A 50 -15.47 0.50 7.75
N PHE A 51 -14.24 0.56 8.20
CA PHE A 51 -13.38 -0.65 8.12
C PHE A 51 -13.76 -1.63 9.23
N SER A 52 -13.60 -2.89 8.99
CA SER A 52 -13.98 -3.89 10.03
C SER A 52 -12.85 -4.91 10.18
N ARG A 53 -12.18 -4.90 11.30
CA ARG A 53 -11.07 -5.87 11.54
C ARG A 53 -11.67 -7.27 11.67
N ILE A 54 -11.04 -8.25 11.09
CA ILE A 54 -11.58 -9.63 11.22
C ILE A 54 -10.44 -10.59 11.56
N HIS A 55 -10.75 -11.77 12.01
CA HIS A 55 -9.68 -12.75 12.38
C HIS A 55 -9.99 -14.11 11.74
N ASP A 56 -9.01 -15.00 11.71
CA ASP A 56 -9.22 -16.35 11.09
C ASP A 56 -9.69 -16.17 9.65
N GLY A 57 -10.95 -15.83 9.46
CA GLY A 57 -11.46 -15.62 8.08
C GLY A 57 -10.47 -14.76 7.30
N GLU A 58 -10.48 -14.85 6.00
CA GLU A 58 -9.51 -14.05 5.20
C GLU A 58 -9.81 -12.55 5.33
N ALA A 59 -8.86 -11.73 5.02
CA ALA A 59 -9.06 -10.25 5.13
C ALA A 59 -8.77 -9.60 3.78
N ASP A 60 -9.43 -8.51 3.46
CA ASP A 60 -9.17 -7.84 2.16
C ASP A 60 -7.79 -7.18 2.19
N ILE A 61 -7.54 -6.35 3.18
CA ILE A 61 -6.23 -5.67 3.28
C ILE A 61 -5.40 -6.36 4.38
N MET A 62 -4.23 -6.85 4.06
CA MET A 62 -3.39 -7.51 5.09
C MET A 62 -2.22 -6.61 5.50
N ILE A 63 -1.89 -6.56 6.75
CA ILE A 63 -0.76 -5.70 7.20
C ILE A 63 0.26 -6.59 7.95
N ASN A 64 1.51 -6.52 7.57
CA ASN A 64 2.54 -7.36 8.23
C ASN A 64 3.92 -6.69 8.12
N PHE A 65 4.96 -7.46 8.01
CA PHE A 65 6.32 -6.86 7.90
C PHE A 65 7.38 -7.95 7.74
N GLY A 66 8.63 -7.57 7.66
CA GLY A 66 9.73 -8.57 7.50
C GLY A 66 10.76 -8.04 6.50
N ARG A 67 11.81 -8.79 6.25
CA ARG A 67 12.84 -8.32 5.28
C ARG A 67 13.68 -9.52 4.80
N TRP A 68 14.38 -9.35 3.71
CA TRP A 68 15.21 -10.49 3.19
C TRP A 68 14.31 -11.69 2.98
N GLU A 69 14.16 -12.50 3.99
CA GLU A 69 13.28 -13.69 3.85
C GLU A 69 11.86 -13.22 3.55
N HIS A 70 11.30 -13.70 2.48
CA HIS A 70 9.93 -13.30 2.09
C HIS A 70 9.62 -13.88 0.73
N GLY A 71 10.44 -13.57 -0.24
CA GLY A 71 10.21 -14.10 -1.61
C GLY A 71 9.08 -13.30 -2.28
N ASP A 72 8.34 -12.51 -1.55
CA ASP A 72 7.24 -11.75 -2.16
C ASP A 72 7.68 -11.16 -3.51
N GLY A 73 8.95 -10.96 -3.71
CA GLY A 73 9.41 -10.42 -5.02
C GLY A 73 10.31 -9.20 -4.82
N TYR A 74 10.76 -8.97 -3.61
CA TYR A 74 11.64 -7.80 -3.38
C TYR A 74 12.51 -8.07 -2.15
N PRO A 75 13.67 -8.63 -2.40
CA PRO A 75 14.63 -8.97 -1.33
C PRO A 75 15.40 -7.71 -0.86
N PHE A 76 16.40 -7.90 -0.03
CA PHE A 76 17.19 -6.74 0.48
C PHE A 76 16.26 -5.80 1.25
N ASP A 77 16.82 -4.83 1.92
CA ASP A 77 15.98 -3.90 2.74
C ASP A 77 16.90 -2.99 3.54
N GLY A 78 18.01 -3.53 3.97
CA GLY A 78 19.01 -2.75 4.77
C GLY A 78 18.32 -1.68 5.64
N LYS A 79 19.07 -0.66 6.02
CA LYS A 79 18.53 0.44 6.88
C LYS A 79 17.59 1.35 6.08
N ASP A 80 16.78 2.13 6.77
CA ASP A 80 15.83 3.08 6.10
C ASP A 80 15.43 2.58 4.71
N GLY A 81 15.36 3.48 3.73
CA GLY A 81 14.97 3.07 2.36
C GLY A 81 13.78 2.14 2.43
N LEU A 82 13.97 0.93 2.00
CA LEU A 82 12.89 -0.08 2.05
C LEU A 82 12.20 0.05 3.40
N LEU A 83 11.10 0.74 3.50
CA LEU A 83 10.44 0.86 4.82
C LEU A 83 9.08 0.14 4.79
N ALA A 84 8.52 -0.05 3.62
CA ALA A 84 7.20 -0.75 3.54
C ALA A 84 6.80 -0.94 2.08
N HIS A 85 6.06 -1.99 1.78
CA HIS A 85 5.61 -2.20 0.37
C HIS A 85 4.19 -2.80 0.38
N ALA A 86 3.64 -3.07 -0.76
CA ALA A 86 2.26 -3.65 -0.80
C ALA A 86 1.95 -4.20 -2.19
N PHE A 87 0.96 -5.04 -2.29
CA PHE A 87 0.61 -5.64 -3.62
C PHE A 87 -0.55 -4.89 -4.26
N ALA A 88 -0.80 -5.16 -5.51
CA ALA A 88 -1.92 -4.48 -6.21
C ALA A 88 -3.24 -5.16 -5.86
N PRO A 89 -4.29 -4.37 -5.83
CA PRO A 89 -5.64 -4.86 -5.50
C PRO A 89 -6.25 -5.63 -6.68
N GLY A 90 -6.88 -6.74 -6.40
CA GLY A 90 -7.51 -7.53 -7.48
C GLY A 90 -7.41 -9.03 -7.18
N THR A 91 -8.53 -9.69 -7.13
CA THR A 91 -8.55 -11.17 -6.86
C THR A 91 -7.84 -11.49 -5.53
N GLY A 92 -8.57 -11.99 -4.57
CA GLY A 92 -7.99 -12.36 -3.26
C GLY A 92 -6.83 -11.42 -2.89
N VAL A 93 -5.63 -11.78 -3.25
CA VAL A 93 -4.47 -10.91 -2.90
C VAL A 93 -4.83 -9.46 -3.25
N GLY A 94 -4.13 -8.53 -2.67
CA GLY A 94 -4.43 -7.10 -2.96
C GLY A 94 -4.66 -6.35 -1.64
N GLY A 95 -4.36 -5.08 -1.60
CA GLY A 95 -4.57 -4.32 -0.34
C GLY A 95 -3.70 -4.93 0.77
N ASP A 96 -2.77 -5.77 0.42
CA ASP A 96 -1.90 -6.38 1.45
C ASP A 96 -0.60 -5.60 1.56
N SER A 97 -0.38 -5.00 2.70
CA SER A 97 0.87 -4.20 2.89
C SER A 97 1.74 -4.85 3.95
N HIS A 98 3.02 -4.58 3.91
CA HIS A 98 3.94 -5.16 4.92
C HIS A 98 5.08 -4.17 5.15
N PHE A 99 5.48 -4.00 6.38
CA PHE A 99 6.55 -3.01 6.70
C PHE A 99 7.90 -3.70 7.00
N ASP A 100 8.90 -2.90 7.28
CA ASP A 100 10.25 -3.43 7.60
C ASP A 100 10.17 -4.35 8.81
N ASP A 101 11.18 -5.17 9.00
CA ASP A 101 11.17 -6.12 10.14
C ASP A 101 11.91 -5.51 11.35
N ASP A 102 12.50 -4.37 11.18
CA ASP A 102 13.23 -3.72 12.31
C ASP A 102 13.61 -2.30 11.91
N GLU A 103 12.69 -1.38 11.98
CA GLU A 103 13.05 0.01 11.57
C GLU A 103 12.49 1.06 12.55
N LEU A 104 11.66 0.66 13.47
CA LEU A 104 11.10 1.66 14.44
C LEU A 104 10.00 2.49 13.77
N TRP A 105 8.95 2.80 14.48
CA TRP A 105 7.86 3.60 13.89
C TRP A 105 7.19 4.44 14.94
N THR A 106 6.81 3.88 16.04
CA THR A 106 6.16 4.72 17.07
C THR A 106 6.63 4.41 18.48
N ASN A 107 5.99 3.50 19.15
CA ASN A 107 6.35 3.26 20.58
C ASN A 107 6.30 4.62 21.27
N THR A 108 5.59 5.56 20.65
CA THR A 108 5.46 6.93 21.21
C THR A 108 6.84 7.49 21.57
N SER A 109 7.81 7.18 20.75
CA SER A 109 9.19 7.67 20.94
C SER A 109 9.95 7.36 19.63
N ALA A 110 9.25 7.39 18.52
CA ALA A 110 9.85 7.06 17.19
C ALA A 110 10.26 8.31 16.41
N ASN A 111 10.81 8.14 15.23
CA ASN A 111 11.22 9.32 14.40
C ASN A 111 10.48 9.30 13.07
N TYR A 112 9.87 8.21 12.73
CA TYR A 112 9.12 8.15 11.44
C TYR A 112 7.62 8.17 11.74
N SER A 113 7.22 7.43 12.73
CA SER A 113 5.78 7.42 13.12
C SER A 113 4.99 6.50 12.21
N LEU A 114 4.84 5.28 12.64
CA LEU A 114 4.04 4.30 11.86
C LEU A 114 2.83 4.99 11.24
N PHE A 115 2.18 5.85 11.99
CA PHE A 115 0.98 6.54 11.45
C PHE A 115 1.33 7.26 10.13
N LEU A 116 2.43 7.95 10.10
CA LEU A 116 2.82 8.69 8.88
C LEU A 116 3.18 7.71 7.75
N VAL A 117 4.15 6.87 7.96
CA VAL A 117 4.55 5.89 6.90
C VAL A 117 3.34 5.01 6.55
N ALA A 118 2.63 4.59 7.55
CA ALA A 118 1.44 3.72 7.34
C ALA A 118 0.45 4.43 6.43
N ALA A 119 0.25 5.70 6.65
CA ALA A 119 -0.71 6.46 5.80
C ALA A 119 -0.29 6.34 4.34
N HIS A 120 0.94 6.64 4.03
CA HIS A 120 1.40 6.54 2.61
C HIS A 120 1.08 5.15 2.07
N GLU A 121 1.15 4.15 2.92
CA GLU A 121 0.84 2.76 2.45
C GLU A 121 -0.66 2.52 2.55
N PHE A 122 -1.34 3.24 3.41
CA PHE A 122 -2.82 3.07 3.51
C PHE A 122 -3.45 3.68 2.26
N GLY A 123 -2.66 4.40 1.49
CA GLY A 123 -3.16 5.02 0.24
C GLY A 123 -2.70 4.16 -0.94
N HIS A 124 -1.51 3.64 -0.87
CA HIS A 124 -1.00 2.79 -1.98
C HIS A 124 -1.88 1.55 -2.08
N ALA A 125 -2.09 0.89 -0.98
CA ALA A 125 -2.96 -0.32 -1.02
C ALA A 125 -4.36 0.09 -1.48
N MET A 126 -4.65 1.37 -1.49
CA MET A 126 -5.98 1.83 -1.96
C MET A 126 -5.99 1.89 -3.48
N GLY A 127 -4.98 1.32 -4.11
CA GLY A 127 -4.93 1.33 -5.59
C GLY A 127 -4.23 2.59 -6.08
N LEU A 128 -4.71 3.74 -5.68
CA LEU A 128 -4.09 5.02 -6.13
C LEU A 128 -2.57 4.90 -6.09
N GLU A 129 -1.91 5.49 -7.06
CA GLU A 129 -0.43 5.46 -7.12
C GLU A 129 0.08 6.85 -6.79
N HIS A 130 1.37 7.03 -6.69
CA HIS A 130 1.90 8.39 -6.38
C HIS A 130 1.15 9.44 -7.22
N SER A 131 1.28 10.69 -6.90
CA SER A 131 0.59 11.75 -7.68
C SER A 131 1.63 12.63 -8.37
N GLN A 132 2.21 13.56 -7.66
CA GLN A 132 3.26 14.45 -8.28
C GLN A 132 3.73 15.50 -7.26
N ASP A 133 2.84 15.99 -6.44
CA ASP A 133 3.23 17.03 -5.44
C ASP A 133 4.17 16.43 -4.39
N PRO A 134 5.10 17.24 -3.93
CA PRO A 134 6.08 16.81 -2.92
C PRO A 134 5.38 16.77 -1.56
N GLY A 135 4.47 17.69 -1.36
CA GLY A 135 3.74 17.74 -0.07
C GLY A 135 2.48 16.87 -0.19
N ALA A 136 2.41 16.05 -1.20
CA ALA A 136 1.21 15.19 -1.38
C ALA A 136 1.26 14.03 -0.37
N LEU A 137 0.14 13.56 0.06
CA LEU A 137 0.14 12.41 0.99
C LEU A 137 0.53 11.17 0.21
N MET A 138 0.44 11.25 -1.09
CA MET A 138 0.81 10.10 -1.96
C MET A 138 2.08 10.47 -2.74
N ALA A 139 2.88 11.34 -2.17
CA ALA A 139 4.13 11.76 -2.86
C ALA A 139 5.11 10.58 -2.91
N PRO A 140 5.98 10.62 -3.89
CA PRO A 140 6.99 9.56 -4.09
C PRO A 140 8.20 9.73 -3.14
N ILE A 141 8.14 10.68 -2.24
CA ILE A 141 9.28 10.90 -1.31
C ILE A 141 8.75 11.03 0.13
N TYR A 142 9.54 10.63 1.09
CA TYR A 142 9.10 10.73 2.52
C TYR A 142 8.89 12.20 2.91
N THR A 143 7.70 12.54 3.32
CA THR A 143 7.42 13.96 3.71
C THR A 143 6.87 14.02 5.14
N TYR A 144 7.59 13.44 6.08
CA TYR A 144 7.12 13.47 7.51
C TYR A 144 6.63 14.88 7.85
N THR A 145 6.02 15.05 9.00
CA THR A 145 5.53 16.39 9.38
C THR A 145 4.85 16.32 10.75
N LYS A 146 5.41 16.94 11.75
CA LYS A 146 4.77 16.89 13.10
C LYS A 146 3.37 17.49 13.00
N ASN A 147 2.56 17.31 14.00
CA ASN A 147 1.19 17.89 13.96
C ASN A 147 0.32 17.14 12.95
N PHE A 148 0.76 17.04 11.72
CA PHE A 148 -0.06 16.31 10.69
C PHE A 148 -1.32 17.12 10.38
N ARG A 149 -1.75 17.12 9.15
CA ARG A 149 -2.99 17.87 8.77
C ARG A 149 -3.87 16.97 7.90
N LEU A 150 -3.64 16.97 6.60
CA LEU A 150 -4.45 16.11 5.69
C LEU A 150 -4.35 16.64 4.26
N SER A 151 -4.49 15.79 3.28
CA SER A 151 -4.39 16.26 1.87
C SER A 151 -5.71 15.98 1.14
N GLN A 152 -6.25 16.97 0.50
CA GLN A 152 -7.53 16.79 -0.25
C GLN A 152 -7.29 15.83 -1.41
N ASP A 153 -6.12 15.83 -1.99
CA ASP A 153 -5.84 14.89 -3.11
C ASP A 153 -6.39 13.53 -2.74
N ASP A 154 -6.24 13.18 -1.49
CA ASP A 154 -6.74 11.88 -1.01
C ASP A 154 -8.21 12.01 -0.60
N ILE A 155 -8.57 13.12 0.01
CA ILE A 155 -9.98 13.30 0.42
C ILE A 155 -10.87 13.28 -0.82
N LYS A 156 -10.34 13.72 -1.93
CA LYS A 156 -11.12 13.76 -3.20
C LYS A 156 -11.15 12.37 -3.85
N GLY A 157 -10.01 11.88 -4.24
CA GLY A 157 -9.98 10.55 -4.90
C GLY A 157 -10.71 9.54 -4.02
N ILE A 158 -10.54 9.64 -2.73
CA ILE A 158 -11.23 8.69 -1.81
C ILE A 158 -12.73 9.00 -1.80
N GLN A 159 -13.08 10.26 -1.79
CA GLN A 159 -14.52 10.62 -1.77
C GLN A 159 -15.13 10.29 -3.13
N GLU A 160 -14.32 10.17 -4.13
CA GLU A 160 -14.83 9.84 -5.48
C GLU A 160 -14.93 8.32 -5.63
N LEU A 161 -14.11 7.61 -4.93
CA LEU A 161 -14.14 6.12 -5.02
C LEU A 161 -15.04 5.56 -3.93
N TYR A 162 -15.29 6.34 -2.90
CA TYR A 162 -16.15 5.83 -1.79
C TYR A 162 -17.46 6.66 -1.74
N GLY A 163 -17.55 7.70 -2.51
CA GLY A 163 -18.79 8.53 -2.52
C GLY A 163 -19.56 8.28 -3.83
N MET A 1 -25.14 10.60 -20.84
CA MET A 1 -24.51 11.93 -21.01
C MET A 1 -23.29 12.03 -20.09
N TYR A 2 -23.38 11.45 -18.91
CA TYR A 2 -22.22 11.50 -17.97
C TYR A 2 -21.44 10.19 -18.08
N ASN A 3 -21.31 9.66 -19.27
CA ASN A 3 -20.56 8.39 -19.44
C ASN A 3 -19.43 8.60 -20.45
N PHE A 4 -18.71 9.69 -20.33
CA PHE A 4 -17.60 9.95 -21.28
C PHE A 4 -16.26 9.76 -20.58
N PHE A 5 -16.15 8.79 -19.72
CA PHE A 5 -14.87 8.57 -19.00
C PHE A 5 -14.46 7.09 -19.09
N PRO A 6 -13.82 6.74 -20.17
CA PRO A 6 -13.34 5.36 -20.40
C PRO A 6 -12.06 5.09 -19.62
N ARG A 7 -11.58 6.05 -18.87
CA ARG A 7 -10.32 5.83 -18.09
C ARG A 7 -10.48 4.60 -17.21
N LYS A 8 -9.59 4.41 -16.27
CA LYS A 8 -9.69 3.21 -15.38
C LYS A 8 -10.56 3.56 -14.17
N PRO A 9 -11.10 2.52 -13.57
CA PRO A 9 -11.94 2.67 -12.38
C PRO A 9 -11.05 2.90 -11.17
N LYS A 10 -10.27 3.93 -11.24
CA LYS A 10 -9.35 4.24 -10.11
C LYS A 10 -10.18 4.60 -8.87
N TRP A 11 -9.55 5.07 -7.84
CA TRP A 11 -10.32 5.43 -6.61
C TRP A 11 -10.38 6.97 -6.49
N ASP A 12 -9.63 7.54 -5.57
CA ASP A 12 -9.65 9.03 -5.43
C ASP A 12 -11.06 9.48 -5.05
N LYS A 13 -11.84 8.61 -4.48
CA LYS A 13 -13.23 8.98 -4.10
C LYS A 13 -13.26 9.43 -2.63
N ASN A 14 -14.33 10.04 -2.21
CA ASN A 14 -14.42 10.52 -0.81
C ASN A 14 -14.84 9.38 0.12
N GLN A 15 -16.12 9.16 0.30
CA GLN A 15 -16.56 8.04 1.20
C GLN A 15 -15.89 6.73 0.77
N ILE A 16 -14.80 6.39 1.41
CA ILE A 16 -14.07 5.13 1.04
C ILE A 16 -14.36 4.03 2.07
N THR A 17 -13.99 2.80 1.77
CA THR A 17 -14.24 1.66 2.71
C THR A 17 -12.97 0.83 2.88
N TYR A 18 -12.58 0.54 4.09
CA TYR A 18 -11.34 -0.28 4.30
C TYR A 18 -11.60 -1.38 5.33
N ARG A 19 -10.73 -2.37 5.39
CA ARG A 19 -10.91 -3.48 6.36
C ARG A 19 -9.57 -4.19 6.60
N ILE A 20 -9.22 -4.42 7.83
CA ILE A 20 -7.94 -5.13 8.12
C ILE A 20 -8.20 -6.63 8.25
N ILE A 21 -7.43 -7.45 7.59
CA ILE A 21 -7.66 -8.92 7.68
C ILE A 21 -7.21 -9.45 9.04
N GLY A 22 -6.37 -8.72 9.73
CA GLY A 22 -5.90 -9.20 11.06
C GLY A 22 -4.60 -8.49 11.44
N TYR A 23 -4.65 -7.68 12.45
CA TYR A 23 -3.41 -6.97 12.89
C TYR A 23 -2.63 -7.90 13.82
N THR A 24 -1.63 -7.39 14.50
CA THR A 24 -0.84 -8.29 15.42
C THR A 24 -1.23 -8.00 16.87
N PRO A 25 -1.15 -9.03 17.69
CA PRO A 25 -1.49 -8.91 19.12
C PRO A 25 -0.35 -8.26 19.89
N ASP A 26 0.84 -8.42 19.40
CA ASP A 26 2.03 -7.82 20.06
C ASP A 26 1.69 -6.42 20.59
N LEU A 27 0.75 -5.74 19.97
CA LEU A 27 0.38 -4.39 20.47
C LEU A 27 -1.14 -4.30 20.63
N ASP A 28 -1.61 -3.40 21.46
CA ASP A 28 -3.08 -3.23 21.66
C ASP A 28 -3.79 -3.36 20.32
N PRO A 29 -4.90 -4.05 20.32
CA PRO A 29 -5.73 -4.24 19.11
C PRO A 29 -6.35 -2.90 18.78
N GLU A 30 -6.77 -2.20 19.80
CA GLU A 30 -7.33 -0.87 19.58
C GLU A 30 -6.16 0.05 19.25
N THR A 31 -4.97 -0.33 19.65
CA THR A 31 -3.79 0.52 19.31
C THR A 31 -3.38 0.24 17.86
N VAL A 32 -3.21 -1.02 17.53
CA VAL A 32 -2.83 -1.38 16.15
C VAL A 32 -3.85 -0.78 15.20
N ASP A 33 -5.09 -0.82 15.59
CA ASP A 33 -6.14 -0.22 14.72
C ASP A 33 -6.11 1.29 14.91
N ASP A 34 -5.72 1.76 16.08
CA ASP A 34 -5.68 3.23 16.30
C ASP A 34 -4.71 3.83 15.29
N ALA A 35 -3.58 3.21 15.09
CA ALA A 35 -2.58 3.75 14.12
C ALA A 35 -3.31 4.20 12.85
N PHE A 36 -4.06 3.31 12.26
CA PHE A 36 -4.80 3.66 11.02
C PHE A 36 -5.68 4.89 11.28
N ALA A 37 -6.32 4.94 12.41
CA ALA A 37 -7.19 6.12 12.73
C ALA A 37 -6.34 7.39 12.64
N ARG A 38 -5.38 7.54 13.50
CA ARG A 38 -4.50 8.74 13.46
C ARG A 38 -4.04 8.95 12.02
N ALA A 39 -3.76 7.88 11.31
CA ALA A 39 -3.32 7.99 9.89
C ALA A 39 -4.44 8.61 9.06
N PHE A 40 -5.66 8.14 9.19
CA PHE A 40 -6.77 8.73 8.40
C PHE A 40 -6.74 10.25 8.63
N GLN A 41 -6.35 10.65 9.81
CA GLN A 41 -6.29 12.10 10.12
C GLN A 41 -4.96 12.68 9.58
N VAL A 42 -4.01 11.84 9.27
CA VAL A 42 -2.71 12.35 8.76
C VAL A 42 -2.86 12.86 7.33
N TRP A 43 -3.69 12.21 6.55
CA TRP A 43 -3.90 12.66 5.14
C TRP A 43 -5.25 13.36 5.03
N SER A 44 -6.16 13.04 5.89
CA SER A 44 -7.50 13.69 5.82
C SER A 44 -7.41 15.10 6.38
N ASP A 45 -6.38 15.37 7.14
CA ASP A 45 -6.22 16.73 7.73
C ASP A 45 -6.00 17.77 6.61
N VAL A 46 -5.64 17.34 5.43
CA VAL A 46 -5.42 18.32 4.32
C VAL A 46 -6.53 18.15 3.27
N THR A 47 -7.62 17.56 3.66
CA THR A 47 -8.73 17.38 2.68
C THR A 47 -9.95 16.81 3.42
N PRO A 48 -11.12 17.13 2.93
CA PRO A 48 -12.39 16.71 3.53
C PRO A 48 -12.73 15.28 3.11
N LEU A 49 -11.79 14.38 3.20
CA LEU A 49 -12.07 12.97 2.80
C LEU A 49 -12.77 12.25 3.97
N ARG A 50 -13.64 11.32 3.67
CA ARG A 50 -14.36 10.57 4.75
C ARG A 50 -14.09 9.08 4.58
N PHE A 51 -13.58 8.42 5.59
CA PHE A 51 -13.31 6.96 5.47
C PHE A 51 -14.40 6.17 6.18
N SER A 52 -14.76 5.03 5.63
CA SER A 52 -15.80 4.19 6.28
C SER A 52 -15.18 2.85 6.65
N ARG A 53 -15.17 2.52 7.91
CA ARG A 53 -14.56 1.22 8.33
C ARG A 53 -15.62 0.12 8.24
N ILE A 54 -15.24 -1.05 7.83
CA ILE A 54 -16.23 -2.16 7.72
C ILE A 54 -15.60 -3.47 8.16
N HIS A 55 -16.27 -4.57 7.92
CA HIS A 55 -15.71 -5.89 8.31
C HIS A 55 -16.40 -6.99 7.49
N ASP A 56 -17.64 -6.81 7.15
CA ASP A 56 -18.36 -7.83 6.34
C ASP A 56 -18.74 -7.23 4.98
N GLY A 57 -18.95 -8.06 4.00
CA GLY A 57 -19.31 -7.53 2.65
C GLY A 57 -18.04 -7.17 1.89
N GLU A 58 -16.91 -7.56 2.41
CA GLU A 58 -15.61 -7.24 1.73
C GLU A 58 -15.40 -5.72 1.76
N ALA A 59 -14.18 -5.26 1.62
CA ALA A 59 -13.93 -3.78 1.66
C ALA A 59 -13.13 -3.35 0.43
N ASP A 60 -13.42 -2.18 -0.08
CA ASP A 60 -12.67 -1.68 -1.27
C ASP A 60 -11.17 -1.78 -0.99
N ILE A 61 -10.69 -1.11 0.04
CA ILE A 61 -9.23 -1.20 0.35
C ILE A 61 -9.04 -2.23 1.47
N MET A 62 -8.14 -3.16 1.30
CA MET A 62 -7.93 -4.20 2.35
C MET A 62 -6.47 -4.25 2.79
N ILE A 63 -6.20 -3.93 4.03
CA ILE A 63 -4.80 -3.95 4.53
C ILE A 63 -4.61 -5.19 5.41
N ASN A 64 -3.39 -5.66 5.55
CA ASN A 64 -3.15 -6.85 6.39
C ASN A 64 -1.66 -7.21 6.37
N PHE A 65 -1.31 -8.33 6.95
CA PHE A 65 0.11 -8.74 6.97
C PHE A 65 0.20 -10.22 6.58
N GLY A 66 1.40 -10.72 6.37
CA GLY A 66 1.56 -12.15 5.99
C GLY A 66 3.04 -12.47 5.81
N ARG A 67 3.58 -13.32 6.65
CA ARG A 67 5.03 -13.67 6.55
C ARG A 67 5.37 -14.19 5.15
N TRP A 68 6.34 -15.08 5.04
CA TRP A 68 6.73 -15.61 3.70
C TRP A 68 5.48 -16.05 2.95
N GLU A 69 4.66 -16.86 3.55
CA GLU A 69 3.42 -17.32 2.87
C GLU A 69 2.77 -16.12 2.16
N HIS A 70 2.24 -15.20 2.92
CA HIS A 70 1.62 -13.99 2.31
C HIS A 70 0.27 -14.34 1.67
N GLY A 71 0.29 -15.02 0.55
CA GLY A 71 -0.99 -15.38 -0.11
C GLY A 71 -1.08 -14.74 -1.49
N ASP A 72 0.00 -14.16 -1.97
CA ASP A 72 0.00 -13.54 -3.29
C ASP A 72 1.41 -13.15 -3.70
N GLY A 73 2.24 -14.13 -3.95
CA GLY A 73 3.64 -13.83 -4.36
C GLY A 73 4.62 -14.39 -3.32
N TYR A 74 5.88 -14.22 -3.55
CA TYR A 74 6.88 -14.73 -2.56
C TYR A 74 7.69 -13.55 -2.03
N PRO A 75 7.07 -12.80 -1.15
CA PRO A 75 7.71 -11.64 -0.53
C PRO A 75 8.73 -12.14 0.50
N PHE A 76 8.27 -12.42 1.68
CA PHE A 76 9.18 -12.95 2.72
C PHE A 76 10.31 -11.96 2.99
N ASP A 77 11.47 -12.19 2.43
CA ASP A 77 12.61 -11.26 2.71
C ASP A 77 13.14 -11.55 4.11
N GLY A 78 12.28 -11.53 5.10
CA GLY A 78 12.73 -11.79 6.49
C GLY A 78 12.86 -10.47 7.22
N LYS A 79 13.76 -10.36 8.15
CA LYS A 79 13.92 -9.08 8.88
C LYS A 79 14.19 -7.96 7.87
N ASP A 80 14.00 -6.73 8.27
CA ASP A 80 14.23 -5.58 7.34
C ASP A 80 13.75 -5.94 5.92
N GLY A 81 14.40 -5.42 4.92
CA GLY A 81 14.00 -5.70 3.52
C GLY A 81 12.51 -5.44 3.33
N LEU A 82 11.87 -6.22 2.49
CA LEU A 82 10.41 -6.04 2.25
C LEU A 82 9.70 -5.73 3.57
N LEU A 83 9.19 -4.54 3.72
CA LEU A 83 8.50 -4.19 4.98
C LEU A 83 6.99 -4.08 4.74
N ALA A 84 6.58 -3.93 3.51
CA ALA A 84 5.12 -3.82 3.22
C ALA A 84 4.92 -3.25 1.81
N HIS A 85 3.75 -3.40 1.25
CA HIS A 85 3.52 -2.85 -0.12
C HIS A 85 2.03 -2.54 -0.31
N ALA A 86 1.68 -2.01 -1.45
CA ALA A 86 0.25 -1.67 -1.72
C ALA A 86 -0.10 -2.10 -3.16
N PHE A 87 -1.35 -2.34 -3.45
CA PHE A 87 -1.72 -2.76 -4.82
C PHE A 87 -2.31 -1.55 -5.59
N ALA A 88 -2.38 -1.63 -6.89
CA ALA A 88 -2.93 -0.50 -7.69
C ALA A 88 -4.46 -0.58 -7.71
N PRO A 89 -5.10 0.54 -7.97
CA PRO A 89 -6.56 0.61 -8.03
C PRO A 89 -7.05 0.06 -9.36
N GLY A 90 -8.20 -0.55 -9.39
CA GLY A 90 -8.70 -1.11 -10.68
C GLY A 90 -9.79 -2.15 -10.41
N THR A 91 -10.72 -1.85 -9.55
CA THR A 91 -11.82 -2.81 -9.26
C THR A 91 -11.27 -4.01 -8.47
N GLY A 92 -12.04 -4.50 -7.53
CA GLY A 92 -11.59 -5.66 -6.70
C GLY A 92 -10.09 -5.56 -6.44
N VAL A 93 -9.30 -6.33 -7.14
CA VAL A 93 -7.84 -6.26 -6.92
C VAL A 93 -7.43 -4.79 -6.95
N GLY A 94 -6.87 -4.31 -5.88
CA GLY A 94 -6.47 -2.88 -5.85
C GLY A 94 -6.94 -2.23 -4.55
N GLY A 95 -6.17 -1.32 -4.03
CA GLY A 95 -6.55 -0.64 -2.76
C GLY A 95 -6.21 -1.57 -1.58
N ASP A 96 -5.62 -2.69 -1.86
CA ASP A 96 -5.25 -3.63 -0.77
C ASP A 96 -3.73 -3.62 -0.56
N SER A 97 -3.29 -3.47 0.65
CA SER A 97 -1.84 -3.43 0.93
C SER A 97 -1.48 -4.53 1.93
N HIS A 98 -0.43 -5.28 1.67
CA HIS A 98 -0.03 -6.36 2.62
C HIS A 98 1.30 -5.99 3.27
N PHE A 99 1.40 -6.15 4.56
CA PHE A 99 2.67 -5.78 5.26
C PHE A 99 3.46 -7.05 5.61
N ASP A 100 4.76 -6.97 5.49
CA ASP A 100 5.60 -8.14 5.85
C ASP A 100 5.42 -8.42 7.34
N ASP A 101 5.45 -9.65 7.75
CA ASP A 101 5.29 -9.95 9.19
C ASP A 101 6.68 -9.93 9.83
N ASP A 102 7.15 -11.06 10.27
CA ASP A 102 8.49 -11.13 10.91
C ASP A 102 8.75 -9.85 11.72
N GLU A 103 9.99 -9.55 12.00
CA GLU A 103 10.31 -8.32 12.78
C GLU A 103 9.21 -8.05 13.83
N LEU A 104 8.60 -6.88 13.81
CA LEU A 104 7.52 -6.56 14.79
C LEU A 104 6.96 -5.15 14.47
N TRP A 105 5.67 -4.99 14.47
CA TRP A 105 5.08 -3.65 14.13
C TRP A 105 4.10 -3.19 15.23
N THR A 106 4.31 -2.02 15.80
CA THR A 106 3.39 -1.55 16.88
C THR A 106 3.24 -0.03 16.86
N ASN A 107 2.79 0.56 17.95
CA ASN A 107 2.59 2.04 17.99
C ASN A 107 3.66 2.70 18.86
N THR A 108 4.76 2.06 19.12
CA THR A 108 5.80 2.70 19.97
C THR A 108 7.15 2.66 19.27
N SER A 109 7.45 1.59 18.57
CA SER A 109 8.76 1.51 17.87
C SER A 109 8.84 0.17 17.11
N ALA A 110 9.27 -0.88 17.77
CA ALA A 110 9.38 -2.21 17.09
C ALA A 110 9.83 -2.01 15.64
N ASN A 111 8.90 -1.95 14.72
CA ASN A 111 9.28 -1.75 13.29
C ASN A 111 9.43 -0.26 13.04
N TYR A 112 8.33 0.43 12.84
CA TYR A 112 8.39 1.89 12.58
C TYR A 112 7.04 2.52 12.94
N SER A 113 6.44 2.07 14.01
CA SER A 113 5.11 2.63 14.43
C SER A 113 4.07 2.35 13.35
N LEU A 114 3.14 1.45 13.60
CA LEU A 114 2.09 1.16 12.59
C LEU A 114 1.63 2.47 11.90
N PHE A 115 1.50 3.53 12.65
CA PHE A 115 1.06 4.84 12.06
C PHE A 115 2.04 5.27 10.97
N LEU A 116 3.31 5.21 11.26
CA LEU A 116 4.34 5.61 10.27
C LEU A 116 4.35 4.63 9.09
N VAL A 117 4.49 3.35 9.35
CA VAL A 117 4.49 2.37 8.22
C VAL A 117 3.18 2.48 7.44
N ALA A 118 2.07 2.44 8.13
CA ALA A 118 0.75 2.53 7.46
C ALA A 118 0.69 3.79 6.60
N ALA A 119 1.15 4.90 7.12
CA ALA A 119 1.08 6.15 6.32
C ALA A 119 1.73 5.92 4.95
N HIS A 120 2.93 5.39 4.92
CA HIS A 120 3.58 5.16 3.60
C HIS A 120 2.68 4.29 2.73
N GLU A 121 2.39 3.10 3.17
CA GLU A 121 1.51 2.20 2.37
C GLU A 121 0.11 2.81 2.25
N PHE A 122 -0.18 3.84 3.01
CA PHE A 122 -1.54 4.45 2.89
C PHE A 122 -1.48 5.51 1.79
N GLY A 123 -0.30 5.95 1.46
CA GLY A 123 -0.17 6.95 0.37
C GLY A 123 -0.23 6.19 -0.95
N HIS A 124 0.44 5.07 -1.02
CA HIS A 124 0.38 4.25 -2.27
C HIS A 124 -1.02 3.65 -2.35
N ALA A 125 -1.51 3.17 -1.24
CA ALA A 125 -2.89 2.58 -1.24
C ALA A 125 -3.83 3.52 -1.98
N MET A 126 -3.57 4.79 -1.90
CA MET A 126 -4.42 5.78 -2.61
C MET A 126 -4.14 5.69 -4.11
N GLY A 127 -3.09 6.31 -4.57
CA GLY A 127 -2.78 6.24 -6.04
C GLY A 127 -1.41 6.86 -6.33
N LEU A 128 -1.11 7.96 -5.68
CA LEU A 128 0.20 8.63 -5.92
C LEU A 128 1.38 7.69 -5.66
N GLU A 129 2.52 7.95 -6.26
CA GLU A 129 3.73 7.07 -6.06
C GLU A 129 4.80 7.84 -5.29
N HIS A 130 5.95 7.25 -5.16
CA HIS A 130 7.06 7.93 -4.41
C HIS A 130 7.27 9.34 -4.98
N SER A 131 7.60 10.27 -4.13
CA SER A 131 7.81 11.67 -4.61
C SER A 131 9.20 12.14 -4.21
N GLN A 132 10.09 11.23 -3.93
CA GLN A 132 11.47 11.63 -3.54
C GLN A 132 11.39 12.62 -2.37
N ASP A 133 12.41 13.42 -2.19
CA ASP A 133 12.39 14.40 -1.07
C ASP A 133 12.44 13.64 0.26
N PRO A 134 13.28 14.11 1.17
CA PRO A 134 13.44 13.48 2.49
C PRO A 134 12.21 13.77 3.37
N GLY A 135 11.71 14.97 3.31
CA GLY A 135 10.52 15.30 4.14
C GLY A 135 9.26 14.80 3.43
N ALA A 136 9.41 14.03 2.39
CA ALA A 136 8.21 13.52 1.67
C ALA A 136 7.55 12.39 2.46
N LEU A 137 6.28 12.21 2.27
CA LEU A 137 5.57 11.13 3.00
C LEU A 137 5.71 9.84 2.21
N MET A 138 6.00 9.94 0.93
CA MET A 138 6.16 8.71 0.12
C MET A 138 7.61 8.56 -0.32
N ALA A 139 8.53 9.07 0.46
CA ALA A 139 9.96 8.90 0.09
C ALA A 139 10.27 7.41 0.08
N PRO A 140 11.23 7.02 -0.70
CA PRO A 140 11.63 5.61 -0.81
C PRO A 140 12.48 5.20 0.39
N ILE A 141 12.57 6.03 1.40
CA ILE A 141 13.38 5.66 2.60
C ILE A 141 12.50 5.72 3.84
N TYR A 142 12.55 6.78 4.60
CA TYR A 142 11.69 6.86 5.82
C TYR A 142 11.95 8.18 6.55
N THR A 143 10.92 8.75 7.14
CA THR A 143 11.08 10.03 7.86
C THR A 143 10.29 9.97 9.18
N TYR A 144 10.88 9.42 10.20
CA TYR A 144 10.16 9.31 11.51
C TYR A 144 9.68 10.68 11.97
N THR A 145 8.74 10.70 12.87
CA THR A 145 8.22 12.00 13.39
C THR A 145 7.07 11.76 14.37
N LYS A 146 7.04 12.49 15.47
CA LYS A 146 5.93 12.32 16.46
C LYS A 146 4.84 13.35 16.16
N ASN A 147 5.12 14.59 16.40
CA ASN A 147 4.12 15.65 16.11
C ASN A 147 3.63 15.48 14.68
N PHE A 148 4.46 14.97 13.82
CA PHE A 148 4.05 14.77 12.40
C PHE A 148 3.65 16.13 11.80
N ARG A 149 4.12 16.42 10.62
CA ARG A 149 3.78 17.73 9.99
C ARG A 149 2.89 17.52 8.75
N LEU A 150 2.84 16.31 8.25
CA LEU A 150 2.02 16.02 7.03
C LEU A 150 2.83 16.35 5.78
N SER A 151 3.79 17.24 5.90
CA SER A 151 4.64 17.64 4.74
C SER A 151 3.76 18.14 3.58
N GLN A 152 4.12 19.25 3.02
CA GLN A 152 3.33 19.80 1.88
C GLN A 152 3.59 18.95 0.65
N ASP A 153 4.71 18.29 0.58
CA ASP A 153 4.97 17.44 -0.60
C ASP A 153 3.74 16.57 -0.81
N ASP A 154 3.18 16.07 0.26
CA ASP A 154 1.97 15.22 0.15
C ASP A 154 0.73 16.12 0.06
N ILE A 155 0.64 17.16 0.85
CA ILE A 155 -0.56 18.05 0.76
C ILE A 155 -0.73 18.43 -0.70
N LYS A 156 0.37 18.56 -1.39
CA LYS A 156 0.35 18.93 -2.83
C LYS A 156 -0.11 17.75 -3.67
N GLY A 157 0.45 16.58 -3.44
CA GLY A 157 0.03 15.39 -4.23
C GLY A 157 -1.36 14.95 -3.81
N ILE A 158 -1.57 14.72 -2.54
CA ILE A 158 -2.90 14.27 -2.08
C ILE A 158 -4.00 15.12 -2.72
N GLN A 159 -3.91 16.42 -2.64
CA GLN A 159 -4.96 17.28 -3.28
C GLN A 159 -5.06 16.93 -4.76
N GLU A 160 -3.97 17.05 -5.46
CA GLU A 160 -3.97 16.75 -6.91
C GLU A 160 -4.72 15.46 -7.19
N LEU A 161 -4.79 14.57 -6.23
CA LEU A 161 -5.51 13.29 -6.45
C LEU A 161 -6.93 13.41 -5.89
N TYR A 162 -7.09 13.73 -4.63
CA TYR A 162 -8.45 13.87 -4.06
C TYR A 162 -9.03 15.21 -4.49
N GLY A 163 -8.61 16.28 -3.87
CA GLY A 163 -9.13 17.63 -4.25
C GLY A 163 -8.03 18.68 -4.05
N MET A 1 -23.74 0.78 15.99
CA MET A 1 -23.45 0.91 17.43
C MET A 1 -23.09 -0.46 18.02
N TYR A 2 -21.84 -0.66 18.37
CA TYR A 2 -21.43 -1.98 18.93
C TYR A 2 -21.35 -3.02 17.82
N ASN A 3 -21.06 -4.24 18.15
CA ASN A 3 -20.96 -5.28 17.10
C ASN A 3 -19.88 -4.90 16.09
N PHE A 4 -18.95 -4.09 16.48
CA PHE A 4 -17.88 -3.67 15.54
C PHE A 4 -18.51 -3.08 14.27
N PHE A 5 -18.20 -3.60 13.11
CA PHE A 5 -18.81 -3.03 11.86
C PHE A 5 -18.28 -3.80 10.64
N PRO A 6 -16.98 -3.81 10.47
CA PRO A 6 -16.35 -4.51 9.34
C PRO A 6 -16.41 -6.03 9.54
N ARG A 7 -16.97 -6.74 8.60
CA ARG A 7 -17.04 -8.22 8.74
C ARG A 7 -15.77 -8.83 8.15
N LYS A 8 -14.74 -8.05 8.03
CA LYS A 8 -13.47 -8.59 7.48
C LYS A 8 -12.58 -8.96 8.65
N PRO A 9 -11.84 -10.01 8.51
CA PRO A 9 -10.93 -10.46 9.55
C PRO A 9 -9.70 -9.55 9.52
N LYS A 10 -9.93 -8.28 9.67
CA LYS A 10 -8.80 -7.32 9.64
C LYS A 10 -7.81 -7.69 10.74
N TRP A 11 -6.63 -7.16 10.69
CA TRP A 11 -5.64 -7.48 11.73
C TRP A 11 -5.86 -6.59 12.94
N ASP A 12 -6.91 -6.84 13.67
CA ASP A 12 -7.22 -6.00 14.87
C ASP A 12 -7.30 -6.89 16.11
N LYS A 13 -6.22 -7.53 16.47
CA LYS A 13 -6.27 -8.41 17.67
C LYS A 13 -5.18 -8.00 18.66
N ASN A 14 -4.86 -8.84 19.59
CA ASN A 14 -3.81 -8.50 20.59
C ASN A 14 -2.58 -9.35 20.32
N GLN A 15 -2.79 -10.57 19.90
CA GLN A 15 -1.65 -11.47 19.62
C GLN A 15 -1.27 -11.40 18.15
N ILE A 16 -0.27 -10.63 17.81
CA ILE A 16 0.12 -10.55 16.40
C ILE A 16 1.36 -11.43 16.18
N THR A 17 1.73 -11.65 14.96
CA THR A 17 2.93 -12.49 14.70
C THR A 17 3.73 -11.86 13.56
N TYR A 18 5.02 -11.75 13.71
CA TYR A 18 5.80 -11.12 12.62
C TYR A 18 7.05 -11.92 12.31
N ARG A 19 7.42 -11.94 11.06
CA ARG A 19 8.63 -12.67 10.63
C ARG A 19 9.20 -11.97 9.39
N ILE A 20 10.46 -11.60 9.43
CA ILE A 20 11.05 -10.91 8.24
C ILE A 20 11.56 -11.96 7.25
N ILE A 21 11.10 -11.92 6.03
CA ILE A 21 11.58 -12.93 5.05
C ILE A 21 13.11 -12.93 5.02
N GLY A 22 13.71 -11.83 5.33
CA GLY A 22 15.20 -11.77 5.32
C GLY A 22 15.67 -10.32 5.28
N TYR A 23 15.79 -9.71 6.42
CA TYR A 23 16.26 -8.30 6.47
C TYR A 23 17.48 -8.14 5.57
N THR A 24 18.00 -6.96 5.46
CA THR A 24 19.19 -6.76 4.57
C THR A 24 20.47 -7.01 5.38
N PRO A 25 21.42 -7.65 4.74
CA PRO A 25 22.72 -7.96 5.35
C PRO A 25 23.63 -6.72 5.30
N ASP A 26 23.34 -5.85 4.38
CA ASP A 26 24.16 -4.60 4.24
C ASP A 26 24.52 -4.05 5.63
N LEU A 27 23.70 -4.31 6.63
CA LEU A 27 24.03 -3.79 7.98
C LEU A 27 23.88 -4.89 9.03
N ASP A 28 24.31 -4.64 10.24
CA ASP A 28 24.19 -5.67 11.31
C ASP A 28 22.82 -6.33 11.22
N PRO A 29 22.82 -7.64 11.31
CA PRO A 29 21.57 -8.41 11.26
C PRO A 29 20.82 -8.10 12.54
N GLU A 30 21.57 -7.84 13.57
CA GLU A 30 20.95 -7.47 14.86
C GLU A 30 20.48 -6.02 14.73
N THR A 31 21.20 -5.21 14.00
CA THR A 31 20.74 -3.79 13.84
C THR A 31 19.48 -3.80 12.98
N VAL A 32 19.57 -4.42 11.84
CA VAL A 32 18.41 -4.48 10.94
C VAL A 32 17.23 -5.09 11.71
N ASP A 33 17.52 -6.05 12.54
CA ASP A 33 16.46 -6.67 13.36
C ASP A 33 16.09 -5.69 14.48
N ASP A 34 17.04 -4.91 14.91
CA ASP A 34 16.74 -3.92 15.99
C ASP A 34 15.74 -2.90 15.45
N ALA A 35 15.84 -2.59 14.19
CA ALA A 35 14.88 -1.62 13.60
C ALA A 35 13.46 -2.02 13.98
N PHE A 36 13.12 -3.28 13.80
CA PHE A 36 11.76 -3.74 14.17
C PHE A 36 11.66 -3.76 15.70
N ALA A 37 12.77 -3.89 16.37
CA ALA A 37 12.74 -3.89 17.86
C ALA A 37 12.28 -2.52 18.33
N ARG A 38 13.04 -1.49 18.05
CA ARG A 38 12.62 -0.13 18.48
C ARG A 38 11.23 0.14 17.94
N ALA A 39 10.95 -0.28 16.74
CA ALA A 39 9.60 -0.06 16.17
C ALA A 39 8.58 -0.74 17.09
N PHE A 40 8.77 -1.98 17.42
CA PHE A 40 7.82 -2.66 18.34
C PHE A 40 7.51 -1.70 19.48
N GLN A 41 8.51 -1.14 20.09
CA GLN A 41 8.27 -0.20 21.22
C GLN A 41 7.65 1.10 20.69
N VAL A 42 7.90 1.44 19.46
CA VAL A 42 7.32 2.70 18.92
C VAL A 42 5.79 2.58 18.97
N TRP A 43 5.28 1.40 18.78
CA TRP A 43 3.80 1.21 18.82
C TRP A 43 3.40 0.58 20.17
N SER A 44 3.97 -0.55 20.50
CA SER A 44 3.61 -1.21 21.79
C SER A 44 3.64 -0.21 22.93
N ASP A 45 4.57 0.72 22.89
CA ASP A 45 4.68 1.72 23.99
C ASP A 45 3.40 2.57 24.08
N VAL A 46 2.71 2.77 22.99
CA VAL A 46 1.47 3.59 23.05
C VAL A 46 0.25 2.67 22.88
N THR A 47 0.48 1.39 22.91
CA THR A 47 -0.65 0.43 22.75
C THR A 47 -0.32 -0.84 23.55
N PRO A 48 -1.28 -1.32 24.30
CA PRO A 48 -1.11 -2.53 25.13
C PRO A 48 -1.23 -3.80 24.28
N LEU A 49 -0.86 -3.76 23.03
CA LEU A 49 -0.95 -4.97 22.17
C LEU A 49 0.30 -5.81 22.33
N ARG A 50 0.18 -7.11 22.35
CA ARG A 50 1.38 -7.97 22.50
C ARG A 50 1.79 -8.52 21.13
N PHE A 51 3.00 -8.24 20.73
CA PHE A 51 3.49 -8.72 19.40
C PHE A 51 4.26 -10.03 19.60
N SER A 52 4.13 -10.94 18.68
CA SER A 52 4.86 -12.23 18.81
C SER A 52 5.73 -12.47 17.57
N ARG A 53 6.89 -13.01 17.75
CA ARG A 53 7.77 -13.28 16.57
C ARG A 53 7.65 -14.76 16.20
N ILE A 54 8.05 -15.14 15.01
CA ILE A 54 7.97 -16.58 14.66
C ILE A 54 9.14 -16.96 13.76
N HIS A 55 9.39 -18.24 13.60
CA HIS A 55 10.53 -18.66 12.76
C HIS A 55 10.20 -19.97 12.04
N ASP A 56 8.98 -20.13 11.59
CA ASP A 56 8.59 -21.39 10.86
C ASP A 56 7.07 -21.44 10.68
N GLY A 57 6.60 -22.33 9.86
CA GLY A 57 5.12 -22.44 9.63
C GLY A 57 4.65 -21.29 8.76
N GLU A 58 4.43 -20.14 9.36
CA GLU A 58 3.97 -18.96 8.58
C GLU A 58 3.77 -17.78 9.53
N ALA A 59 3.64 -16.59 9.01
CA ALA A 59 3.45 -15.41 9.90
C ALA A 59 2.39 -14.47 9.30
N ASP A 60 1.62 -13.81 10.12
CA ASP A 60 0.60 -12.88 9.56
C ASP A 60 1.31 -11.71 8.87
N ILE A 61 2.15 -10.99 9.58
CA ILE A 61 2.85 -9.87 8.90
C ILE A 61 4.21 -10.37 8.41
N MET A 62 4.41 -10.34 7.11
CA MET A 62 5.71 -10.82 6.52
C MET A 62 6.44 -9.62 5.90
N ILE A 63 7.56 -9.26 6.46
CA ILE A 63 8.30 -8.10 5.89
C ILE A 63 9.42 -8.59 4.99
N ASN A 64 9.82 -7.80 4.03
CA ASN A 64 10.91 -8.22 3.12
C ASN A 64 11.27 -7.08 2.18
N PHE A 65 12.10 -7.36 1.21
CA PHE A 65 12.49 -6.30 0.24
C PHE A 65 12.00 -6.69 -1.14
N GLY A 66 12.39 -5.98 -2.17
CA GLY A 66 11.92 -6.35 -3.53
C GLY A 66 12.77 -5.64 -4.59
N ARG A 67 13.47 -6.40 -5.40
CA ARG A 67 14.30 -5.77 -6.45
C ARG A 67 13.46 -5.62 -7.71
N TRP A 68 14.08 -5.27 -8.81
CA TRP A 68 13.32 -5.10 -10.08
C TRP A 68 12.50 -6.37 -10.37
N GLU A 69 12.81 -7.46 -9.74
CA GLU A 69 12.06 -8.72 -10.00
C GLU A 69 10.68 -8.69 -9.32
N HIS A 70 10.50 -9.42 -8.24
CA HIS A 70 9.17 -9.43 -7.57
C HIS A 70 8.12 -9.86 -8.58
N GLY A 71 6.88 -9.52 -8.34
CA GLY A 71 5.79 -9.89 -9.29
C GLY A 71 4.53 -9.11 -8.92
N ASP A 72 4.69 -7.88 -8.51
CA ASP A 72 3.51 -7.08 -8.12
C ASP A 72 2.75 -6.61 -9.35
N GLY A 73 3.16 -7.04 -10.53
CA GLY A 73 2.43 -6.63 -11.76
C GLY A 73 3.10 -5.42 -12.42
N TYR A 74 3.50 -4.44 -11.64
CA TYR A 74 4.14 -3.22 -12.23
C TYR A 74 5.67 -3.26 -12.05
N PRO A 75 6.36 -2.48 -12.84
CA PRO A 75 7.83 -2.39 -12.80
C PRO A 75 8.30 -1.50 -11.65
N PHE A 76 9.38 -1.87 -10.99
CA PHE A 76 9.89 -1.04 -9.87
C PHE A 76 10.19 0.37 -10.35
N ASP A 77 9.99 1.34 -9.49
CA ASP A 77 10.24 2.75 -9.87
C ASP A 77 11.74 3.02 -9.95
N GLY A 78 12.54 2.02 -9.73
CA GLY A 78 14.02 2.25 -9.78
C GLY A 78 14.49 2.83 -8.45
N LYS A 79 15.64 3.43 -8.41
CA LYS A 79 16.13 4.02 -7.14
C LYS A 79 15.21 5.16 -6.71
N ASP A 80 15.28 5.57 -5.47
CA ASP A 80 14.39 6.66 -5.00
C ASP A 80 12.94 6.28 -5.31
N GLY A 81 12.03 7.21 -5.15
CA GLY A 81 10.60 6.91 -5.44
C GLY A 81 10.04 5.87 -4.47
N LEU A 82 9.19 5.00 -4.94
CA LEU A 82 8.58 3.95 -4.06
C LEU A 82 9.62 3.42 -3.07
N LEU A 83 9.30 3.44 -1.82
CA LEU A 83 10.24 2.92 -0.80
C LEU A 83 9.65 1.66 -0.16
N ALA A 84 8.35 1.52 -0.19
CA ALA A 84 7.74 0.32 0.44
C ALA A 84 6.22 0.35 0.29
N HIS A 85 5.59 -0.79 0.48
CA HIS A 85 4.10 -0.85 0.37
C HIS A 85 3.57 -1.94 1.31
N ALA A 86 2.28 -1.97 1.52
CA ALA A 86 1.72 -3.00 2.45
C ALA A 86 0.48 -3.65 1.81
N PHE A 87 0.31 -4.93 2.01
CA PHE A 87 -0.87 -5.62 1.41
C PHE A 87 -2.11 -5.38 2.30
N ALA A 88 -3.28 -5.74 1.82
CA ALA A 88 -4.51 -5.52 2.65
C ALA A 88 -4.65 -6.64 3.68
N PRO A 89 -5.28 -6.31 4.78
CA PRO A 89 -5.50 -7.25 5.89
C PRO A 89 -6.67 -8.19 5.60
N GLY A 90 -6.54 -9.43 5.96
CA GLY A 90 -7.64 -10.40 5.71
C GLY A 90 -7.11 -11.55 4.85
N THR A 91 -6.34 -11.23 3.85
CA THR A 91 -5.77 -12.30 2.97
C THR A 91 -4.68 -13.05 3.72
N GLY A 92 -4.36 -14.24 3.31
CA GLY A 92 -3.29 -15.03 3.99
C GLY A 92 -1.94 -14.34 3.82
N VAL A 93 -1.84 -13.44 2.87
CA VAL A 93 -0.56 -12.71 2.66
C VAL A 93 -0.67 -11.30 3.24
N GLY A 94 -1.79 -10.98 3.81
CA GLY A 94 -1.97 -9.62 4.40
C GLY A 94 -0.92 -9.41 5.49
N GLY A 95 -0.64 -8.19 5.83
CA GLY A 95 0.39 -7.91 6.88
C GLY A 95 1.79 -8.07 6.29
N ASP A 96 1.88 -8.52 5.07
CA ASP A 96 3.22 -8.67 4.45
C ASP A 96 3.57 -7.38 3.73
N SER A 97 4.75 -6.85 3.97
CA SER A 97 5.14 -5.59 3.31
C SER A 97 6.43 -5.80 2.52
N HIS A 98 6.55 -5.19 1.38
CA HIS A 98 7.77 -5.36 0.58
C HIS A 98 8.48 -4.01 0.47
N PHE A 99 9.71 -3.95 0.90
CA PHE A 99 10.47 -2.68 0.81
C PHE A 99 11.36 -2.73 -0.42
N ASP A 100 11.57 -1.62 -1.06
CA ASP A 100 12.43 -1.61 -2.28
C ASP A 100 13.72 -2.38 -1.96
N ASP A 101 14.46 -2.77 -2.97
CA ASP A 101 15.73 -3.51 -2.72
C ASP A 101 16.90 -2.67 -3.26
N ASP A 102 16.62 -1.74 -4.12
CA ASP A 102 17.70 -0.88 -4.68
C ASP A 102 18.02 0.24 -3.68
N GLU A 103 17.03 0.67 -2.95
CA GLU A 103 17.25 1.78 -1.96
C GLU A 103 18.18 1.32 -0.83
N LEU A 104 18.76 2.26 -0.12
CA LEU A 104 19.69 1.92 0.99
C LEU A 104 19.00 2.18 2.33
N TRP A 105 18.61 1.14 3.02
CA TRP A 105 17.92 1.31 4.32
C TRP A 105 18.80 0.72 5.43
N THR A 106 19.16 1.48 6.42
CA THR A 106 20.03 0.94 7.52
C THR A 106 19.74 1.63 8.84
N ASN A 107 19.94 0.95 9.94
CA ASN A 107 19.66 1.58 11.28
C ASN A 107 20.97 1.80 12.03
N THR A 108 21.79 2.70 11.57
CA THR A 108 23.08 2.97 12.27
C THR A 108 23.76 4.19 11.63
N SER A 109 23.30 5.37 11.93
CA SER A 109 23.94 6.58 11.33
C SER A 109 24.16 6.35 9.82
N ALA A 110 23.11 6.42 9.05
CA ALA A 110 23.25 6.22 7.58
C ALA A 110 22.09 6.93 6.87
N ASN A 111 21.78 6.53 5.67
CA ASN A 111 20.66 7.20 4.94
C ASN A 111 19.31 6.79 5.53
N TYR A 112 18.49 6.08 4.77
CA TYR A 112 17.15 5.68 5.28
C TYR A 112 17.32 4.78 6.49
N SER A 113 16.41 4.86 7.42
CA SER A 113 16.52 4.03 8.65
C SER A 113 15.44 2.95 8.67
N LEU A 114 15.83 1.71 8.51
CA LEU A 114 14.84 0.58 8.52
C LEU A 114 13.77 0.82 9.58
N PHE A 115 14.16 1.21 10.77
CA PHE A 115 13.13 1.45 11.83
C PHE A 115 12.10 2.44 11.29
N LEU A 116 12.57 3.49 10.69
CA LEU A 116 11.64 4.50 10.16
C LEU A 116 10.78 3.89 9.07
N VAL A 117 11.34 3.62 7.93
CA VAL A 117 10.55 3.01 6.83
C VAL A 117 9.68 1.87 7.36
N ALA A 118 10.26 0.96 8.11
CA ALA A 118 9.46 -0.17 8.66
C ALA A 118 8.24 0.39 9.43
N ALA A 119 8.45 1.36 10.28
CA ALA A 119 7.29 1.92 11.05
C ALA A 119 6.15 2.26 10.09
N HIS A 120 6.39 3.11 9.14
CA HIS A 120 5.33 3.49 8.18
C HIS A 120 4.55 2.25 7.76
N GLU A 121 5.22 1.27 7.22
CA GLU A 121 4.49 0.04 6.79
C GLU A 121 4.05 -0.76 8.04
N PHE A 122 4.62 -0.46 9.18
CA PHE A 122 4.18 -1.19 10.40
C PHE A 122 2.91 -0.53 10.93
N GLY A 123 2.51 0.54 10.29
CA GLY A 123 1.26 1.24 10.71
C GLY A 123 0.20 0.99 9.63
N HIS A 124 0.59 1.05 8.38
CA HIS A 124 -0.39 0.78 7.29
C HIS A 124 -0.85 -0.67 7.42
N ALA A 125 0.03 -1.52 7.89
CA ALA A 125 -0.35 -2.95 8.07
C ALA A 125 -1.70 -3.05 8.78
N MET A 126 -2.05 -2.05 9.57
CA MET A 126 -3.35 -2.08 10.28
C MET A 126 -4.41 -1.37 9.46
N GLY A 127 -4.09 -0.99 8.26
CA GLY A 127 -5.08 -0.28 7.38
C GLY A 127 -5.01 1.22 7.63
N LEU A 128 -4.28 1.64 8.63
CA LEU A 128 -4.19 3.10 8.92
C LEU A 128 -3.99 3.89 7.63
N GLU A 129 -4.44 5.10 7.62
CA GLU A 129 -4.31 5.97 6.41
C GLU A 129 -3.32 7.11 6.73
N HIS A 130 -3.02 7.91 5.76
CA HIS A 130 -2.07 9.05 6.00
C HIS A 130 -2.80 10.22 6.67
N SER A 131 -2.07 11.20 7.12
CA SER A 131 -2.70 12.38 7.78
C SER A 131 -2.45 13.64 6.93
N GLN A 132 -1.42 13.63 6.12
CA GLN A 132 -1.10 14.82 5.26
C GLN A 132 -0.30 15.86 6.05
N ASP A 133 -0.37 15.82 7.35
CA ASP A 133 0.36 16.82 8.18
C ASP A 133 1.86 16.47 8.20
N PRO A 134 2.68 17.49 8.37
CA PRO A 134 4.14 17.33 8.41
C PRO A 134 4.58 16.62 9.69
N GLY A 135 3.96 16.95 10.79
CA GLY A 135 4.32 16.29 12.06
C GLY A 135 3.69 14.89 12.09
N ALA A 136 3.02 14.49 11.04
CA ALA A 136 2.37 13.15 11.02
C ALA A 136 3.44 12.07 10.74
N LEU A 137 3.23 10.90 11.27
CA LEU A 137 4.21 9.80 11.02
C LEU A 137 3.93 9.18 9.65
N MET A 138 2.72 9.32 9.16
CA MET A 138 2.40 8.74 7.82
C MET A 138 2.21 9.86 6.81
N ALA A 139 2.84 10.98 7.04
CA ALA A 139 2.70 12.11 6.09
C ALA A 139 3.20 11.66 4.70
N PRO A 140 2.85 12.43 3.70
CA PRO A 140 3.26 12.14 2.32
C PRO A 140 4.72 12.56 2.06
N ILE A 141 5.50 12.76 3.10
CA ILE A 141 6.91 13.16 2.90
C ILE A 141 7.81 12.45 3.92
N TYR A 142 9.09 12.40 3.66
CA TYR A 142 10.03 11.74 4.60
C TYR A 142 10.57 12.76 5.60
N THR A 143 10.30 12.56 6.86
CA THR A 143 10.77 13.52 7.89
C THR A 143 11.91 12.90 8.72
N TYR A 144 11.73 11.70 9.21
CA TYR A 144 12.80 11.04 10.02
C TYR A 144 13.08 11.86 11.27
N THR A 145 13.77 11.28 12.22
CA THR A 145 14.08 12.01 13.48
C THR A 145 15.35 11.41 14.09
N LYS A 146 16.08 12.20 14.84
CA LYS A 146 17.32 11.66 15.49
C LYS A 146 16.93 11.16 16.88
N ASN A 147 15.74 11.49 17.32
CA ASN A 147 15.28 11.05 18.65
C ASN A 147 13.92 10.34 18.47
N PHE A 148 12.82 11.05 18.58
CA PHE A 148 11.47 10.42 18.38
C PHE A 148 10.40 11.25 19.09
N ARG A 149 9.19 11.25 18.57
CA ARG A 149 8.09 12.05 19.20
C ARG A 149 6.74 11.40 18.93
N LEU A 150 6.52 10.90 17.74
CA LEU A 150 5.20 10.28 17.43
C LEU A 150 4.10 11.34 17.48
N SER A 151 3.12 11.22 16.62
CA SER A 151 2.02 12.22 16.60
C SER A 151 0.70 11.56 17.01
N GLN A 152 -0.03 12.16 17.91
CA GLN A 152 -1.32 11.55 18.36
C GLN A 152 -2.16 11.17 17.14
N ASP A 153 -1.91 11.79 16.01
CA ASP A 153 -2.70 11.43 14.81
C ASP A 153 -2.54 9.94 14.56
N ASP A 154 -1.32 9.48 14.56
CA ASP A 154 -1.08 8.03 14.34
C ASP A 154 -1.50 7.24 15.60
N ILE A 155 -1.33 7.83 16.76
CA ILE A 155 -1.72 7.12 18.00
C ILE A 155 -3.26 7.00 18.07
N LYS A 156 -3.94 7.94 17.46
CA LYS A 156 -5.44 7.92 17.49
C LYS A 156 -5.98 6.86 16.52
N GLY A 157 -5.47 6.82 15.32
CA GLY A 157 -5.97 5.82 14.33
C GLY A 157 -5.49 4.41 14.71
N ILE A 158 -4.44 4.29 15.46
CA ILE A 158 -3.97 2.93 15.86
C ILE A 158 -4.81 2.46 17.03
N GLN A 159 -5.12 3.34 17.94
CA GLN A 159 -5.97 2.94 19.10
C GLN A 159 -7.37 2.64 18.58
N GLU A 160 -7.71 3.20 17.44
CA GLU A 160 -9.05 2.94 16.86
C GLU A 160 -8.97 1.66 16.03
N LEU A 161 -7.80 1.34 15.57
CA LEU A 161 -7.62 0.11 14.76
C LEU A 161 -7.55 -1.10 15.69
N TYR A 162 -7.19 -0.87 16.93
CA TYR A 162 -7.11 -2.00 17.90
C TYR A 162 -8.08 -1.73 19.05
N GLY A 163 -7.78 -0.74 19.86
CA GLY A 163 -8.67 -0.42 21.00
C GLY A 163 -7.94 -0.69 22.32
N MET A 1 15.20 42.36 14.39
CA MET A 1 15.17 41.89 12.96
C MET A 1 16.58 41.47 12.51
N TYR A 2 16.99 40.29 12.90
CA TYR A 2 18.35 39.82 12.48
C TYR A 2 18.20 38.85 11.31
N ASN A 3 17.11 38.14 11.26
CA ASN A 3 16.90 37.18 10.14
C ASN A 3 15.93 37.80 9.13
N PHE A 4 15.42 37.03 8.20
CA PHE A 4 14.47 37.60 7.20
C PHE A 4 13.36 36.60 6.93
N PHE A 5 12.17 36.89 7.39
CA PHE A 5 11.05 35.94 7.13
C PHE A 5 11.46 34.53 7.54
N PRO A 6 11.36 34.25 8.81
CA PRO A 6 11.73 32.92 9.36
C PRO A 6 10.63 31.90 9.08
N ARG A 7 10.05 31.91 7.91
CA ARG A 7 8.98 30.93 7.60
C ARG A 7 9.10 30.45 6.14
N LYS A 8 8.02 30.02 5.54
CA LYS A 8 8.10 29.53 4.13
C LYS A 8 6.71 29.14 3.64
N PRO A 9 6.57 29.02 2.34
CA PRO A 9 5.30 28.63 1.72
C PRO A 9 5.15 27.11 1.83
N LYS A 10 5.00 26.61 3.04
CA LYS A 10 4.88 25.15 3.25
C LYS A 10 3.97 24.54 2.17
N TRP A 11 2.71 24.42 2.43
CA TRP A 11 1.81 23.84 1.39
C TRP A 11 0.38 23.68 1.95
N ASP A 12 -0.15 24.66 2.63
CA ASP A 12 -1.53 24.49 3.18
C ASP A 12 -2.33 25.80 3.13
N LYS A 13 -2.94 26.09 2.02
CA LYS A 13 -3.75 27.34 1.94
C LYS A 13 -5.21 26.93 1.72
N ASN A 14 -5.69 26.00 2.50
CA ASN A 14 -7.10 25.54 2.33
C ASN A 14 -7.21 24.84 0.97
N GLN A 15 -7.12 25.58 -0.11
CA GLN A 15 -7.21 24.94 -1.46
C GLN A 15 -5.85 24.33 -1.81
N ILE A 16 -5.74 23.03 -1.85
CA ILE A 16 -4.44 22.41 -2.19
C ILE A 16 -4.49 21.88 -3.64
N THR A 17 -3.36 21.58 -4.21
CA THR A 17 -3.33 21.04 -5.59
C THR A 17 -2.50 19.76 -5.59
N TYR A 18 -2.95 18.73 -6.26
CA TYR A 18 -2.18 17.46 -6.26
C TYR A 18 -2.37 16.73 -7.58
N ARG A 19 -1.42 15.91 -7.95
CA ARG A 19 -1.53 15.18 -9.25
C ARG A 19 -0.86 13.82 -9.14
N ILE A 20 -1.57 12.78 -9.45
CA ILE A 20 -0.95 11.42 -9.38
C ILE A 20 -0.24 11.17 -10.71
N ILE A 21 1.02 10.85 -10.68
CA ILE A 21 1.74 10.61 -11.96
C ILE A 21 1.34 9.26 -12.54
N GLY A 22 0.42 8.56 -11.93
CA GLY A 22 0.00 7.25 -12.48
C GLY A 22 -0.34 6.30 -11.32
N TYR A 23 -1.58 5.93 -11.19
CA TYR A 23 -1.95 5.00 -10.09
C TYR A 23 -1.20 3.68 -10.32
N THR A 24 -1.63 2.61 -9.71
CA THR A 24 -0.94 1.31 -9.94
C THR A 24 -1.84 0.44 -10.82
N PRO A 25 -1.25 -0.22 -11.79
CA PRO A 25 -2.00 -1.08 -12.72
C PRO A 25 -2.37 -2.40 -12.05
N ASP A 26 -1.61 -2.77 -11.06
CA ASP A 26 -1.89 -4.04 -10.33
C ASP A 26 -3.36 -4.09 -9.91
N LEU A 27 -4.00 -2.97 -9.77
CA LEU A 27 -5.43 -2.99 -9.33
C LEU A 27 -6.26 -1.97 -10.13
N ASP A 28 -7.55 -1.94 -9.87
CA ASP A 28 -8.44 -0.99 -10.58
C ASP A 28 -7.92 0.44 -10.44
N PRO A 29 -7.81 1.12 -11.56
CA PRO A 29 -7.39 2.52 -11.58
C PRO A 29 -8.58 3.31 -11.06
N GLU A 30 -9.75 2.81 -11.39
CA GLU A 30 -10.97 3.44 -10.88
C GLU A 30 -10.93 3.31 -9.36
N THR A 31 -10.42 2.21 -8.88
CA THR A 31 -10.30 2.06 -7.41
C THR A 31 -9.29 3.12 -6.93
N VAL A 32 -8.03 2.92 -7.23
CA VAL A 32 -7.00 3.91 -6.84
C VAL A 32 -7.53 5.32 -7.09
N ASP A 33 -8.41 5.45 -8.05
CA ASP A 33 -8.99 6.78 -8.34
C ASP A 33 -9.96 7.14 -7.20
N ASP A 34 -10.70 6.18 -6.72
CA ASP A 34 -11.65 6.46 -5.60
C ASP A 34 -10.90 6.50 -4.28
N ALA A 35 -10.21 5.43 -3.92
CA ALA A 35 -9.44 5.44 -2.64
C ALA A 35 -8.84 6.82 -2.42
N PHE A 36 -8.36 7.43 -3.47
CA PHE A 36 -7.77 8.78 -3.34
C PHE A 36 -8.88 9.77 -3.01
N ALA A 37 -9.80 9.98 -3.91
CA ALA A 37 -10.93 10.93 -3.62
C ALA A 37 -11.46 10.69 -2.20
N ARG A 38 -11.77 9.47 -1.88
CA ARG A 38 -12.32 9.17 -0.51
C ARG A 38 -11.32 9.60 0.55
N ALA A 39 -10.09 9.15 0.44
CA ALA A 39 -9.07 9.56 1.45
C ALA A 39 -9.23 11.05 1.70
N PHE A 40 -9.22 11.82 0.66
CA PHE A 40 -9.40 13.28 0.82
C PHE A 40 -10.58 13.51 1.77
N GLN A 41 -11.62 12.74 1.63
CA GLN A 41 -12.82 12.89 2.52
C GLN A 41 -12.50 12.40 3.93
N VAL A 42 -11.50 11.58 4.11
CA VAL A 42 -11.20 11.08 5.49
C VAL A 42 -10.27 12.09 6.18
N TRP A 43 -9.43 12.72 5.43
CA TRP A 43 -8.49 13.74 6.02
C TRP A 43 -9.15 15.11 5.97
N SER A 44 -10.13 15.26 5.15
CA SER A 44 -10.85 16.56 5.06
C SER A 44 -12.02 16.52 6.04
N ASP A 45 -12.45 15.33 6.36
CA ASP A 45 -13.59 15.16 7.30
C ASP A 45 -13.21 15.67 8.69
N VAL A 46 -11.98 16.04 8.88
CA VAL A 46 -11.55 16.56 10.21
C VAL A 46 -11.03 17.99 10.09
N THR A 47 -11.12 18.56 8.93
CA THR A 47 -10.64 19.96 8.74
C THR A 47 -11.31 20.54 7.50
N PRO A 48 -11.52 21.83 7.53
CA PRO A 48 -12.16 22.54 6.42
C PRO A 48 -11.15 22.78 5.29
N LEU A 49 -10.43 21.75 4.89
CA LEU A 49 -9.42 21.91 3.80
C LEU A 49 -10.05 21.57 2.45
N ARG A 50 -9.57 22.18 1.40
CA ARG A 50 -10.14 21.90 0.05
C ARG A 50 -9.00 21.43 -0.87
N PHE A 51 -9.24 20.41 -1.67
CA PHE A 51 -8.16 19.90 -2.57
C PHE A 51 -8.52 20.17 -4.04
N SER A 52 -7.54 20.38 -4.87
CA SER A 52 -7.81 20.64 -6.31
C SER A 52 -7.05 19.64 -7.19
N ARG A 53 -7.74 18.98 -8.07
CA ARG A 53 -7.06 18.01 -8.98
C ARG A 53 -6.36 18.79 -10.08
N ILE A 54 -5.09 18.56 -10.28
CA ILE A 54 -4.35 19.30 -11.35
C ILE A 54 -3.92 18.31 -12.43
N HIS A 55 -4.00 18.72 -13.66
CA HIS A 55 -3.60 17.82 -14.77
C HIS A 55 -2.08 17.67 -14.78
N ASP A 56 -1.49 17.56 -15.93
CA ASP A 56 -0.01 17.44 -15.99
C ASP A 56 0.60 18.83 -15.85
N GLY A 57 1.89 18.96 -15.99
CA GLY A 57 2.53 20.30 -15.86
C GLY A 57 3.03 20.50 -14.42
N GLU A 58 3.61 19.48 -13.85
CA GLU A 58 4.12 19.59 -12.45
C GLU A 58 2.92 19.79 -11.50
N ALA A 59 3.11 19.52 -10.24
CA ALA A 59 1.99 19.68 -9.27
C ALA A 59 2.55 19.95 -7.86
N ASP A 60 1.85 20.69 -7.05
CA ASP A 60 2.34 20.99 -5.67
C ASP A 60 2.66 19.66 -4.97
N ILE A 61 1.69 18.80 -4.83
CA ILE A 61 1.93 17.48 -4.19
C ILE A 61 1.95 16.44 -5.32
N MET A 62 3.00 15.68 -5.44
CA MET A 62 3.04 14.70 -6.56
C MET A 62 2.97 13.25 -6.03
N ILE A 63 1.91 12.55 -6.34
CA ILE A 63 1.78 11.15 -5.86
C ILE A 63 2.09 10.19 -7.02
N ASN A 64 2.43 8.97 -6.72
CA ASN A 64 2.73 7.99 -7.80
C ASN A 64 3.21 6.68 -7.17
N PHE A 65 3.72 5.79 -7.96
CA PHE A 65 4.22 4.50 -7.40
C PHE A 65 5.73 4.41 -7.61
N GLY A 66 6.34 3.38 -7.10
CA GLY A 66 7.82 3.25 -7.24
C GLY A 66 8.17 1.84 -7.71
N ARG A 67 8.25 1.63 -8.98
CA ARG A 67 8.60 0.28 -9.49
C ARG A 67 10.09 0.04 -9.21
N TRP A 68 10.79 -0.67 -10.06
CA TRP A 68 12.24 -0.90 -9.79
C TRP A 68 12.97 0.45 -9.79
N GLU A 69 14.20 0.47 -10.22
CA GLU A 69 14.94 1.77 -10.27
C GLU A 69 14.77 2.51 -8.95
N HIS A 70 14.67 3.81 -8.99
CA HIS A 70 14.50 4.61 -7.74
C HIS A 70 15.78 4.54 -6.91
N GLY A 71 15.99 5.50 -6.06
CA GLY A 71 17.20 5.51 -5.21
C GLY A 71 16.80 5.76 -3.76
N ASP A 72 15.57 5.46 -3.42
CA ASP A 72 15.11 5.67 -2.03
C ASP A 72 15.87 4.74 -1.10
N GLY A 73 17.12 5.04 -0.82
CA GLY A 73 17.91 4.15 0.07
C GLY A 73 18.06 2.79 -0.61
N TYR A 74 17.11 1.91 -0.41
CA TYR A 74 17.18 0.56 -1.05
C TYR A 74 16.10 0.49 -2.15
N PRO A 75 16.51 0.32 -3.39
CA PRO A 75 15.56 0.23 -4.51
C PRO A 75 14.87 -1.13 -4.50
N PHE A 76 13.73 -1.22 -5.13
CA PHE A 76 13.00 -2.51 -5.16
C PHE A 76 12.63 -2.91 -3.73
N ASP A 77 13.50 -3.60 -3.05
CA ASP A 77 13.19 -4.02 -1.65
C ASP A 77 12.32 -5.30 -1.71
N GLY A 78 11.32 -5.31 -2.54
CA GLY A 78 10.44 -6.52 -2.66
C GLY A 78 9.24 -6.40 -1.73
N LYS A 79 8.65 -7.50 -1.36
CA LYS A 79 7.48 -7.45 -0.44
C LYS A 79 7.89 -6.74 0.85
N ASP A 80 6.95 -6.34 1.64
CA ASP A 80 7.28 -5.66 2.93
C ASP A 80 8.38 -4.62 2.74
N GLY A 81 8.95 -4.15 3.83
CA GLY A 81 10.05 -3.13 3.75
C GLY A 81 9.51 -1.86 3.08
N LEU A 82 10.31 -1.23 2.28
CA LEU A 82 9.86 0.02 1.59
C LEU A 82 8.42 -0.15 1.13
N LEU A 83 7.48 0.49 1.79
CA LEU A 83 6.06 0.35 1.38
C LEU A 83 5.56 1.67 0.78
N ALA A 84 6.15 2.76 1.18
CA ALA A 84 5.70 4.07 0.65
C ALA A 84 6.27 5.19 1.52
N HIS A 85 6.46 6.35 0.96
CA HIS A 85 7.00 7.49 1.75
C HIS A 85 6.49 8.80 1.13
N ALA A 86 6.82 9.91 1.74
CA ALA A 86 6.38 11.21 1.17
C ALA A 86 7.52 12.22 1.30
N PHE A 87 7.53 13.23 0.49
CA PHE A 87 8.62 14.25 0.56
C PHE A 87 8.15 15.46 1.36
N ALA A 88 9.07 16.20 1.92
CA ALA A 88 8.67 17.41 2.70
C ALA A 88 8.21 18.49 1.72
N PRO A 89 7.51 19.47 2.24
CA PRO A 89 6.99 20.59 1.43
C PRO A 89 8.10 21.55 1.04
N GLY A 90 8.12 22.00 -0.19
CA GLY A 90 9.17 22.94 -0.64
C GLY A 90 8.82 23.49 -2.03
N THR A 91 9.77 24.10 -2.69
CA THR A 91 9.50 24.66 -4.05
C THR A 91 9.72 23.59 -5.12
N GLY A 92 8.70 23.25 -5.87
CA GLY A 92 8.87 22.21 -6.93
C GLY A 92 8.98 20.83 -6.29
N VAL A 93 10.17 20.40 -5.96
CA VAL A 93 10.33 19.06 -5.33
C VAL A 93 9.78 19.11 -3.90
N GLY A 94 8.78 18.32 -3.60
CA GLY A 94 8.21 18.33 -2.23
C GLY A 94 6.71 18.02 -2.30
N GLY A 95 6.13 17.57 -1.23
CA GLY A 95 4.68 17.23 -1.26
C GLY A 95 4.46 16.02 -2.17
N ASP A 96 5.53 15.41 -2.63
CA ASP A 96 5.40 14.22 -3.51
C ASP A 96 5.56 12.93 -2.70
N SER A 97 4.78 11.92 -2.99
CA SER A 97 4.87 10.65 -2.23
C SER A 97 4.72 9.45 -3.19
N HIS A 98 5.61 8.48 -3.10
CA HIS A 98 5.50 7.30 -4.01
C HIS A 98 5.01 6.10 -3.21
N PHE A 99 4.08 5.35 -3.76
CA PHE A 99 3.53 4.16 -3.03
C PHE A 99 4.25 2.89 -3.49
N ASP A 100 4.20 1.88 -2.67
CA ASP A 100 4.85 0.58 -3.03
C ASP A 100 4.31 0.10 -4.38
N ASP A 101 5.18 -0.25 -5.29
CA ASP A 101 4.72 -0.73 -6.61
C ASP A 101 4.66 -2.26 -6.59
N ASP A 102 5.79 -2.92 -6.56
CA ASP A 102 5.80 -4.41 -6.55
C ASP A 102 5.07 -4.94 -5.31
N GLU A 103 3.79 -5.10 -5.41
CA GLU A 103 3.01 -5.63 -4.25
C GLU A 103 1.53 -5.72 -4.66
N LEU A 104 0.68 -6.18 -3.79
CA LEU A 104 -0.76 -6.27 -4.15
C LEU A 104 -1.57 -5.39 -3.19
N TRP A 105 -1.95 -4.23 -3.61
CA TRP A 105 -2.74 -3.33 -2.73
C TRP A 105 -4.15 -3.18 -3.30
N THR A 106 -5.04 -2.53 -2.58
CA THR A 106 -6.42 -2.35 -3.12
C THR A 106 -7.27 -1.58 -2.13
N ASN A 107 -8.38 -1.04 -2.58
CA ASN A 107 -9.25 -0.26 -1.63
C ASN A 107 -10.48 -1.08 -1.26
N THR A 108 -10.41 -2.37 -1.40
CA THR A 108 -11.59 -3.21 -1.05
C THR A 108 -11.18 -4.25 0.00
N SER A 109 -12.10 -5.08 0.42
CA SER A 109 -11.77 -6.12 1.44
C SER A 109 -10.81 -7.12 0.84
N ALA A 110 -9.60 -6.71 0.58
CA ALA A 110 -8.60 -7.65 -0.02
C ALA A 110 -7.20 -7.10 0.22
N ASN A 111 -6.41 -7.82 0.98
CA ASN A 111 -5.03 -7.34 1.27
C ASN A 111 -5.12 -6.05 2.10
N TYR A 112 -4.16 -5.18 1.98
CA TYR A 112 -4.21 -3.91 2.75
C TYR A 112 -5.37 -3.06 2.21
N SER A 113 -5.25 -1.77 2.24
CA SER A 113 -6.36 -0.91 1.73
C SER A 113 -5.78 0.38 1.15
N LEU A 114 -5.62 0.45 -0.16
CA LEU A 114 -5.05 1.67 -0.80
C LEU A 114 -5.50 2.94 -0.08
N PHE A 115 -6.77 3.16 0.02
CA PHE A 115 -7.29 4.38 0.68
C PHE A 115 -6.61 4.56 2.04
N LEU A 116 -6.44 3.48 2.75
CA LEU A 116 -5.82 3.56 4.10
C LEU A 116 -4.33 3.90 3.99
N VAL A 117 -3.57 3.14 3.26
CA VAL A 117 -2.13 3.50 3.14
C VAL A 117 -2.03 4.92 2.58
N ALA A 118 -2.74 5.20 1.51
CA ALA A 118 -2.69 6.57 0.94
C ALA A 118 -2.83 7.58 2.08
N ALA A 119 -3.84 7.46 2.89
CA ALA A 119 -4.02 8.42 4.01
C ALA A 119 -2.67 8.62 4.69
N HIS A 120 -2.05 7.55 5.11
CA HIS A 120 -0.74 7.70 5.78
C HIS A 120 0.14 8.65 4.97
N GLU A 121 0.49 8.28 3.77
CA GLU A 121 1.34 9.18 2.95
C GLU A 121 0.59 10.49 2.67
N PHE A 122 -0.70 10.52 2.88
CA PHE A 122 -1.43 11.80 2.65
C PHE A 122 -1.27 12.66 3.90
N GLY A 123 -0.74 12.09 4.95
CA GLY A 123 -0.51 12.86 6.20
C GLY A 123 0.96 13.26 6.21
N HIS A 124 1.84 12.32 5.97
CA HIS A 124 3.29 12.65 5.95
C HIS A 124 3.52 13.77 4.94
N ALA A 125 2.86 13.71 3.81
CA ALA A 125 3.04 14.78 2.79
C ALA A 125 2.43 16.09 3.29
N MET A 126 1.79 16.06 4.44
CA MET A 126 1.14 17.27 4.98
C MET A 126 1.99 17.89 6.11
N GLY A 127 2.94 17.16 6.64
CA GLY A 127 3.80 17.74 7.74
C GLY A 127 3.63 16.94 9.03
N LEU A 128 2.67 16.07 9.09
CA LEU A 128 2.48 15.26 10.34
C LEU A 128 3.46 14.08 10.34
N GLU A 129 4.05 13.80 11.47
CA GLU A 129 5.01 12.65 11.53
C GLU A 129 4.46 11.57 12.46
N HIS A 130 5.17 10.48 12.60
CA HIS A 130 4.69 9.37 13.48
C HIS A 130 4.42 9.89 14.89
N SER A 131 3.47 9.30 15.57
CA SER A 131 3.17 9.74 16.97
C SER A 131 3.54 8.61 17.93
N GLN A 132 3.23 8.74 19.19
CA GLN A 132 3.58 7.67 20.16
C GLN A 132 2.32 6.92 20.59
N ASP A 133 1.17 7.47 20.31
CA ASP A 133 -0.10 6.80 20.70
C ASP A 133 -0.31 5.54 19.85
N PRO A 134 -0.67 4.45 20.49
CA PRO A 134 -0.91 3.17 19.83
C PRO A 134 -2.27 3.16 19.18
N GLY A 135 -2.23 3.17 17.90
CA GLY A 135 -3.49 3.19 17.11
C GLY A 135 -3.54 4.47 16.29
N ALA A 136 -2.57 5.33 16.46
CA ALA A 136 -2.55 6.61 15.70
C ALA A 136 -2.50 6.31 14.21
N LEU A 137 -2.66 7.31 13.39
CA LEU A 137 -2.61 7.07 11.94
C LEU A 137 -1.15 7.11 11.45
N MET A 138 -0.29 7.80 12.15
CA MET A 138 1.14 7.86 11.70
C MET A 138 2.00 6.85 12.48
N ALA A 139 1.40 6.05 13.31
CA ALA A 139 2.19 5.03 14.06
C ALA A 139 3.23 4.40 13.13
N PRO A 140 4.28 3.86 13.72
CA PRO A 140 5.38 3.24 12.95
C PRO A 140 5.00 1.84 12.44
N ILE A 141 3.80 1.42 12.69
CA ILE A 141 3.37 0.07 12.20
C ILE A 141 2.03 0.24 11.47
N TYR A 142 1.67 -0.71 10.65
CA TYR A 142 0.39 -0.59 9.91
C TYR A 142 -0.78 -0.40 10.90
N THR A 143 -1.28 -1.46 11.47
CA THR A 143 -2.39 -1.33 12.47
C THR A 143 -3.76 -1.17 11.79
N TYR A 144 -3.83 -0.54 10.65
CA TYR A 144 -5.17 -0.37 9.97
C TYR A 144 -6.01 0.64 10.75
N THR A 145 -7.18 0.97 10.25
CA THR A 145 -8.03 1.94 10.99
C THR A 145 -8.86 1.17 12.03
N LYS A 146 -8.64 -0.10 12.15
CA LYS A 146 -9.41 -0.90 13.15
C LYS A 146 -10.92 -0.57 13.05
N ASN A 147 -11.46 -0.56 11.86
CA ASN A 147 -12.93 -0.24 11.69
C ASN A 147 -13.07 1.27 11.50
N PHE A 148 -12.02 1.92 11.11
CA PHE A 148 -12.05 3.39 10.89
C PHE A 148 -12.60 4.08 12.14
N ARG A 149 -12.42 5.37 12.24
CA ARG A 149 -12.92 6.10 13.45
C ARG A 149 -12.28 7.49 13.50
N LEU A 150 -11.15 7.66 12.87
CA LEU A 150 -10.48 8.99 12.89
C LEU A 150 -9.97 9.25 14.30
N SER A 151 -8.70 9.51 14.45
CA SER A 151 -8.15 9.75 15.82
C SER A 151 -7.81 11.22 16.01
N GLN A 152 -8.20 11.77 17.13
CA GLN A 152 -7.89 13.19 17.44
C GLN A 152 -6.41 13.46 17.22
N ASP A 153 -5.60 12.43 17.21
CA ASP A 153 -4.15 12.67 16.99
C ASP A 153 -3.99 13.39 15.66
N ASP A 154 -4.50 12.81 14.61
CA ASP A 154 -4.38 13.46 13.29
C ASP A 154 -5.24 14.72 13.27
N ILE A 155 -6.34 14.73 13.99
CA ILE A 155 -7.21 15.94 14.02
C ILE A 155 -6.46 17.06 14.76
N LYS A 156 -5.75 16.71 15.79
CA LYS A 156 -4.99 17.72 16.57
C LYS A 156 -3.96 18.39 15.67
N GLY A 157 -3.20 17.61 14.96
CA GLY A 157 -2.16 18.20 14.07
C GLY A 157 -2.82 18.93 12.90
N ILE A 158 -3.89 18.38 12.35
CA ILE A 158 -4.55 19.06 11.20
C ILE A 158 -5.16 20.40 11.64
N GLN A 159 -5.35 20.59 12.92
CA GLN A 159 -5.93 21.88 13.39
C GLN A 159 -4.81 22.89 13.60
N GLU A 160 -3.78 22.50 14.31
CA GLU A 160 -2.65 23.44 14.56
C GLU A 160 -1.86 23.65 13.26
N LEU A 161 -2.10 22.83 12.27
CA LEU A 161 -1.38 23.00 10.97
C LEU A 161 -2.28 23.68 9.95
N TYR A 162 -3.53 23.30 9.88
CA TYR A 162 -4.45 23.94 8.89
C TYR A 162 -5.43 24.88 9.59
N GLY A 163 -5.53 24.80 10.89
CA GLY A 163 -6.49 25.69 11.60
C GLY A 163 -6.34 27.13 11.09
N MET A 1 20.55 -10.18 -37.30
CA MET A 1 20.13 -9.69 -35.95
C MET A 1 18.61 -9.80 -35.81
N TYR A 2 18.08 -10.97 -36.04
CA TYR A 2 16.61 -11.14 -35.92
C TYR A 2 15.91 -10.35 -37.03
N ASN A 3 14.99 -10.97 -37.71
CA ASN A 3 14.27 -10.26 -38.80
C ASN A 3 12.82 -10.74 -38.85
N PHE A 4 12.14 -10.53 -39.94
CA PHE A 4 10.73 -11.00 -40.05
C PHE A 4 10.70 -12.27 -40.88
N PHE A 5 11.79 -13.00 -40.90
CA PHE A 5 11.84 -14.26 -41.70
C PHE A 5 11.18 -14.01 -43.07
N PRO A 6 11.97 -13.49 -43.98
CA PRO A 6 11.50 -13.19 -45.34
C PRO A 6 11.41 -14.47 -46.18
N ARG A 7 12.49 -14.87 -46.79
CA ARG A 7 12.48 -16.11 -47.61
C ARG A 7 11.23 -16.16 -48.49
N LYS A 8 10.93 -17.30 -49.04
CA LYS A 8 9.73 -17.43 -49.90
C LYS A 8 8.55 -16.73 -49.23
N PRO A 9 7.54 -16.44 -50.01
CA PRO A 9 6.31 -15.80 -49.52
C PRO A 9 5.46 -16.88 -48.89
N LYS A 10 6.02 -17.58 -47.96
CA LYS A 10 5.29 -18.71 -47.30
C LYS A 10 4.95 -19.73 -48.38
N TRP A 11 5.28 -20.97 -48.16
CA TRP A 11 5.00 -22.03 -49.17
C TRP A 11 3.64 -21.77 -49.84
N ASP A 12 3.66 -21.41 -51.09
CA ASP A 12 2.38 -21.14 -51.81
C ASP A 12 2.34 -21.93 -53.13
N LYS A 13 2.54 -23.22 -53.05
CA LYS A 13 2.51 -24.05 -54.30
C LYS A 13 1.25 -24.90 -54.30
N ASN A 14 1.18 -25.86 -55.19
CA ASN A 14 -0.03 -26.74 -55.25
C ASN A 14 0.34 -28.13 -54.72
N GLN A 15 1.49 -28.62 -55.09
CA GLN A 15 1.92 -29.97 -54.61
C GLN A 15 2.75 -29.80 -53.34
N ILE A 16 2.30 -30.32 -52.23
CA ILE A 16 3.07 -30.17 -50.97
C ILE A 16 3.62 -31.54 -50.54
N THR A 17 4.61 -31.56 -49.70
CA THR A 17 5.18 -32.86 -49.24
C THR A 17 5.31 -32.84 -47.72
N TYR A 18 4.75 -33.81 -47.05
CA TYR A 18 4.85 -33.86 -45.57
C TYR A 18 5.15 -35.28 -45.10
N ARG A 19 5.86 -35.42 -44.02
CA ARG A 19 6.18 -36.80 -43.51
C ARG A 19 6.17 -36.78 -41.98
N ILE A 20 5.66 -37.81 -41.37
CA ILE A 20 5.64 -37.85 -39.87
C ILE A 20 6.88 -38.56 -39.36
N ILE A 21 7.21 -38.37 -38.10
CA ILE A 21 8.42 -39.04 -37.54
C ILE A 21 7.99 -40.15 -36.59
N GLY A 22 6.97 -39.92 -35.80
CA GLY A 22 6.52 -40.98 -34.85
C GLY A 22 5.10 -40.69 -34.39
N TYR A 23 4.13 -41.27 -35.03
CA TYR A 23 2.72 -41.05 -34.61
C TYR A 23 2.63 -41.19 -33.08
N THR A 24 1.51 -40.88 -32.52
CA THR A 24 1.35 -41.04 -31.05
C THR A 24 0.64 -42.38 -30.81
N PRO A 25 1.01 -43.04 -29.73
CA PRO A 25 0.44 -44.35 -29.39
C PRO A 25 -0.95 -44.19 -28.77
N ASP A 26 -1.19 -43.09 -28.11
CA ASP A 26 -2.51 -42.89 -27.47
C ASP A 26 -3.63 -43.38 -28.39
N LEU A 27 -3.42 -43.34 -29.68
CA LEU A 27 -4.47 -43.82 -30.62
C LEU A 27 -3.87 -44.74 -31.68
N ASP A 28 -4.68 -45.25 -32.57
CA ASP A 28 -4.16 -46.18 -33.62
C ASP A 28 -3.37 -45.44 -34.68
N PRO A 29 -2.44 -46.15 -35.27
CA PRO A 29 -1.59 -45.62 -36.35
C PRO A 29 -2.52 -45.38 -37.53
N GLU A 30 -3.51 -46.21 -37.63
CA GLU A 30 -4.52 -46.00 -38.68
C GLU A 30 -5.26 -44.74 -38.29
N THR A 31 -5.39 -44.48 -37.00
CA THR A 31 -6.07 -43.22 -36.58
C THR A 31 -5.11 -42.07 -36.88
N VAL A 32 -4.03 -41.98 -36.15
CA VAL A 32 -3.03 -40.90 -36.41
C VAL A 32 -2.86 -40.74 -37.92
N ASP A 33 -3.01 -41.80 -38.67
CA ASP A 33 -2.85 -41.70 -40.14
C ASP A 33 -4.15 -41.14 -40.74
N ASP A 34 -5.28 -41.46 -40.15
CA ASP A 34 -6.57 -40.94 -40.67
C ASP A 34 -6.74 -39.50 -40.21
N ALA A 35 -6.47 -39.23 -38.96
CA ALA A 35 -6.59 -37.83 -38.45
C ALA A 35 -5.97 -36.88 -39.47
N PHE A 36 -4.78 -37.18 -39.91
CA PHE A 36 -4.12 -36.30 -40.91
C PHE A 36 -4.82 -36.47 -42.26
N ALA A 37 -5.10 -37.69 -42.65
CA ALA A 37 -5.80 -37.89 -43.94
C ALA A 37 -7.04 -37.01 -43.97
N ARG A 38 -7.88 -37.12 -42.98
CA ARG A 38 -9.10 -36.27 -42.92
C ARG A 38 -8.67 -34.81 -43.07
N ALA A 39 -7.61 -34.43 -42.40
CA ALA A 39 -7.12 -33.04 -42.51
C ALA A 39 -6.85 -32.74 -43.98
N PHE A 40 -6.13 -33.60 -44.64
CA PHE A 40 -5.86 -33.39 -46.09
C PHE A 40 -7.17 -33.03 -46.77
N GLN A 41 -8.26 -33.58 -46.30
CA GLN A 41 -9.59 -33.29 -46.91
C GLN A 41 -10.19 -32.04 -46.26
N VAL A 42 -9.78 -31.74 -45.06
CA VAL A 42 -10.33 -30.54 -44.38
C VAL A 42 -10.02 -29.30 -45.23
N TRP A 43 -8.89 -29.28 -45.87
CA TRP A 43 -8.53 -28.11 -46.74
C TRP A 43 -8.67 -28.48 -48.22
N SER A 44 -8.09 -29.58 -48.61
CA SER A 44 -8.15 -29.99 -50.05
C SER A 44 -9.61 -30.03 -50.54
N ASP A 45 -10.54 -30.16 -49.64
CA ASP A 45 -11.97 -30.21 -50.06
C ASP A 45 -12.40 -28.87 -50.65
N VAL A 46 -11.62 -27.84 -50.45
CA VAL A 46 -12.00 -26.50 -50.99
C VAL A 46 -10.91 -25.96 -51.92
N THR A 47 -9.72 -26.46 -51.81
CA THR A 47 -8.62 -25.97 -52.71
C THR A 47 -8.03 -27.14 -53.47
N PRO A 48 -7.66 -26.90 -54.71
CA PRO A 48 -7.05 -27.92 -55.57
C PRO A 48 -5.61 -28.16 -55.10
N LEU A 49 -5.45 -28.53 -53.86
CA LEU A 49 -4.08 -28.76 -53.32
C LEU A 49 -3.63 -30.18 -53.65
N ARG A 50 -2.37 -30.37 -53.90
CA ARG A 50 -1.87 -31.75 -54.20
C ARG A 50 -0.88 -32.15 -53.11
N PHE A 51 -1.35 -32.33 -51.91
CA PHE A 51 -0.44 -32.73 -50.81
C PHE A 51 0.22 -34.06 -51.17
N SER A 52 1.43 -34.30 -50.71
CA SER A 52 2.10 -35.57 -51.05
C SER A 52 2.87 -36.12 -49.84
N ARG A 53 2.37 -37.15 -49.23
CA ARG A 53 3.08 -37.73 -48.05
C ARG A 53 4.28 -38.55 -48.56
N ILE A 54 5.46 -38.28 -48.06
CA ILE A 54 6.64 -39.06 -48.55
C ILE A 54 7.26 -39.83 -47.39
N HIS A 55 8.13 -40.76 -47.67
CA HIS A 55 8.75 -41.56 -46.58
C HIS A 55 10.12 -42.09 -47.03
N ASP A 56 11.10 -41.23 -47.16
CA ASP A 56 12.44 -41.71 -47.59
C ASP A 56 13.52 -41.10 -46.70
N GLY A 57 13.14 -40.40 -45.67
CA GLY A 57 14.15 -39.79 -44.76
C GLY A 57 14.20 -38.29 -45.00
N GLU A 58 13.09 -37.68 -45.33
CA GLU A 58 13.10 -36.22 -45.57
C GLU A 58 11.74 -35.78 -46.14
N ALA A 59 11.42 -34.53 -46.00
CA ALA A 59 10.12 -34.03 -46.53
C ALA A 59 9.99 -32.55 -46.20
N ASP A 60 9.43 -31.80 -47.10
CA ASP A 60 9.26 -30.34 -46.85
C ASP A 60 8.60 -30.14 -45.49
N ILE A 61 7.44 -30.70 -45.31
CA ILE A 61 6.74 -30.55 -44.00
C ILE A 61 7.14 -31.70 -43.08
N MET A 62 7.07 -31.49 -41.80
CA MET A 62 7.46 -32.55 -40.84
C MET A 62 6.60 -32.45 -39.57
N ILE A 63 5.84 -33.47 -39.27
CA ILE A 63 4.98 -33.43 -38.06
C ILE A 63 5.57 -34.35 -36.98
N ASN A 64 5.39 -34.02 -35.74
CA ASN A 64 5.94 -34.85 -34.65
C ASN A 64 5.65 -34.19 -33.30
N PHE A 65 6.44 -34.50 -32.29
CA PHE A 65 6.21 -33.89 -30.95
C PHE A 65 7.53 -33.27 -30.47
N GLY A 66 7.49 -32.53 -29.39
CA GLY A 66 8.76 -31.90 -28.90
C GLY A 66 8.77 -31.90 -27.36
N ARG A 67 9.22 -32.96 -26.76
CA ARG A 67 9.26 -32.99 -25.27
C ARG A 67 10.46 -32.19 -24.76
N TRP A 68 10.88 -32.43 -23.54
CA TRP A 68 12.03 -31.68 -22.98
C TRP A 68 13.15 -31.54 -24.02
N GLU A 69 14.02 -32.52 -24.10
CA GLU A 69 15.16 -32.45 -25.08
C GLU A 69 14.71 -31.78 -26.38
N HIS A 70 14.93 -30.50 -26.50
CA HIS A 70 14.52 -29.77 -27.73
C HIS A 70 15.15 -28.38 -27.71
N GLY A 71 14.81 -27.58 -26.74
CA GLY A 71 15.39 -26.21 -26.65
C GLY A 71 14.73 -25.29 -27.67
N ASP A 72 13.82 -25.79 -28.46
CA ASP A 72 13.16 -24.93 -29.46
C ASP A 72 12.50 -23.74 -28.77
N GLY A 73 13.25 -22.71 -28.50
CA GLY A 73 12.68 -21.50 -27.84
C GLY A 73 12.13 -21.86 -26.47
N TYR A 74 10.99 -22.49 -26.41
CA TYR A 74 10.40 -22.84 -25.10
C TYR A 74 10.66 -24.31 -24.78
N PRO A 75 11.03 -24.57 -23.54
CA PRO A 75 11.31 -25.94 -23.06
C PRO A 75 9.99 -26.67 -22.80
N PHE A 76 9.99 -27.68 -21.99
CA PHE A 76 8.73 -28.40 -21.70
C PHE A 76 7.94 -27.62 -20.65
N ASP A 77 6.65 -27.56 -20.82
CA ASP A 77 5.80 -26.83 -19.84
C ASP A 77 4.86 -27.83 -19.18
N GLY A 78 4.73 -29.00 -19.75
CA GLY A 78 3.82 -30.01 -19.15
C GLY A 78 2.38 -29.73 -19.60
N LYS A 79 1.41 -30.15 -18.81
CA LYS A 79 0.00 -29.91 -19.20
C LYS A 79 -0.22 -28.46 -19.62
N ASP A 80 -1.21 -28.22 -20.43
CA ASP A 80 -1.50 -26.84 -20.90
C ASP A 80 -0.23 -26.17 -21.42
N GLY A 81 -0.33 -24.94 -21.82
CA GLY A 81 0.87 -24.21 -22.34
C GLY A 81 1.18 -24.68 -23.76
N LEU A 82 2.44 -24.74 -24.11
CA LEU A 82 2.84 -25.20 -25.48
C LEU A 82 1.95 -26.36 -25.92
N LEU A 83 1.19 -26.16 -26.96
CA LEU A 83 0.31 -27.26 -27.47
C LEU A 83 0.83 -27.70 -28.83
N ALA A 84 1.46 -26.83 -29.55
CA ALA A 84 2.00 -27.22 -30.89
C ALA A 84 2.62 -25.99 -31.56
N HIS A 85 3.64 -26.19 -32.36
CA HIS A 85 4.29 -25.03 -33.04
C HIS A 85 4.89 -25.48 -34.38
N ALA A 86 5.47 -24.57 -35.10
CA ALA A 86 6.09 -24.92 -36.42
C ALA A 86 7.30 -24.03 -36.65
N PHE A 87 8.20 -24.45 -37.49
CA PHE A 87 9.41 -23.61 -37.76
C PHE A 87 9.13 -22.70 -38.95
N ALA A 88 9.82 -21.60 -39.05
CA ALA A 88 9.60 -20.67 -40.19
C ALA A 88 9.77 -21.43 -41.52
N PRO A 89 9.13 -20.93 -42.54
CA PRO A 89 9.18 -21.52 -43.89
C PRO A 89 10.53 -21.22 -44.56
N GLY A 90 11.08 -22.16 -45.27
CA GLY A 90 12.39 -21.94 -45.94
C GLY A 90 12.79 -23.21 -46.70
N THR A 91 13.89 -23.18 -47.40
CA THR A 91 14.31 -24.40 -48.15
C THR A 91 14.91 -25.41 -47.18
N GLY A 92 14.28 -26.53 -47.00
CA GLY A 92 14.81 -27.55 -46.06
C GLY A 92 14.05 -27.45 -44.74
N VAL A 93 14.48 -26.58 -43.86
CA VAL A 93 13.78 -26.43 -42.56
C VAL A 93 12.52 -25.58 -42.77
N GLY A 94 11.55 -25.73 -41.91
CA GLY A 94 10.30 -24.93 -42.07
C GLY A 94 9.17 -25.87 -42.48
N GLY A 95 7.95 -25.49 -42.22
CA GLY A 95 6.81 -26.38 -42.59
C GLY A 95 6.74 -27.56 -41.62
N ASP A 96 7.64 -27.61 -40.67
CA ASP A 96 7.61 -28.73 -39.69
C ASP A 96 6.94 -28.26 -38.41
N SER A 97 6.10 -29.07 -37.84
CA SER A 97 5.41 -28.66 -36.60
C SER A 97 5.49 -29.77 -35.55
N HIS A 98 5.88 -29.43 -34.35
CA HIS A 98 5.98 -30.46 -33.29
C HIS A 98 4.90 -30.19 -32.24
N PHE A 99 4.20 -31.20 -31.83
CA PHE A 99 3.12 -30.99 -30.82
C PHE A 99 3.67 -31.30 -29.43
N ASP A 100 3.02 -30.80 -28.41
CA ASP A 100 3.50 -31.07 -27.03
C ASP A 100 3.52 -32.57 -26.78
N ASP A 101 4.55 -33.07 -26.15
CA ASP A 101 4.62 -34.53 -25.88
C ASP A 101 3.86 -34.83 -24.59
N ASP A 102 3.46 -33.81 -23.88
CA ASP A 102 2.70 -34.04 -22.62
C ASP A 102 1.21 -34.14 -22.93
N GLU A 103 0.69 -33.32 -23.80
CA GLU A 103 -0.75 -33.38 -24.12
C GLU A 103 -1.04 -34.61 -24.98
N LEU A 104 -2.14 -35.26 -24.73
CA LEU A 104 -2.48 -36.48 -25.54
C LEU A 104 -3.59 -36.14 -26.54
N TRP A 105 -3.39 -36.44 -27.79
CA TRP A 105 -4.43 -36.13 -28.80
C TRP A 105 -5.22 -37.40 -29.13
N THR A 106 -6.33 -37.26 -29.80
CA THR A 106 -7.12 -38.47 -30.13
C THR A 106 -7.88 -38.28 -31.44
N ASN A 107 -8.80 -39.17 -31.71
CA ASN A 107 -9.59 -39.08 -32.96
C ASN A 107 -11.06 -39.33 -32.65
N THR A 108 -11.40 -39.45 -31.39
CA THR A 108 -12.81 -39.71 -31.02
C THR A 108 -13.19 -38.88 -29.79
N SER A 109 -14.13 -39.36 -29.02
CA SER A 109 -14.55 -38.60 -27.80
C SER A 109 -13.65 -39.00 -26.64
N ALA A 110 -12.78 -38.11 -26.22
CA ALA A 110 -11.87 -38.44 -25.09
C ALA A 110 -11.34 -37.14 -24.48
N ASN A 111 -10.17 -36.72 -24.85
CA ASN A 111 -9.61 -35.46 -24.29
C ASN A 111 -9.33 -34.47 -25.44
N TYR A 112 -8.26 -34.67 -26.15
CA TYR A 112 -7.94 -33.75 -27.29
C TYR A 112 -8.35 -34.43 -28.60
N SER A 113 -7.76 -34.03 -29.70
CA SER A 113 -8.12 -34.67 -31.00
C SER A 113 -7.06 -34.35 -32.06
N LEU A 114 -6.37 -35.35 -32.52
CA LEU A 114 -5.32 -35.11 -33.56
C LEU A 114 -5.90 -34.29 -34.72
N PHE A 115 -6.77 -34.87 -35.50
CA PHE A 115 -7.37 -34.14 -36.65
C PHE A 115 -7.66 -32.68 -36.26
N LEU A 116 -7.90 -32.43 -35.02
CA LEU A 116 -8.19 -31.03 -34.60
C LEU A 116 -6.90 -30.23 -34.49
N VAL A 117 -6.08 -30.50 -33.51
CA VAL A 117 -4.80 -29.74 -33.38
C VAL A 117 -4.05 -29.82 -34.71
N ALA A 118 -4.02 -30.97 -35.33
CA ALA A 118 -3.31 -31.10 -36.62
C ALA A 118 -3.86 -30.08 -37.62
N ALA A 119 -5.16 -29.96 -37.70
CA ALA A 119 -5.75 -28.98 -38.65
C ALA A 119 -5.19 -27.59 -38.32
N HIS A 120 -4.98 -27.32 -37.07
CA HIS A 120 -4.44 -25.99 -36.64
C HIS A 120 -3.06 -25.76 -37.28
N GLU A 121 -2.15 -26.68 -37.09
CA GLU A 121 -0.78 -26.51 -37.66
C GLU A 121 -0.83 -26.63 -39.18
N PHE A 122 -1.39 -27.69 -39.70
CA PHE A 122 -1.47 -27.83 -41.18
C PHE A 122 -2.03 -26.53 -41.77
N GLY A 123 -2.75 -25.80 -40.97
CA GLY A 123 -3.31 -24.50 -41.47
C GLY A 123 -2.28 -23.41 -41.19
N HIS A 124 -1.47 -23.61 -40.18
CA HIS A 124 -0.42 -22.59 -39.84
C HIS A 124 0.73 -22.71 -40.84
N ALA A 125 1.19 -23.91 -41.08
CA ALA A 125 2.32 -24.11 -42.04
C ALA A 125 2.09 -23.24 -43.27
N MET A 126 0.86 -22.95 -43.59
CA MET A 126 0.58 -22.10 -44.78
C MET A 126 0.99 -20.65 -44.50
N GLY A 127 0.05 -19.81 -44.15
CA GLY A 127 0.41 -18.38 -43.88
C GLY A 127 -0.77 -17.69 -43.18
N LEU A 128 -1.55 -18.42 -42.45
CA LEU A 128 -2.71 -17.81 -41.73
C LEU A 128 -2.30 -17.40 -40.32
N GLU A 129 -2.83 -16.32 -39.83
CA GLU A 129 -2.47 -15.86 -38.45
C GLU A 129 -3.74 -15.81 -37.59
N HIS A 130 -3.60 -16.00 -36.31
CA HIS A 130 -4.78 -15.97 -35.40
C HIS A 130 -5.60 -14.71 -35.65
N SER A 131 -6.83 -14.85 -36.09
CA SER A 131 -7.68 -13.66 -36.33
C SER A 131 -8.41 -13.29 -35.04
N GLN A 132 -9.49 -13.98 -34.75
CA GLN A 132 -10.24 -13.67 -33.50
C GLN A 132 -11.50 -14.55 -33.41
N ASP A 133 -12.11 -14.85 -34.53
CA ASP A 133 -13.35 -15.69 -34.51
C ASP A 133 -13.17 -16.86 -33.52
N PRO A 134 -14.21 -17.14 -32.79
CA PRO A 134 -14.21 -18.24 -31.80
C PRO A 134 -14.26 -19.59 -32.52
N GLY A 135 -15.02 -19.67 -33.57
CA GLY A 135 -15.09 -20.94 -34.33
C GLY A 135 -14.02 -20.94 -35.41
N ALA A 136 -13.05 -20.07 -35.28
CA ALA A 136 -11.96 -19.99 -36.31
C ALA A 136 -10.88 -21.02 -36.00
N LEU A 137 -10.22 -21.53 -37.00
CA LEU A 137 -9.13 -22.51 -36.77
C LEU A 137 -7.90 -21.76 -36.27
N MET A 138 -7.93 -20.45 -36.35
CA MET A 138 -6.75 -19.66 -35.89
C MET A 138 -7.06 -18.97 -34.56
N ALA A 139 -8.14 -19.32 -33.92
CA ALA A 139 -8.47 -18.69 -32.60
C ALA A 139 -7.55 -19.27 -31.52
N PRO A 140 -7.34 -18.51 -30.48
CA PRO A 140 -6.47 -18.91 -29.35
C PRO A 140 -7.16 -19.91 -28.43
N ILE A 141 -8.30 -20.42 -28.82
CA ILE A 141 -9.02 -21.40 -27.96
C ILE A 141 -9.50 -22.57 -28.82
N TYR A 142 -9.35 -23.77 -28.33
CA TYR A 142 -9.78 -24.96 -29.10
C TYR A 142 -11.27 -25.23 -28.89
N THR A 143 -12.01 -25.36 -29.95
CA THR A 143 -13.47 -25.65 -29.82
C THR A 143 -13.79 -26.96 -30.54
N TYR A 144 -13.92 -28.03 -29.82
CA TYR A 144 -14.21 -29.35 -30.45
C TYR A 144 -15.22 -29.18 -31.58
N THR A 145 -15.14 -30.01 -32.58
CA THR A 145 -16.10 -29.93 -33.70
C THR A 145 -16.30 -31.34 -34.27
N LYS A 146 -17.39 -31.97 -33.95
CA LYS A 146 -17.63 -33.36 -34.45
C LYS A 146 -18.32 -33.31 -35.82
N ASN A 147 -18.88 -32.20 -36.19
CA ASN A 147 -19.54 -32.12 -37.52
C ASN A 147 -18.55 -31.53 -38.53
N PHE A 148 -17.54 -30.87 -38.04
CA PHE A 148 -16.52 -30.27 -38.95
C PHE A 148 -17.21 -29.47 -40.06
N ARG A 149 -17.20 -28.17 -39.97
CA ARG A 149 -17.83 -27.34 -41.03
C ARG A 149 -16.78 -26.41 -41.63
N LEU A 150 -15.71 -26.15 -40.92
CA LEU A 150 -14.66 -25.26 -41.48
C LEU A 150 -15.20 -23.83 -41.59
N SER A 151 -14.36 -22.84 -41.42
CA SER A 151 -14.84 -21.43 -41.52
C SER A 151 -14.18 -20.74 -42.71
N GLN A 152 -14.92 -19.97 -43.46
CA GLN A 152 -14.35 -19.27 -44.65
C GLN A 152 -13.05 -18.56 -44.27
N ASP A 153 -12.92 -18.09 -43.06
CA ASP A 153 -11.67 -17.38 -42.68
C ASP A 153 -10.47 -18.21 -43.17
N ASP A 154 -10.46 -19.48 -42.88
CA ASP A 154 -9.34 -20.35 -43.34
C ASP A 154 -9.51 -20.63 -44.84
N ILE A 155 -10.72 -20.69 -45.31
CA ILE A 155 -10.93 -20.96 -46.77
C ILE A 155 -10.47 -19.75 -47.58
N LYS A 156 -10.49 -18.58 -46.98
CA LYS A 156 -10.05 -17.35 -47.70
C LYS A 156 -8.52 -17.35 -47.79
N GLY A 157 -7.85 -17.50 -46.67
CA GLY A 157 -6.36 -17.50 -46.69
C GLY A 157 -5.87 -18.63 -47.59
N ILE A 158 -6.48 -19.78 -47.51
CA ILE A 158 -6.03 -20.92 -48.36
C ILE A 158 -6.50 -20.70 -49.80
N GLN A 159 -7.52 -19.92 -50.01
CA GLN A 159 -8.00 -19.68 -51.39
C GLN A 159 -7.08 -18.65 -52.06
N GLU A 160 -6.72 -17.62 -51.35
CA GLU A 160 -5.83 -16.58 -51.93
C GLU A 160 -4.39 -17.14 -52.01
N LEU A 161 -4.11 -18.17 -51.26
CA LEU A 161 -2.73 -18.75 -51.30
C LEU A 161 -2.72 -20.01 -52.18
N TYR A 162 -3.85 -20.63 -52.38
CA TYR A 162 -3.88 -21.87 -53.23
C TYR A 162 -5.01 -21.76 -54.27
N GLY A 163 -6.02 -21.00 -54.00
CA GLY A 163 -7.13 -20.87 -54.98
C GLY A 163 -7.01 -19.55 -55.73
N MET A 1 -29.71 8.94 -9.52
CA MET A 1 -30.80 8.29 -8.73
C MET A 1 -30.31 8.02 -7.31
N TYR A 2 -29.61 6.94 -7.11
CA TYR A 2 -29.12 6.61 -5.75
C TYR A 2 -27.60 6.75 -5.70
N ASN A 3 -26.93 6.45 -6.78
CA ASN A 3 -25.44 6.54 -6.79
C ASN A 3 -25.01 7.99 -6.54
N PHE A 4 -23.85 8.17 -5.95
CA PHE A 4 -23.34 9.55 -5.67
C PHE A 4 -22.08 9.81 -6.50
N PHE A 5 -22.16 10.67 -7.49
CA PHE A 5 -20.99 10.97 -8.36
C PHE A 5 -20.57 9.69 -9.10
N PRO A 6 -20.86 9.64 -10.39
CA PRO A 6 -20.52 8.47 -11.23
C PRO A 6 -19.03 8.44 -11.57
N ARG A 7 -18.41 7.29 -11.49
CA ARG A 7 -16.96 7.18 -11.83
C ARG A 7 -16.57 5.72 -12.00
N LYS A 8 -15.29 5.42 -11.98
CA LYS A 8 -14.85 4.01 -12.15
C LYS A 8 -14.84 3.29 -10.81
N PRO A 9 -14.92 1.99 -10.88
CA PRO A 9 -14.89 1.13 -9.69
C PRO A 9 -13.45 1.06 -9.16
N LYS A 10 -12.90 2.21 -8.84
CA LYS A 10 -11.50 2.27 -8.31
C LYS A 10 -11.39 1.36 -7.08
N TRP A 11 -11.81 1.85 -5.95
CA TRP A 11 -11.74 1.04 -4.70
C TRP A 11 -12.11 1.93 -3.52
N ASP A 12 -13.12 2.73 -3.67
CA ASP A 12 -13.54 3.65 -2.58
C ASP A 12 -15.05 3.50 -2.37
N LYS A 13 -15.48 2.76 -1.39
CA LYS A 13 -16.94 2.58 -1.16
C LYS A 13 -17.33 3.06 0.24
N ASN A 14 -16.68 4.09 0.73
CA ASN A 14 -17.03 4.60 2.11
C ASN A 14 -16.77 3.48 3.12
N GLN A 15 -17.64 2.51 3.18
CA GLN A 15 -17.42 1.39 4.13
C GLN A 15 -16.56 0.34 3.44
N ILE A 16 -15.31 0.28 3.82
CA ILE A 16 -14.38 -0.70 3.20
C ILE A 16 -13.97 -1.74 4.25
N THR A 17 -13.61 -2.92 3.83
CA THR A 17 -13.20 -3.97 4.81
C THR A 17 -11.72 -4.34 4.61
N TYR A 18 -11.06 -4.71 5.67
CA TYR A 18 -9.62 -5.10 5.54
C TYR A 18 -9.26 -6.10 6.64
N ARG A 19 -8.25 -6.91 6.42
CA ARG A 19 -7.85 -7.91 7.45
C ARG A 19 -6.33 -8.16 7.36
N ILE A 20 -5.64 -8.16 8.48
CA ILE A 20 -4.17 -8.42 8.45
C ILE A 20 -3.92 -9.90 8.74
N ILE A 21 -3.22 -10.59 7.86
CA ILE A 21 -2.95 -12.05 8.10
C ILE A 21 -1.85 -12.20 9.15
N GLY A 22 -1.32 -11.11 9.64
CA GLY A 22 -0.26 -11.20 10.67
C GLY A 22 0.58 -9.93 10.70
N TYR A 23 0.31 -9.05 11.64
CA TYR A 23 1.12 -7.79 11.74
C TYR A 23 2.52 -8.18 12.23
N THR A 24 3.28 -7.24 12.70
CA THR A 24 4.65 -7.59 13.20
C THR A 24 4.57 -7.83 14.73
N PRO A 25 5.41 -8.72 15.23
CA PRO A 25 5.47 -9.09 16.66
C PRO A 25 6.34 -8.09 17.43
N ASP A 26 7.29 -7.50 16.77
CA ASP A 26 8.18 -6.51 17.45
C ASP A 26 7.34 -5.60 18.35
N LEU A 27 6.09 -5.43 18.03
CA LEU A 27 5.22 -4.55 18.84
C LEU A 27 3.94 -5.28 19.21
N ASP A 28 3.21 -4.76 20.15
CA ASP A 28 1.94 -5.42 20.56
C ASP A 28 1.00 -5.55 19.37
N PRO A 29 0.22 -6.59 19.39
CA PRO A 29 -0.78 -6.83 18.35
C PRO A 29 -1.82 -5.75 18.49
N GLU A 30 -2.08 -5.36 19.71
CA GLU A 30 -3.01 -4.24 19.94
C GLU A 30 -2.27 -2.96 19.56
N THR A 31 -0.96 -2.97 19.68
CA THR A 31 -0.21 -1.75 19.27
C THR A 31 -0.23 -1.70 17.74
N VAL A 32 0.36 -2.67 17.11
CA VAL A 32 0.40 -2.72 15.63
C VAL A 32 -1.01 -2.42 15.09
N ASP A 33 -2.02 -2.92 15.73
CA ASP A 33 -3.40 -2.63 15.23
C ASP A 33 -3.66 -1.14 15.46
N ASP A 34 -3.05 -0.60 16.47
CA ASP A 34 -3.22 0.85 16.79
C ASP A 34 -2.72 1.68 15.61
N ALA A 35 -1.53 1.40 15.15
CA ALA A 35 -0.97 2.14 13.99
C ALA A 35 -2.03 2.28 12.91
N PHE A 36 -2.81 1.27 12.69
CA PHE A 36 -3.87 1.35 11.66
C PHE A 36 -4.99 2.25 12.18
N ALA A 37 -5.28 2.19 13.46
CA ALA A 37 -6.36 3.06 14.01
C ALA A 37 -6.03 4.51 13.68
N ARG A 38 -4.88 4.98 14.09
CA ARG A 38 -4.51 6.37 13.79
C ARG A 38 -4.43 6.53 12.27
N ALA A 39 -3.70 5.66 11.61
CA ALA A 39 -3.59 5.76 10.13
C ALA A 39 -5.00 6.00 9.57
N PHE A 40 -5.94 5.20 10.00
CA PHE A 40 -7.34 5.37 9.49
C PHE A 40 -7.74 6.84 9.63
N GLN A 41 -7.44 7.42 10.75
CA GLN A 41 -7.79 8.84 10.98
C GLN A 41 -6.77 9.75 10.29
N VAL A 42 -5.61 9.23 9.97
CA VAL A 42 -4.58 10.07 9.28
C VAL A 42 -5.13 10.51 7.93
N TRP A 43 -5.88 9.66 7.29
CA TRP A 43 -6.46 10.06 5.98
C TRP A 43 -7.97 10.27 6.13
N SER A 44 -8.66 9.36 6.77
CA SER A 44 -10.13 9.52 6.92
C SER A 44 -10.46 10.91 7.48
N ASP A 45 -9.50 11.55 8.10
CA ASP A 45 -9.76 12.91 8.67
C ASP A 45 -10.07 13.91 7.56
N VAL A 46 -9.86 13.53 6.33
CA VAL A 46 -10.13 14.49 5.22
C VAL A 46 -11.34 14.03 4.41
N THR A 47 -11.70 12.78 4.52
CA THR A 47 -12.89 12.28 3.77
C THR A 47 -13.78 11.49 4.72
N PRO A 48 -15.05 11.42 4.39
CA PRO A 48 -16.04 10.70 5.21
C PRO A 48 -15.92 9.18 4.96
N LEU A 49 -14.73 8.67 5.03
CA LEU A 49 -14.49 7.23 4.80
C LEU A 49 -14.92 6.40 6.00
N ARG A 50 -15.10 5.13 5.80
CA ARG A 50 -15.49 4.23 6.90
C ARG A 50 -14.69 2.94 6.77
N PHE A 51 -13.86 2.62 7.73
CA PHE A 51 -13.07 1.37 7.62
C PHE A 51 -13.73 0.29 8.47
N SER A 52 -13.81 -0.91 7.94
CA SER A 52 -14.45 -2.04 8.68
C SER A 52 -13.44 -3.19 8.80
N ARG A 53 -12.80 -3.34 9.93
CA ARG A 53 -11.83 -4.46 10.09
C ARG A 53 -12.58 -5.75 10.40
N ILE A 54 -12.21 -6.83 9.76
CA ILE A 54 -12.91 -8.13 10.00
C ILE A 54 -11.96 -9.08 10.74
N HIS A 55 -12.50 -10.13 11.32
CA HIS A 55 -11.61 -11.10 12.04
C HIS A 55 -11.77 -12.48 11.40
N ASP A 56 -12.91 -12.75 10.84
CA ASP A 56 -13.12 -14.08 10.19
C ASP A 56 -13.97 -13.89 8.91
N GLY A 57 -13.32 -13.85 7.77
CA GLY A 57 -14.07 -13.67 6.48
C GLY A 57 -13.16 -13.03 5.43
N GLU A 58 -13.70 -12.68 4.29
CA GLU A 58 -12.87 -12.07 3.22
C GLU A 58 -12.64 -10.58 3.51
N ALA A 59 -11.67 -9.99 2.88
CA ALA A 59 -11.39 -8.54 3.09
C ALA A 59 -10.93 -7.91 1.78
N ASP A 60 -11.14 -6.64 1.59
CA ASP A 60 -10.72 -5.97 0.31
C ASP A 60 -9.21 -5.74 0.36
N ILE A 61 -8.74 -5.16 1.43
CA ILE A 61 -7.27 -4.91 1.57
C ILE A 61 -6.66 -6.08 2.34
N MET A 62 -5.60 -6.64 1.84
CA MET A 62 -4.96 -7.80 2.53
C MET A 62 -3.56 -7.41 3.01
N ILE A 63 -3.33 -7.39 4.30
CA ILE A 63 -1.98 -7.01 4.81
C ILE A 63 -1.28 -8.24 5.36
N ASN A 64 0.02 -8.28 5.26
CA ASN A 64 0.75 -9.44 5.78
C ASN A 64 2.25 -9.28 5.51
N PHE A 65 3.07 -9.98 6.23
CA PHE A 65 4.54 -9.88 6.01
C PHE A 65 4.93 -10.80 4.85
N GLY A 66 6.17 -10.78 4.44
CA GLY A 66 6.58 -11.65 3.30
C GLY A 66 7.56 -12.72 3.78
N ARG A 67 8.29 -12.45 4.84
CA ARG A 67 9.24 -13.47 5.35
C ARG A 67 10.31 -13.76 4.29
N TRP A 68 9.98 -14.53 3.31
CA TRP A 68 10.99 -14.85 2.25
C TRP A 68 10.30 -15.45 1.04
N GLU A 69 9.57 -16.51 1.25
CA GLU A 69 8.86 -17.16 0.12
C GLU A 69 7.83 -16.19 -0.48
N HIS A 70 8.28 -15.21 -1.21
CA HIS A 70 7.34 -14.23 -1.81
C HIS A 70 7.22 -14.47 -3.32
N GLY A 71 8.27 -14.24 -4.05
CA GLY A 71 8.21 -14.45 -5.52
C GLY A 71 7.65 -13.20 -6.19
N ASP A 72 7.14 -12.28 -5.40
CA ASP A 72 6.59 -11.03 -5.99
C ASP A 72 7.71 -10.27 -6.69
N GLY A 73 8.13 -10.75 -7.83
CA GLY A 73 9.22 -10.08 -8.58
C GLY A 73 10.48 -10.03 -7.71
N TYR A 74 10.59 -9.04 -6.87
CA TYR A 74 11.80 -8.95 -6.02
C TYR A 74 11.61 -9.78 -4.75
N PRO A 75 12.65 -10.47 -4.37
CA PRO A 75 12.63 -11.33 -3.18
C PRO A 75 12.80 -10.49 -1.92
N PHE A 76 12.90 -11.13 -0.78
CA PHE A 76 13.08 -10.38 0.49
C PHE A 76 14.51 -9.90 0.58
N ASP A 77 14.73 -8.81 1.24
CA ASP A 77 16.11 -8.30 1.40
C ASP A 77 16.47 -8.36 2.89
N GLY A 78 15.50 -8.55 3.72
CA GLY A 78 15.76 -8.61 5.19
C GLY A 78 16.10 -7.21 5.72
N LYS A 79 17.36 -6.87 5.74
CA LYS A 79 17.76 -5.53 6.24
C LYS A 79 16.86 -4.46 5.62
N ASP A 80 17.00 -3.24 6.07
CA ASP A 80 16.16 -2.11 5.55
C ASP A 80 15.65 -2.40 4.13
N GLY A 81 16.31 -1.88 3.11
CA GLY A 81 15.86 -2.12 1.70
C GLY A 81 14.33 -2.24 1.66
N LEU A 82 13.83 -3.16 0.88
CA LEU A 82 12.34 -3.36 0.78
C LEU A 82 11.69 -3.13 2.16
N LEU A 83 10.83 -2.16 2.26
CA LEU A 83 10.14 -1.88 3.56
C LEU A 83 8.70 -2.38 3.48
N ALA A 84 8.16 -2.43 2.29
CA ALA A 84 6.76 -2.91 2.14
C ALA A 84 6.28 -2.65 0.72
N HIS A 85 5.10 -3.09 0.41
CA HIS A 85 4.58 -2.86 -0.96
C HIS A 85 3.17 -3.40 -1.09
N ALA A 86 2.37 -2.79 -1.92
CA ALA A 86 0.98 -3.27 -2.08
C ALA A 86 0.65 -3.38 -3.56
N PHE A 87 -0.52 -3.87 -3.87
CA PHE A 87 -0.92 -4.03 -5.28
C PHE A 87 -2.14 -3.14 -5.56
N ALA A 88 -2.36 -2.78 -6.78
CA ALA A 88 -3.51 -1.90 -7.11
C ALA A 88 -4.82 -2.53 -6.63
N PRO A 89 -5.91 -1.85 -6.88
CA PRO A 89 -7.25 -2.32 -6.47
C PRO A 89 -7.76 -3.35 -7.47
N GLY A 90 -8.47 -4.34 -6.99
CA GLY A 90 -8.99 -5.39 -7.90
C GLY A 90 -9.91 -6.33 -7.10
N THR A 91 -10.34 -7.40 -7.71
CA THR A 91 -11.23 -8.37 -7.00
C THR A 91 -10.48 -9.07 -5.86
N GLY A 92 -9.94 -10.23 -6.10
CA GLY A 92 -9.20 -10.96 -5.02
C GLY A 92 -7.89 -10.23 -4.74
N VAL A 93 -6.89 -10.46 -5.53
CA VAL A 93 -5.57 -9.78 -5.32
C VAL A 93 -5.78 -8.27 -5.46
N GLY A 94 -4.78 -7.49 -5.14
CA GLY A 94 -4.94 -6.01 -5.27
C GLY A 94 -5.29 -5.43 -3.91
N GLY A 95 -4.92 -4.21 -3.65
CA GLY A 95 -5.24 -3.58 -2.35
C GLY A 95 -4.57 -4.34 -1.20
N ASP A 96 -3.69 -5.27 -1.48
CA ASP A 96 -3.02 -6.01 -0.38
C ASP A 96 -1.61 -5.46 -0.19
N SER A 97 -1.21 -5.23 1.03
CA SER A 97 0.15 -4.66 1.28
C SER A 97 1.03 -5.69 1.98
N HIS A 98 2.11 -6.03 1.36
CA HIS A 98 3.06 -7.01 1.96
C HIS A 98 4.15 -6.21 2.70
N PHE A 99 4.41 -6.54 3.93
CA PHE A 99 5.45 -5.78 4.69
C PHE A 99 6.69 -6.65 4.90
N ASP A 100 7.85 -6.06 4.91
CA ASP A 100 9.11 -6.85 5.13
C ASP A 100 9.22 -7.19 6.62
N ASP A 101 9.10 -8.44 6.98
CA ASP A 101 9.16 -8.84 8.42
C ASP A 101 10.47 -8.33 9.06
N ASP A 102 11.55 -9.05 8.90
CA ASP A 102 12.84 -8.62 9.52
C ASP A 102 13.00 -7.10 9.44
N GLU A 103 12.65 -6.38 10.47
CA GLU A 103 12.79 -4.90 10.44
C GLU A 103 12.18 -4.33 11.73
N LEU A 104 12.59 -3.15 12.13
CA LEU A 104 12.05 -2.58 13.41
C LEU A 104 11.09 -1.42 13.14
N TRP A 105 9.88 -1.51 13.66
CA TRP A 105 8.88 -0.41 13.46
C TRP A 105 8.40 0.12 14.82
N THR A 106 7.64 1.19 14.83
CA THR A 106 7.17 1.75 16.13
C THR A 106 5.76 2.32 16.00
N ASN A 107 4.95 2.13 17.01
CA ASN A 107 3.57 2.69 16.98
C ASN A 107 3.52 3.94 17.88
N THR A 108 4.63 4.62 18.04
CA THR A 108 4.63 5.83 18.91
C THR A 108 5.52 6.92 18.32
N SER A 109 5.70 6.92 17.02
CA SER A 109 6.55 7.96 16.37
C SER A 109 8.01 7.69 16.75
N ALA A 110 8.70 6.90 15.96
CA ALA A 110 10.12 6.59 16.27
C ALA A 110 10.63 5.55 15.27
N ASN A 111 11.82 5.72 14.76
CA ASN A 111 12.34 4.73 13.78
C ASN A 111 11.46 4.76 12.53
N TYR A 112 11.31 3.66 11.85
CA TYR A 112 10.45 3.67 10.64
C TYR A 112 9.02 3.95 11.08
N SER A 113 8.63 3.46 12.23
CA SER A 113 7.25 3.71 12.75
C SER A 113 6.24 2.84 11.99
N LEU A 114 5.47 2.05 12.70
CA LEU A 114 4.46 1.20 11.99
C LEU A 114 3.38 2.08 11.34
N PHE A 115 3.03 3.17 11.96
CA PHE A 115 1.97 4.05 11.39
C PHE A 115 2.47 4.71 10.10
N LEU A 116 3.68 5.20 10.08
CA LEU A 116 4.18 5.86 8.87
C LEU A 116 4.27 4.84 7.73
N VAL A 117 5.08 3.83 7.88
CA VAL A 117 5.21 2.81 6.80
C VAL A 117 3.82 2.45 6.30
N ALA A 118 2.89 2.19 7.17
CA ALA A 118 1.52 1.83 6.71
C ALA A 118 0.92 2.99 5.93
N ALA A 119 1.01 4.17 6.46
CA ALA A 119 0.44 5.36 5.76
C ALA A 119 0.88 5.38 4.30
N HIS A 120 2.17 5.50 4.07
CA HIS A 120 2.65 5.53 2.66
C HIS A 120 2.00 4.40 1.87
N GLU A 121 2.10 3.17 2.34
CA GLU A 121 1.47 2.05 1.59
C GLU A 121 -0.03 2.23 1.64
N PHE A 122 -0.49 3.02 2.56
CA PHE A 122 -1.95 3.27 2.63
C PHE A 122 -2.30 4.34 1.61
N GLY A 123 -1.31 4.95 1.01
CA GLY A 123 -1.58 6.00 -0.01
C GLY A 123 -1.49 5.35 -1.39
N HIS A 124 -0.58 4.44 -1.55
CA HIS A 124 -0.43 3.75 -2.86
C HIS A 124 -1.57 2.74 -3.01
N ALA A 125 -1.81 1.98 -1.98
CA ALA A 125 -2.92 0.98 -2.06
C ALA A 125 -4.17 1.66 -2.63
N MET A 126 -4.30 2.95 -2.46
CA MET A 126 -5.51 3.65 -2.99
C MET A 126 -5.33 3.91 -4.50
N GLY A 127 -4.31 3.36 -5.09
CA GLY A 127 -4.09 3.56 -6.55
C GLY A 127 -3.18 4.76 -6.76
N LEU A 128 -3.13 5.65 -5.81
CA LEU A 128 -2.24 6.83 -5.97
C LEU A 128 -0.82 6.37 -6.29
N GLU A 129 -0.15 7.06 -7.15
CA GLU A 129 1.24 6.65 -7.52
C GLU A 129 2.23 7.67 -6.95
N HIS A 130 3.47 7.49 -7.24
CA HIS A 130 4.48 8.44 -6.74
C HIS A 130 4.21 9.81 -7.34
N SER A 131 4.21 10.83 -6.53
CA SER A 131 3.93 12.19 -7.04
C SER A 131 5.24 12.85 -7.46
N GLN A 132 5.65 13.90 -6.80
CA GLN A 132 6.93 14.56 -7.20
C GLN A 132 7.45 15.39 -6.02
N ASP A 133 6.60 16.21 -5.44
CA ASP A 133 7.03 17.04 -4.28
C ASP A 133 7.91 16.21 -3.34
N PRO A 134 9.10 16.67 -3.06
CA PRO A 134 10.02 15.99 -2.15
C PRO A 134 9.60 16.25 -0.72
N GLY A 135 9.07 15.25 -0.12
CA GLY A 135 8.60 15.36 1.29
C GLY A 135 7.13 14.94 1.33
N ALA A 136 6.50 14.86 0.19
CA ALA A 136 5.07 14.47 0.16
C ALA A 136 4.86 13.10 0.83
N LEU A 137 3.66 12.84 1.27
CA LEU A 137 3.35 11.53 1.91
C LEU A 137 3.55 10.42 0.88
N MET A 138 3.43 10.76 -0.37
CA MET A 138 3.60 9.75 -1.45
C MET A 138 4.98 9.90 -2.08
N ALA A 139 5.85 10.64 -1.45
CA ALA A 139 7.21 10.82 -2.03
C ALA A 139 7.91 9.46 -2.12
N PRO A 140 8.76 9.34 -3.11
CA PRO A 140 9.53 8.11 -3.36
C PRO A 140 10.72 8.01 -2.37
N ILE A 141 10.67 8.68 -1.26
CA ILE A 141 11.80 8.60 -0.29
C ILE A 141 11.27 8.62 1.14
N TYR A 142 11.92 7.91 2.03
CA TYR A 142 11.48 7.93 3.45
C TYR A 142 11.78 9.31 4.01
N THR A 143 10.98 9.78 4.92
CA THR A 143 11.25 11.13 5.49
C THR A 143 10.49 11.29 6.80
N TYR A 144 9.34 10.68 6.92
CA TYR A 144 8.55 10.81 8.16
C TYR A 144 8.24 12.28 8.42
N THR A 145 7.33 12.54 9.30
CA THR A 145 6.96 13.97 9.59
C THR A 145 6.51 14.10 11.04
N LYS A 146 7.24 14.83 11.84
CA LYS A 146 6.82 14.99 13.26
C LYS A 146 5.69 16.02 13.33
N ASN A 147 5.76 17.07 12.56
CA ASN A 147 4.66 18.07 12.60
C ASN A 147 3.44 17.48 11.90
N PHE A 148 3.63 16.93 10.74
CA PHE A 148 2.50 16.33 9.98
C PHE A 148 1.64 17.44 9.36
N ARG A 149 1.19 17.25 8.15
CA ARG A 149 0.36 18.30 7.48
C ARG A 149 -0.53 17.68 6.38
N LEU A 150 -0.16 16.56 5.82
CA LEU A 150 -0.98 15.96 4.73
C LEU A 150 -0.93 16.91 3.53
N SER A 151 0.10 16.83 2.74
CA SER A 151 0.23 17.74 1.57
C SER A 151 -1.04 17.68 0.71
N GLN A 152 -1.48 18.80 0.21
CA GLN A 152 -2.71 18.82 -0.64
C GLN A 152 -2.51 17.83 -1.81
N ASP A 153 -1.31 17.73 -2.32
CA ASP A 153 -1.08 16.77 -3.45
C ASP A 153 -1.74 15.42 -3.11
N ASP A 154 -1.74 15.06 -1.85
CA ASP A 154 -2.36 13.77 -1.40
C ASP A 154 -3.84 14.00 -1.09
N ILE A 155 -4.20 15.19 -0.69
CA ILE A 155 -5.62 15.50 -0.38
C ILE A 155 -6.39 15.54 -1.70
N LYS A 156 -5.75 15.99 -2.75
CA LYS A 156 -6.39 16.04 -4.08
C LYS A 156 -6.50 14.63 -4.65
N GLY A 157 -5.39 13.94 -4.77
CA GLY A 157 -5.42 12.56 -5.33
C GLY A 157 -6.47 11.72 -4.61
N ILE A 158 -6.62 11.91 -3.32
CA ILE A 158 -7.63 11.12 -2.56
C ILE A 158 -9.00 11.77 -2.70
N GLN A 159 -9.04 12.99 -3.15
CA GLN A 159 -10.36 13.67 -3.36
C GLN A 159 -11.05 13.00 -4.53
N GLU A 160 -10.41 12.99 -5.67
CA GLU A 160 -10.99 12.34 -6.87
C GLU A 160 -11.13 10.83 -6.61
N LEU A 161 -10.14 10.24 -5.97
CA LEU A 161 -10.19 8.76 -5.72
C LEU A 161 -11.21 8.42 -4.64
N TYR A 162 -11.45 9.29 -3.70
CA TYR A 162 -12.45 8.97 -2.64
C TYR A 162 -13.41 10.14 -2.48
N GLY A 163 -12.90 11.32 -2.32
CA GLY A 163 -13.78 12.50 -2.14
C GLY A 163 -14.24 12.53 -0.68
#